data_1BWV
#
_entry.id   1BWV
#
_cell.length_a   117.070
_cell.length_b   117.070
_cell.length_c   319.630
_cell.angle_alpha   90.00
_cell.angle_beta   90.00
_cell.angle_gamma   120.00
#
_symmetry.space_group_name_H-M   'P 64'
#
loop_
_entity.id
_entity.type
_entity.pdbx_description
1 polymer 'PROTEIN (RIBULOSE BISPHOSPHATE CARBOXYLASE)'
2 polymer 'PROTEIN (RIBULOSE BISPHOSPHATE CARBOXYLASE)'
3 non-polymer 'MAGNESIUM ION'
4 non-polymer 2-CARBOXYARABINITOL-1,5-DIPHOSPHATE
5 water water
#
loop_
_entity_poly.entity_id
_entity_poly.type
_entity_poly.pdbx_seq_one_letter_code
_entity_poly.pdbx_strand_id
1 'polypeptide(L)'
;MSQSIEEKSVQERTRIKNSRYESGVIPYAKMGYWNPDYQVKDTDVLALFRVTPQPGVDPIEAAAAVAGESSTATWTVVWT
DLLTAADLYRAKAYKVDQVPNNPEQYFAYIAYELDLFEEGSIANLTASIIGNVFGFKAVKALRLEDMRLPLAYLKTFQGP
ATGVILERERLDKFGRPLLGCTTKPKLGLSGKNYGRVVYEALKGGLDFV(KCX)DDENINSQPFMRWRERYLFTMEAVNK
ASAATGEVKGHYLNVTAATMEEMYARANFAKELGSVIIMIDLVIGYTAIQTMAKWARDNDMILHLHRAGNSTYSRQKNHG
MNFRVICKWMRMAGVDHIHAGTVVGKLEGDPIITRGFYKTLLLPKLERNLQEGLFFDMEWASLRKVMPVASGGIHAGQMH
QLIHYLGEDVVLQFGGGTIGHPDGIQAGATANRVALEAMILARNENRDYLTEGPEILREAAKTCGALRTALDLWKDITFN
YTSTDTSDFVETPTANI
;
A,C,E,G
2 'polypeptide(L)'
;VRITQGTFSFLPDLTDEQIKKQIDYMISKKLAIGIEYTNDIHPRNAYWEIWGLPLFDVTDPAAVLFEINACRKARSNFYI
KVVGFSSVRGIESTIISFIVNRPKHEPGFNLMRQEDKSRSIKYTIHSYESYKPEDERY
;
S,U,W,Y
#
# COMPACT_ATOMS: atom_id res chain seq x y z
N ARG A 15 -49.63 39.99 29.84
CA ARG A 15 -50.24 41.26 29.45
C ARG A 15 -49.05 42.05 28.89
N ILE A 16 -49.24 43.22 28.26
CA ILE A 16 -48.17 44.03 27.66
C ILE A 16 -47.15 44.47 28.72
N LYS A 17 -45.91 44.66 28.31
CA LYS A 17 -44.81 45.06 29.18
C LYS A 17 -44.81 46.55 29.42
N ASN A 18 -44.13 46.99 30.50
CA ASN A 18 -44.02 48.40 30.83
C ASN A 18 -42.70 48.64 31.56
N SER A 19 -41.61 48.98 30.84
CA SER A 19 -40.26 49.16 31.39
C SER A 19 -39.28 49.38 30.22
N ARG A 20 -37.99 49.05 30.40
CA ARG A 20 -36.95 49.02 29.36
C ARG A 20 -37.32 48.01 28.27
N TYR A 21 -38.17 47.04 28.55
CA TYR A 21 -38.52 46.04 27.56
C TYR A 21 -39.88 46.24 26.92
N GLU A 22 -40.44 47.45 27.00
CA GLU A 22 -41.72 47.67 26.34
C GLU A 22 -41.36 48.00 24.89
N SER A 23 -42.24 47.55 24.01
CA SER A 23 -42.08 47.72 22.59
C SER A 23 -41.85 49.16 22.14
N GLY A 24 -40.90 49.32 21.24
CA GLY A 24 -40.57 50.61 20.70
C GLY A 24 -39.11 50.62 20.31
N VAL A 25 -38.71 51.71 19.65
CA VAL A 25 -37.35 51.88 19.21
C VAL A 25 -36.73 52.86 20.18
N ILE A 26 -35.62 52.48 20.82
CA ILE A 26 -34.83 53.37 21.64
C ILE A 26 -33.42 53.27 21.07
N PRO A 27 -32.51 54.25 21.18
CA PRO A 27 -31.16 54.15 20.63
C PRO A 27 -30.29 53.06 21.24
N TYR A 28 -29.38 52.49 20.44
CA TYR A 28 -28.47 51.44 20.89
C TYR A 28 -27.64 51.79 22.13
N ALA A 29 -27.29 53.06 22.34
CA ALA A 29 -26.56 53.48 23.52
C ALA A 29 -27.41 53.30 24.78
N LYS A 30 -28.72 53.54 24.68
CA LYS A 30 -29.65 53.35 25.79
C LYS A 30 -29.97 51.88 26.01
N MET A 31 -29.77 51.03 25.00
CA MET A 31 -30.06 49.62 25.10
C MET A 31 -29.02 48.83 25.90
N GLY A 32 -27.89 49.44 26.31
CA GLY A 32 -26.89 48.76 27.12
C GLY A 32 -25.61 48.42 26.38
N TYR A 33 -25.43 48.87 25.13
CA TYR A 33 -24.22 48.55 24.38
C TYR A 33 -23.11 49.58 24.52
N TRP A 34 -23.37 50.66 25.25
CA TRP A 34 -22.36 51.67 25.52
C TRP A 34 -22.18 51.60 27.02
N ASN A 35 -20.97 51.33 27.48
CA ASN A 35 -20.68 51.30 28.89
C ASN A 35 -19.22 51.68 29.07
N PRO A 36 -18.91 52.97 29.29
CA PRO A 36 -17.54 53.44 29.49
C PRO A 36 -16.90 52.93 30.78
N ASP A 37 -17.67 52.33 31.70
CA ASP A 37 -17.11 51.87 32.94
C ASP A 37 -16.84 50.38 32.95
N TYR A 38 -17.06 49.68 31.82
CA TYR A 38 -16.86 48.25 31.76
C TYR A 38 -15.40 47.88 31.98
N GLN A 39 -15.20 46.88 32.84
CA GLN A 39 -13.88 46.36 33.14
C GLN A 39 -13.70 45.14 32.26
N VAL A 40 -12.67 45.19 31.43
CA VAL A 40 -12.37 44.10 30.50
C VAL A 40 -11.93 42.85 31.26
N LYS A 41 -12.72 41.80 31.09
CA LYS A 41 -12.42 40.51 31.66
C LYS A 41 -11.38 39.84 30.76
N ASP A 42 -10.44 39.08 31.34
CA ASP A 42 -9.42 38.38 30.55
C ASP A 42 -9.97 37.37 29.54
N THR A 43 -11.21 36.93 29.68
CA THR A 43 -11.84 36.02 28.76
C THR A 43 -12.56 36.71 27.60
N ASP A 44 -12.57 38.04 27.53
CA ASP A 44 -13.31 38.72 26.48
C ASP A 44 -12.56 38.78 25.16
N VAL A 45 -13.33 38.74 24.08
CA VAL A 45 -12.79 38.94 22.75
C VAL A 45 -12.96 40.45 22.61
N LEU A 46 -11.88 41.14 22.26
CA LEU A 46 -11.96 42.58 22.11
C LEU A 46 -11.74 42.91 20.64
N ALA A 47 -12.44 43.88 20.09
CA ALA A 47 -12.26 44.29 18.71
C ALA A 47 -12.12 45.79 18.63
N LEU A 48 -11.26 46.28 17.75
CA LEU A 48 -11.11 47.69 17.53
C LEU A 48 -11.62 48.03 16.13
N PHE A 49 -12.56 48.96 16.08
CA PHE A 49 -13.15 49.41 14.84
C PHE A 49 -12.79 50.87 14.59
N ARG A 50 -12.59 51.24 13.33
CA ARG A 50 -12.39 52.61 12.93
C ARG A 50 -13.76 52.94 12.33
N VAL A 51 -14.51 53.77 13.02
CA VAL A 51 -15.89 54.09 12.66
C VAL A 51 -15.94 55.48 12.03
N THR A 52 -16.54 55.62 10.85
CA THR A 52 -16.84 56.93 10.31
C THR A 52 -18.38 56.95 10.36
N PRO A 53 -19.03 57.60 11.33
CA PRO A 53 -20.49 57.75 11.35
C PRO A 53 -21.01 58.66 10.24
N GLN A 54 -22.29 58.54 9.91
CA GLN A 54 -22.90 59.45 8.95
C GLN A 54 -22.99 60.82 9.61
N PRO A 55 -22.96 61.97 8.89
CA PRO A 55 -23.28 63.27 9.45
C PRO A 55 -24.58 63.27 10.25
N GLY A 56 -24.44 63.71 11.51
CA GLY A 56 -25.59 63.80 12.39
C GLY A 56 -25.63 62.65 13.39
N VAL A 57 -24.99 61.51 13.13
CA VAL A 57 -24.99 60.40 14.06
C VAL A 57 -23.88 60.64 15.06
N ASP A 58 -24.25 60.62 16.35
CA ASP A 58 -23.29 60.79 17.44
C ASP A 58 -22.32 59.60 17.41
N PRO A 59 -20.99 59.77 17.49
CA PRO A 59 -20.01 58.70 17.52
C PRO A 59 -20.29 57.60 18.55
N ILE A 60 -20.74 57.96 19.76
CA ILE A 60 -21.08 56.99 20.79
C ILE A 60 -22.24 56.11 20.34
N GLU A 61 -23.24 56.67 19.66
CA GLU A 61 -24.37 55.89 19.19
C GLU A 61 -23.94 54.96 18.07
N ALA A 62 -23.03 55.41 17.20
CA ALA A 62 -22.52 54.58 16.14
C ALA A 62 -21.72 53.42 16.72
N ALA A 63 -20.88 53.65 17.73
CA ALA A 63 -20.09 52.59 18.35
C ALA A 63 -21.02 51.58 19.01
N ALA A 64 -22.02 52.08 19.71
CA ALA A 64 -23.03 51.26 20.34
C ALA A 64 -23.81 50.45 19.31
N ALA A 65 -24.10 51.03 18.15
CA ALA A 65 -24.81 50.34 17.09
C ALA A 65 -23.99 49.17 16.55
N VAL A 66 -22.69 49.38 16.37
CA VAL A 66 -21.78 48.35 15.90
C VAL A 66 -21.75 47.23 16.93
N ALA A 67 -21.52 47.55 18.22
CA ALA A 67 -21.51 46.57 19.30
C ALA A 67 -22.79 45.77 19.43
N GLY A 68 -23.93 46.46 19.30
CA GLY A 68 -25.23 45.86 19.42
C GLY A 68 -25.54 44.86 18.33
N GLU A 69 -25.35 45.29 17.09
CA GLU A 69 -25.65 44.44 15.96
C GLU A 69 -24.60 43.37 15.73
N SER A 70 -23.42 43.40 16.35
CA SER A 70 -22.51 42.28 16.25
C SER A 70 -22.70 41.31 17.42
N SER A 71 -23.65 41.57 18.34
CA SER A 71 -23.87 40.67 19.44
C SER A 71 -25.31 40.21 19.65
N THR A 72 -26.23 41.08 20.11
CA THR A 72 -27.57 40.64 20.51
C THR A 72 -28.77 41.48 20.07
N ALA A 73 -28.50 42.71 19.65
CA ALA A 73 -29.55 43.64 19.35
C ALA A 73 -30.13 43.56 17.97
N THR A 74 -31.29 44.20 17.88
CA THR A 74 -31.91 44.45 16.60
C THR A 74 -32.40 45.89 16.72
N TRP A 75 -33.03 46.38 15.67
CA TRP A 75 -33.46 47.77 15.61
C TRP A 75 -34.57 48.20 16.57
N THR A 76 -35.33 47.27 17.14
CA THR A 76 -36.42 47.64 18.03
C THR A 76 -36.24 46.78 19.29
N VAL A 77 -36.88 47.13 20.40
CA VAL A 77 -36.81 46.37 21.63
C VAL A 77 -37.57 45.06 21.48
N VAL A 78 -36.97 43.94 21.90
CA VAL A 78 -37.64 42.66 21.87
C VAL A 78 -37.66 42.14 23.30
N TRP A 79 -38.83 41.77 23.81
CA TRP A 79 -38.97 41.27 25.17
C TRP A 79 -38.22 39.97 25.45
N THR A 80 -37.95 39.17 24.41
CA THR A 80 -37.28 37.89 24.53
C THR A 80 -35.88 37.95 25.14
N ASP A 81 -35.29 39.15 25.20
CA ASP A 81 -34.03 39.37 25.91
C ASP A 81 -34.12 38.84 27.34
N LEU A 82 -35.28 39.05 27.94
CA LEU A 82 -35.57 38.63 29.30
C LEU A 82 -35.48 37.15 29.53
N LEU A 83 -35.54 36.34 28.48
CA LEU A 83 -35.40 34.91 28.59
C LEU A 83 -33.94 34.48 28.56
N THR A 84 -32.98 35.42 28.57
CA THR A 84 -31.58 35.09 28.51
C THR A 84 -30.89 35.91 29.60
N ALA A 85 -29.61 35.66 29.88
CA ALA A 85 -28.84 36.51 30.77
C ALA A 85 -28.33 37.65 29.89
N ALA A 86 -29.27 38.47 29.45
CA ALA A 86 -29.04 39.55 28.49
C ALA A 86 -27.88 40.46 28.81
N ASP A 87 -27.76 40.86 30.08
CA ASP A 87 -26.69 41.74 30.53
C ASP A 87 -25.30 41.20 30.29
N LEU A 88 -25.14 39.89 30.27
CA LEU A 88 -23.84 39.30 30.08
C LEU A 88 -23.55 39.17 28.59
N TYR A 89 -24.57 38.80 27.81
CA TYR A 89 -24.38 38.59 26.39
C TYR A 89 -24.23 39.85 25.56
N ARG A 90 -24.72 41.01 26.02
CA ARG A 90 -24.57 42.24 25.28
C ARG A 90 -23.09 42.62 25.17
N ALA A 91 -22.65 42.99 23.97
CA ALA A 91 -21.28 43.42 23.79
C ALA A 91 -21.24 44.87 24.26
N LYS A 92 -20.15 45.36 24.80
CA LYS A 92 -20.13 46.74 25.27
C LYS A 92 -18.99 47.48 24.59
N ALA A 93 -19.32 48.60 23.99
CA ALA A 93 -18.32 49.53 23.49
C ALA A 93 -17.92 50.23 24.78
N TYR A 94 -16.63 50.24 25.10
CA TYR A 94 -16.21 50.82 26.35
C TYR A 94 -15.31 52.04 26.23
N LYS A 95 -14.83 52.37 25.03
CA LYS A 95 -13.94 53.51 24.86
C LYS A 95 -14.08 53.95 23.40
N VAL A 96 -14.21 55.26 23.18
CA VAL A 96 -14.27 55.85 21.85
C VAL A 96 -13.27 56.99 21.89
N ASP A 97 -12.27 56.95 21.01
CA ASP A 97 -11.26 57.99 20.89
C ASP A 97 -11.32 58.52 19.47
N GLN A 98 -10.86 59.74 19.17
CA GLN A 98 -10.91 60.24 17.82
C GLN A 98 -9.60 59.87 17.16
N VAL A 99 -9.62 59.59 15.86
CA VAL A 99 -8.42 59.24 15.12
C VAL A 99 -7.54 60.49 14.96
N PRO A 100 -6.25 60.43 15.32
CA PRO A 100 -5.34 61.57 15.39
C PRO A 100 -5.46 62.72 14.41
N ASN A 101 -5.47 62.47 13.10
CA ASN A 101 -5.58 63.59 12.18
C ASN A 101 -6.79 63.49 11.27
N ASN A 102 -7.88 62.95 11.80
CA ASN A 102 -9.08 62.84 11.01
C ASN A 102 -10.27 63.04 11.93
N PRO A 103 -10.95 64.19 11.87
CA PRO A 103 -12.13 64.47 12.67
C PRO A 103 -13.34 63.56 12.42
N GLU A 104 -13.45 62.92 11.26
CA GLU A 104 -14.59 62.07 10.95
C GLU A 104 -14.49 60.66 11.52
N GLN A 105 -13.27 60.18 11.78
CA GLN A 105 -13.06 58.81 12.19
C GLN A 105 -12.83 58.68 13.69
N TYR A 106 -13.31 57.58 14.25
CA TYR A 106 -13.20 57.29 15.67
C TYR A 106 -12.71 55.86 15.84
N PHE A 107 -11.94 55.59 16.89
CA PHE A 107 -11.49 54.26 17.23
C PHE A 107 -12.41 53.80 18.34
N ALA A 108 -13.17 52.73 18.13
CA ALA A 108 -14.10 52.22 19.12
C ALA A 108 -13.64 50.84 19.56
N TYR A 109 -13.49 50.70 20.88
CA TYR A 109 -13.04 49.48 21.52
C TYR A 109 -14.29 48.77 22.00
N ILE A 110 -14.54 47.53 21.55
CA ILE A 110 -15.73 46.79 21.93
C ILE A 110 -15.30 45.46 22.54
N ALA A 111 -15.98 45.03 23.60
CA ALA A 111 -15.71 43.79 24.30
C ALA A 111 -16.87 42.82 24.14
N TYR A 112 -16.56 41.56 23.83
CA TYR A 112 -17.55 40.50 23.60
C TYR A 112 -17.26 39.36 24.56
N GLU A 113 -18.31 38.84 25.19
CA GLU A 113 -18.19 37.71 26.10
C GLU A 113 -17.82 36.41 25.39
N LEU A 114 -16.89 35.64 25.99
CA LEU A 114 -16.43 34.35 25.48
C LEU A 114 -17.56 33.41 25.06
N ASP A 115 -18.65 33.35 25.86
CA ASP A 115 -19.79 32.49 25.60
C ASP A 115 -20.54 32.72 24.30
N LEU A 116 -20.27 33.83 23.63
CA LEU A 116 -20.95 34.14 22.39
C LEU A 116 -20.37 33.35 21.22
N PHE A 117 -19.19 32.77 21.38
CA PHE A 117 -18.48 32.14 20.27
C PHE A 117 -18.39 30.63 20.34
N GLU A 118 -18.41 30.04 19.15
CA GLU A 118 -18.21 28.62 19.01
C GLU A 118 -16.71 28.39 19.02
N GLU A 119 -16.35 27.38 19.79
CA GLU A 119 -14.97 26.98 19.97
C GLU A 119 -14.38 26.49 18.66
N GLY A 120 -13.15 26.90 18.39
CA GLY A 120 -12.43 26.47 17.20
C GLY A 120 -13.02 26.94 15.87
N SER A 121 -13.94 27.90 15.79
CA SER A 121 -14.54 28.27 14.53
C SER A 121 -14.33 29.71 14.08
N ILE A 122 -13.52 29.89 13.03
CA ILE A 122 -13.28 31.20 12.46
C ILE A 122 -14.59 31.69 11.86
N ALA A 123 -15.35 30.82 11.19
CA ALA A 123 -16.65 31.15 10.64
C ALA A 123 -17.61 31.78 11.65
N ASN A 124 -17.73 31.19 12.85
CA ASN A 124 -18.62 31.75 13.85
C ASN A 124 -18.12 33.09 14.38
N LEU A 125 -16.81 33.22 14.58
CA LEU A 125 -16.20 34.47 15.02
C LEU A 125 -16.52 35.59 14.03
N THR A 126 -16.26 35.36 12.75
CA THR A 126 -16.50 36.37 11.73
C THR A 126 -17.97 36.68 11.52
N ALA A 127 -18.85 35.69 11.66
CA ALA A 127 -20.28 35.88 11.51
C ALA A 127 -20.82 36.93 12.47
N SER A 128 -20.23 37.02 13.67
CA SER A 128 -20.59 38.08 14.60
C SER A 128 -19.81 39.36 14.28
N ILE A 129 -18.49 39.33 14.28
CA ILE A 129 -17.69 40.55 14.15
C ILE A 129 -17.85 41.27 12.80
N ILE A 130 -17.82 40.59 11.66
CA ILE A 130 -17.93 41.28 10.38
C ILE A 130 -19.22 40.93 9.65
N GLY A 131 -20.16 40.27 10.33
CA GLY A 131 -21.38 39.76 9.70
C GLY A 131 -22.23 40.77 8.93
N ASN A 132 -22.77 41.75 9.65
CA ASN A 132 -23.71 42.70 9.07
C ASN A 132 -23.29 44.15 9.26
N VAL A 133 -22.60 44.49 10.35
CA VAL A 133 -22.30 45.88 10.68
C VAL A 133 -21.60 46.76 9.64
N PHE A 134 -20.88 46.20 8.66
CA PHE A 134 -20.21 47.02 7.67
C PHE A 134 -21.14 47.62 6.61
N GLY A 135 -22.39 47.16 6.54
CA GLY A 135 -23.34 47.68 5.59
C GLY A 135 -24.43 48.44 6.29
N PHE A 136 -24.21 48.81 7.56
CA PHE A 136 -25.22 49.47 8.35
C PHE A 136 -25.32 50.91 7.86
N LYS A 137 -26.49 51.38 7.46
CA LYS A 137 -26.66 52.74 6.92
C LYS A 137 -26.11 53.88 7.76
N ALA A 138 -26.25 53.80 9.08
CA ALA A 138 -25.80 54.84 9.98
C ALA A 138 -24.30 55.05 10.02
N VAL A 139 -23.53 54.08 9.55
CA VAL A 139 -22.09 54.13 9.58
C VAL A 139 -21.73 54.35 8.10
N LYS A 140 -20.98 55.40 7.81
CA LYS A 140 -20.58 55.73 6.44
C LYS A 140 -19.43 54.82 6.02
N ALA A 141 -18.52 54.50 6.95
CA ALA A 141 -17.39 53.64 6.68
C ALA A 141 -17.04 52.97 8.00
N LEU A 142 -16.31 51.86 7.95
CA LEU A 142 -16.05 51.04 9.12
C LEU A 142 -14.90 50.15 8.70
N ARG A 143 -13.90 50.04 9.56
CA ARG A 143 -12.76 49.20 9.26
C ARG A 143 -12.44 48.42 10.53
N LEU A 144 -12.20 47.12 10.43
CA LEU A 144 -11.78 46.35 11.59
C LEU A 144 -10.26 46.42 11.59
N GLU A 145 -9.71 47.01 12.65
CA GLU A 145 -8.28 47.22 12.75
C GLU A 145 -7.52 46.13 13.47
N ASP A 146 -8.00 45.71 14.63
CA ASP A 146 -7.29 44.73 15.41
C ASP A 146 -8.26 44.01 16.33
N MET A 147 -7.82 42.91 16.94
CA MET A 147 -8.63 42.13 17.83
C MET A 147 -7.75 41.52 18.91
N ARG A 148 -8.24 41.38 20.13
CA ARG A 148 -7.49 40.75 21.20
C ARG A 148 -8.28 39.46 21.37
N LEU A 149 -7.64 38.35 21.08
CA LEU A 149 -8.27 37.07 21.20
C LEU A 149 -7.73 36.47 22.48
N PRO A 150 -8.61 36.10 23.43
CA PRO A 150 -8.22 35.70 24.76
C PRO A 150 -7.63 34.31 24.75
N LEU A 151 -6.73 34.08 25.71
CA LEU A 151 -6.05 32.82 25.94
C LEU A 151 -6.97 31.61 25.90
N ALA A 152 -8.08 31.69 26.64
CA ALA A 152 -9.06 30.61 26.70
C ALA A 152 -9.72 30.32 25.35
N TYR A 153 -9.90 31.32 24.48
CA TYR A 153 -10.48 31.08 23.16
C TYR A 153 -9.40 30.50 22.26
N LEU A 154 -8.20 31.06 22.32
CA LEU A 154 -7.09 30.64 21.49
C LEU A 154 -6.77 29.16 21.63
N LYS A 155 -6.86 28.63 22.85
CA LYS A 155 -6.61 27.22 23.11
C LYS A 155 -7.63 26.28 22.45
N THR A 156 -8.74 26.74 21.87
CA THR A 156 -9.66 25.84 21.20
C THR A 156 -9.30 25.70 19.72
N PHE A 157 -8.22 26.35 19.29
CA PHE A 157 -7.74 26.33 17.93
C PHE A 157 -6.47 25.51 17.82
N GLN A 158 -6.29 24.91 16.64
CA GLN A 158 -5.14 24.06 16.39
C GLN A 158 -3.83 24.84 16.29
N GLY A 159 -3.88 25.98 15.61
CA GLY A 159 -2.66 26.71 15.30
C GLY A 159 -1.96 26.03 14.13
N PRO A 160 -0.85 26.54 13.60
CA PRO A 160 -0.11 25.98 12.47
C PRO A 160 0.12 24.48 12.53
N ALA A 161 -0.22 23.80 11.44
CA ALA A 161 -0.02 22.36 11.33
C ALA A 161 1.40 21.90 11.60
N THR A 162 2.35 22.60 10.99
CA THR A 162 3.77 22.37 11.16
C THR A 162 4.39 23.47 12.01
N GLY A 163 4.30 24.71 11.57
CA GLY A 163 4.91 25.82 12.29
C GLY A 163 6.36 25.96 11.85
N VAL A 164 6.85 27.19 11.90
CA VAL A 164 8.21 27.55 11.50
C VAL A 164 9.30 26.61 12.00
N ILE A 165 9.33 26.36 13.31
CA ILE A 165 10.38 25.57 13.93
C ILE A 165 10.43 24.14 13.39
N LEU A 166 9.30 23.45 13.38
CA LEU A 166 9.25 22.09 12.88
C LEU A 166 9.53 22.06 11.38
N GLU A 167 9.05 23.06 10.63
CA GLU A 167 9.27 23.15 9.20
C GLU A 167 10.76 23.15 8.87
N ARG A 168 11.52 24.02 9.55
CA ARG A 168 12.94 24.11 9.33
C ARG A 168 13.63 22.80 9.69
N GLU A 169 13.16 22.09 10.73
CA GLU A 169 13.71 20.79 11.12
C GLU A 169 13.46 19.75 10.05
N ARG A 170 12.27 19.75 9.42
CA ARG A 170 11.97 18.80 8.35
C ARG A 170 12.76 19.12 7.09
N LEU A 171 13.10 20.39 6.85
CA LEU A 171 13.88 20.77 5.68
C LEU A 171 15.39 20.75 5.89
N ASP A 172 15.85 20.82 7.15
CA ASP A 172 17.24 20.90 7.58
C ASP A 172 17.90 22.19 7.03
N LYS A 173 17.12 23.27 7.15
CA LYS A 173 17.53 24.58 6.67
C LYS A 173 17.29 25.61 7.76
N PHE A 174 18.35 26.21 8.30
CA PHE A 174 18.26 27.10 9.46
C PHE A 174 19.18 28.30 9.23
N GLY A 175 18.93 29.40 9.93
CA GLY A 175 19.81 30.55 9.89
C GLY A 175 19.67 31.53 8.75
N ARG A 176 18.91 31.22 7.70
CA ARG A 176 18.79 32.10 6.56
C ARG A 176 17.33 32.05 6.13
N PRO A 177 16.76 33.07 5.49
CA PRO A 177 15.48 32.97 4.78
C PRO A 177 15.44 31.82 3.79
N LEU A 178 14.25 31.33 3.49
CA LEU A 178 14.11 30.28 2.51
C LEU A 178 13.81 30.98 1.19
N LEU A 179 14.14 30.38 0.04
CA LEU A 179 13.96 31.01 -1.26
C LEU A 179 12.99 30.21 -2.11
N GLY A 180 12.06 30.91 -2.73
CA GLY A 180 11.03 30.32 -3.54
C GLY A 180 10.89 31.02 -4.88
N CYS A 181 9.93 30.61 -5.70
CA CYS A 181 9.76 31.16 -7.03
C CYS A 181 8.40 30.75 -7.58
N THR A 182 7.60 31.70 -8.07
CA THR A 182 6.36 31.32 -8.73
C THR A 182 6.72 31.05 -10.19
N THR A 183 6.26 29.94 -10.77
CA THR A 183 6.49 29.66 -12.17
C THR A 183 5.73 30.69 -13.04
N LYS A 184 6.40 31.16 -14.09
CA LYS A 184 5.84 32.16 -15.01
C LYS A 184 6.01 31.66 -16.43
N PRO A 185 5.12 31.93 -17.43
CA PRO A 185 3.92 32.76 -17.33
C PRO A 185 2.89 32.22 -16.34
N LYS A 186 2.06 33.07 -15.75
CA LYS A 186 1.09 32.64 -14.75
C LYS A 186 0.21 31.50 -15.28
N LEU A 187 -0.31 31.65 -16.50
CA LEU A 187 -1.16 30.63 -17.09
C LEU A 187 -0.62 30.25 -18.44
N GLY A 188 -0.85 29.01 -18.84
CA GLY A 188 -0.52 28.60 -20.19
C GLY A 188 0.47 27.47 -20.32
N LEU A 189 1.36 27.22 -19.35
CA LEU A 189 2.32 26.13 -19.49
C LEU A 189 1.66 24.77 -19.33
N SER A 190 2.27 23.77 -19.96
CA SER A 190 1.82 22.40 -19.84
C SER A 190 2.44 21.79 -18.58
N GLY A 191 2.01 20.60 -18.18
CA GLY A 191 2.54 19.90 -17.03
C GLY A 191 4.04 19.61 -17.21
N LYS A 192 4.39 19.09 -18.39
CA LYS A 192 5.76 18.78 -18.77
C LYS A 192 6.65 20.00 -18.64
N ASN A 193 6.22 21.13 -19.20
CA ASN A 193 7.03 22.34 -19.13
C ASN A 193 7.10 22.93 -17.73
N TYR A 194 6.05 22.76 -16.93
CA TYR A 194 6.03 23.25 -15.56
C TYR A 194 7.15 22.54 -14.79
N GLY A 195 7.24 21.23 -14.98
CA GLY A 195 8.27 20.41 -14.36
C GLY A 195 9.68 20.82 -14.77
N ARG A 196 9.87 21.24 -16.02
CA ARG A 196 11.14 21.75 -16.53
C ARG A 196 11.60 22.93 -15.69
N VAL A 197 10.73 23.92 -15.55
CA VAL A 197 11.02 25.13 -14.79
C VAL A 197 11.34 24.77 -13.34
N VAL A 198 10.56 23.88 -12.73
CA VAL A 198 10.76 23.45 -11.35
C VAL A 198 12.15 22.84 -11.18
N TYR A 199 12.53 21.90 -12.06
CA TYR A 199 13.84 21.25 -11.99
C TYR A 199 14.96 22.27 -12.07
N GLU A 200 14.91 23.15 -13.08
CA GLU A 200 15.97 24.13 -13.27
C GLU A 200 16.12 25.06 -12.07
N ALA A 201 15.03 25.61 -11.55
CA ALA A 201 15.09 26.53 -10.43
C ALA A 201 15.58 25.88 -9.14
N LEU A 202 15.09 24.67 -8.83
CA LEU A 202 15.51 23.99 -7.61
C LEU A 202 16.98 23.58 -7.71
N LYS A 203 17.42 22.99 -8.84
CA LYS A 203 18.81 22.60 -9.02
C LYS A 203 19.73 23.81 -8.93
N GLY A 204 19.28 24.93 -9.49
CA GLY A 204 20.04 26.17 -9.46
C GLY A 204 20.22 26.75 -8.07
N GLY A 205 19.41 26.37 -7.07
CA GLY A 205 19.63 26.89 -5.73
C GLY A 205 18.39 27.33 -4.98
N LEU A 206 17.18 27.26 -5.54
CA LEU A 206 16.02 27.68 -4.76
C LEU A 206 15.57 26.52 -3.90
N ASP A 207 14.97 26.83 -2.75
CA ASP A 207 14.52 25.79 -1.85
C ASP A 207 13.17 25.26 -2.28
N PHE A 208 12.38 26.18 -2.82
CA PHE A 208 11.02 25.90 -3.24
C PHE A 208 10.71 26.57 -4.56
N VAL A 209 9.73 26.04 -5.27
CA VAL A 209 9.14 26.66 -6.45
C VAL A 209 7.65 26.47 -6.19
N ASP A 211 3.24 26.71 -7.65
CA ASP A 211 2.23 26.91 -8.66
C ASP A 211 1.76 28.35 -8.54
N ASP A 212 1.33 28.99 -9.63
CA ASP A 212 0.79 30.31 -9.34
C ASP A 212 -0.63 30.08 -8.85
N GLU A 213 -1.09 30.99 -7.99
CA GLU A 213 -2.39 30.86 -7.38
C GLU A 213 -3.56 30.51 -8.29
N ASN A 214 -3.50 30.87 -9.57
CA ASN A 214 -4.58 30.56 -10.48
C ASN A 214 -4.30 29.33 -11.30
N ILE A 215 -3.19 28.63 -11.07
CA ILE A 215 -2.88 27.36 -11.72
C ILE A 215 -3.57 26.31 -10.85
N ASN A 216 -4.58 25.65 -11.42
CA ASN A 216 -5.31 24.64 -10.69
C ASN A 216 -5.46 23.46 -11.63
N SER A 217 -6.44 23.45 -12.54
CA SER A 217 -6.63 22.38 -13.49
C SER A 217 -7.40 23.08 -14.59
N GLN A 218 -6.80 23.25 -15.76
CA GLN A 218 -7.40 24.02 -16.84
C GLN A 218 -7.18 23.34 -18.19
N PRO A 219 -7.85 23.70 -19.30
CA PRO A 219 -7.61 23.15 -20.63
C PRO A 219 -6.17 22.99 -21.07
N PHE A 220 -5.30 23.97 -20.79
CA PHE A 220 -3.89 23.88 -21.16
C PHE A 220 -3.05 22.93 -20.31
N MET A 221 -3.51 22.60 -19.10
CA MET A 221 -2.80 21.73 -18.18
C MET A 221 -3.73 21.29 -17.06
N ARG A 222 -4.01 19.99 -16.98
CA ARG A 222 -4.81 19.48 -15.89
C ARG A 222 -3.86 19.14 -14.74
N TRP A 223 -4.41 18.92 -13.55
CA TRP A 223 -3.57 18.86 -12.36
C TRP A 223 -2.72 17.62 -12.21
N ARG A 224 -3.22 16.43 -12.58
CA ARG A 224 -2.46 15.21 -12.35
C ARG A 224 -1.12 15.17 -13.08
N GLU A 225 -1.04 15.70 -14.31
CA GLU A 225 0.22 15.75 -15.04
C GLU A 225 1.22 16.62 -14.32
N ARG A 226 0.74 17.77 -13.83
CA ARG A 226 1.62 18.72 -13.19
C ARG A 226 2.17 18.09 -11.93
N TYR A 227 1.33 17.41 -11.13
CA TYR A 227 1.80 16.77 -9.92
C TYR A 227 2.83 15.69 -10.23
N LEU A 228 2.55 14.80 -11.20
CA LEU A 228 3.50 13.74 -11.56
C LEU A 228 4.82 14.29 -12.07
N PHE A 229 4.80 15.23 -13.04
CA PHE A 229 6.02 15.78 -13.60
C PHE A 229 6.82 16.62 -12.62
N THR A 230 6.13 17.40 -11.79
CA THR A 230 6.77 18.20 -10.75
C THR A 230 7.50 17.30 -9.74
N MET A 231 6.90 16.20 -9.27
CA MET A 231 7.56 15.34 -8.30
C MET A 231 8.82 14.67 -8.84
N GLU A 232 8.83 14.34 -10.13
CA GLU A 232 10.01 13.84 -10.80
C GLU A 232 11.08 14.93 -10.72
N ALA A 233 10.74 16.17 -11.07
CA ALA A 233 11.68 17.28 -11.03
C ALA A 233 12.20 17.57 -9.63
N VAL A 234 11.34 17.53 -8.60
CA VAL A 234 11.70 17.74 -7.21
C VAL A 234 12.72 16.70 -6.77
N ASN A 235 12.47 15.43 -7.06
CA ASN A 235 13.39 14.38 -6.64
C ASN A 235 14.71 14.41 -7.39
N LYS A 236 14.69 14.74 -8.69
CA LYS A 236 15.93 14.90 -9.44
C LYS A 236 16.76 16.03 -8.85
N ALA A 237 16.14 17.17 -8.55
CA ALA A 237 16.82 18.31 -7.93
C ALA A 237 17.42 17.96 -6.57
N SER A 238 16.65 17.23 -5.75
CA SER A 238 17.12 16.76 -4.45
C SER A 238 18.37 15.90 -4.64
N ALA A 239 18.36 14.92 -5.53
CA ALA A 239 19.53 14.07 -5.79
C ALA A 239 20.71 14.86 -6.36
N ALA A 240 20.42 15.91 -7.11
CA ALA A 240 21.44 16.77 -7.68
C ALA A 240 22.05 17.75 -6.67
N THR A 241 21.38 18.06 -5.56
CA THR A 241 21.92 19.01 -4.59
C THR A 241 22.29 18.50 -3.20
N GLY A 242 21.66 17.40 -2.78
CA GLY A 242 21.80 16.91 -1.43
C GLY A 242 20.92 17.71 -0.47
N GLU A 243 19.87 18.38 -0.96
CA GLU A 243 18.99 19.18 -0.13
C GLU A 243 17.59 18.59 -0.18
N VAL A 244 16.76 18.93 0.81
CA VAL A 244 15.34 18.59 0.77
C VAL A 244 14.77 19.70 -0.11
N LYS A 245 14.04 19.36 -1.15
CA LYS A 245 13.47 20.35 -2.05
C LYS A 245 11.96 20.18 -2.04
N GLY A 246 11.22 21.18 -2.52
CA GLY A 246 9.78 21.05 -2.59
C GLY A 246 9.18 22.02 -3.60
N HIS A 247 7.94 21.73 -3.98
CA HIS A 247 7.20 22.57 -4.89
C HIS A 247 5.79 22.64 -4.33
N TYR A 248 5.25 23.84 -4.18
CA TYR A 248 3.91 24.00 -3.62
C TYR A 248 2.91 23.57 -4.68
N LEU A 249 2.36 22.38 -4.49
CA LEU A 249 1.32 21.90 -5.39
C LEU A 249 0.02 22.54 -4.94
N ASN A 250 -0.65 23.21 -5.87
CA ASN A 250 -1.87 23.92 -5.55
C ASN A 250 -3.07 23.01 -5.60
N VAL A 251 -3.67 22.79 -4.44
CA VAL A 251 -4.83 21.92 -4.35
C VAL A 251 -6.16 22.67 -4.37
N THR A 252 -6.16 23.98 -4.63
CA THR A 252 -7.38 24.79 -4.68
C THR A 252 -8.35 24.18 -5.70
N ALA A 253 -9.62 23.99 -5.33
CA ALA A 253 -10.59 23.44 -6.24
C ALA A 253 -11.97 23.91 -5.82
N ALA A 254 -12.96 23.63 -6.66
CA ALA A 254 -14.31 24.09 -6.44
C ALA A 254 -15.03 23.46 -5.26
N THR A 255 -14.86 22.16 -5.03
CA THR A 255 -15.53 21.49 -3.92
C THR A 255 -14.50 20.89 -2.96
N MET A 256 -14.94 20.56 -1.74
CA MET A 256 -14.04 19.98 -0.74
C MET A 256 -13.52 18.62 -1.19
N GLU A 257 -14.36 17.78 -1.79
CA GLU A 257 -13.97 16.46 -2.26
C GLU A 257 -12.88 16.55 -3.31
N GLU A 258 -12.99 17.51 -4.22
CA GLU A 258 -11.99 17.68 -5.25
C GLU A 258 -10.67 18.16 -4.62
N MET A 259 -10.72 19.02 -3.61
CA MET A 259 -9.51 19.47 -2.93
C MET A 259 -8.82 18.31 -2.22
N TYR A 260 -9.60 17.49 -1.52
CA TYR A 260 -9.08 16.31 -0.83
C TYR A 260 -8.42 15.36 -1.82
N ALA A 261 -9.01 15.17 -3.00
CA ALA A 261 -8.42 14.31 -4.02
C ALA A 261 -7.04 14.79 -4.43
N ARG A 262 -6.89 16.11 -4.63
CA ARG A 262 -5.61 16.68 -5.04
C ARG A 262 -4.59 16.62 -3.92
N ALA A 263 -5.01 16.98 -2.70
CA ALA A 263 -4.16 16.92 -1.53
C ALA A 263 -3.66 15.51 -1.27
N ASN A 264 -4.57 14.51 -1.34
CA ASN A 264 -4.19 13.14 -1.09
C ASN A 264 -3.26 12.60 -2.16
N PHE A 265 -3.38 13.00 -3.43
CA PHE A 265 -2.44 12.57 -4.45
C PHE A 265 -1.06 13.17 -4.16
N ALA A 266 -0.99 14.44 -3.76
CA ALA A 266 0.27 15.07 -3.38
C ALA A 266 0.93 14.33 -2.22
N LYS A 267 0.10 13.90 -1.26
CA LYS A 267 0.51 13.11 -0.13
C LYS A 267 1.12 11.79 -0.61
N GLU A 268 0.42 11.10 -1.53
CA GLU A 268 0.86 9.82 -2.08
C GLU A 268 2.21 9.92 -2.76
N LEU A 269 2.44 11.01 -3.49
CA LEU A 269 3.69 11.20 -4.19
C LEU A 269 4.85 11.65 -3.31
N GLY A 270 4.63 11.92 -2.02
CA GLY A 270 5.70 12.32 -1.11
C GLY A 270 6.04 13.80 -1.16
N SER A 271 5.13 14.68 -1.57
CA SER A 271 5.44 16.11 -1.58
C SER A 271 5.52 16.57 -0.13
N VAL A 272 6.49 17.45 0.15
CA VAL A 272 6.65 18.00 1.48
C VAL A 272 5.67 19.16 1.73
N ILE A 273 5.08 19.74 0.69
CA ILE A 273 4.25 20.92 0.83
C ILE A 273 3.14 20.99 -0.22
N ILE A 274 2.04 21.65 0.13
CA ILE A 274 0.94 21.93 -0.78
C ILE A 274 0.56 23.39 -0.55
N MET A 275 -0.29 23.98 -1.41
CA MET A 275 -0.74 25.35 -1.20
C MET A 275 -2.21 25.47 -1.53
N ILE A 276 -2.84 26.42 -0.84
CA ILE A 276 -4.25 26.74 -1.01
C ILE A 276 -4.35 28.25 -1.18
N ASP A 277 -5.48 28.74 -1.69
CA ASP A 277 -5.70 30.16 -1.89
C ASP A 277 -6.80 30.59 -0.92
N LEU A 278 -6.66 31.76 -0.29
CA LEU A 278 -7.62 32.32 0.66
C LEU A 278 -9.04 32.30 0.14
N VAL A 279 -9.15 32.49 -1.17
CA VAL A 279 -10.40 32.48 -1.89
C VAL A 279 -11.21 31.20 -1.73
N ILE A 280 -10.67 30.04 -1.29
CA ILE A 280 -11.49 28.86 -1.04
C ILE A 280 -12.41 29.09 0.17
N GLY A 281 -12.01 29.98 1.07
CA GLY A 281 -12.80 30.34 2.23
C GLY A 281 -12.34 29.70 3.51
N TYR A 282 -12.83 30.26 4.61
CA TYR A 282 -12.46 29.87 5.97
C TYR A 282 -12.72 28.42 6.33
N THR A 283 -13.90 27.85 6.08
CA THR A 283 -14.17 26.46 6.41
C THR A 283 -13.25 25.52 5.64
N ALA A 284 -13.03 25.73 4.35
CA ALA A 284 -12.12 24.92 3.58
C ALA A 284 -10.69 25.06 4.10
N ILE A 285 -10.26 26.26 4.49
CA ILE A 285 -8.93 26.46 5.06
C ILE A 285 -8.80 25.66 6.35
N GLN A 286 -9.75 25.78 7.28
CA GLN A 286 -9.66 25.04 8.54
C GLN A 286 -9.64 23.54 8.34
N THR A 287 -10.43 23.05 7.38
CA THR A 287 -10.46 21.63 7.04
C THR A 287 -9.08 21.20 6.52
N MET A 288 -8.45 22.01 5.66
CA MET A 288 -7.13 21.66 5.15
C MET A 288 -6.03 21.80 6.21
N ALA A 289 -6.17 22.70 7.18
CA ALA A 289 -5.18 22.85 8.24
C ALA A 289 -5.11 21.60 9.13
N LYS A 290 -6.30 21.04 9.41
CA LYS A 290 -6.40 19.80 10.18
C LYS A 290 -5.77 18.68 9.36
N TRP A 291 -6.12 18.60 8.06
CA TRP A 291 -5.59 17.57 7.18
C TRP A 291 -4.06 17.61 7.17
N ALA A 292 -3.46 18.80 7.04
CA ALA A 292 -2.02 18.97 7.02
C ALA A 292 -1.35 18.50 8.30
N ARG A 293 -1.94 18.80 9.46
CA ARG A 293 -1.42 18.34 10.75
C ARG A 293 -1.46 16.81 10.81
N ASP A 294 -2.58 16.22 10.40
CA ASP A 294 -2.73 14.77 10.39
C ASP A 294 -1.90 14.05 9.34
N ASN A 295 -1.42 14.74 8.31
CA ASN A 295 -0.68 14.07 7.25
C ASN A 295 0.71 14.60 7.00
N ASP A 296 1.29 15.31 7.97
CA ASP A 296 2.67 15.81 7.93
C ASP A 296 3.02 16.57 6.66
N MET A 297 2.17 17.53 6.35
CA MET A 297 2.27 18.28 5.12
C MET A 297 2.38 19.75 5.50
N ILE A 298 3.32 20.49 4.89
CA ILE A 298 3.39 21.92 5.13
C ILE A 298 2.27 22.55 4.28
N LEU A 299 1.49 23.45 4.86
CA LEU A 299 0.37 24.07 4.19
C LEU A 299 0.68 25.54 3.95
N HIS A 300 0.81 25.93 2.68
CA HIS A 300 1.05 27.31 2.35
C HIS A 300 -0.25 28.01 1.96
N LEU A 301 -0.55 29.18 2.52
CA LEU A 301 -1.71 29.94 2.11
C LEU A 301 -1.27 31.11 1.25
N HIS A 302 -1.94 31.29 0.12
CA HIS A 302 -1.72 32.44 -0.74
C HIS A 302 -2.92 33.33 -0.42
N ARG A 303 -2.75 34.58 -0.02
CA ARG A 303 -3.86 35.46 0.34
C ARG A 303 -4.60 36.11 -0.84
N ALA A 304 -5.06 35.27 -1.76
CA ALA A 304 -5.77 35.72 -2.95
C ALA A 304 -7.09 36.37 -2.56
N GLY A 305 -7.32 37.58 -3.04
CA GLY A 305 -8.56 38.28 -2.72
C GLY A 305 -8.41 39.17 -1.50
N ASN A 306 -7.34 39.04 -0.72
CA ASN A 306 -7.17 39.83 0.50
C ASN A 306 -7.26 41.35 0.32
N SER A 307 -6.59 41.88 -0.69
CA SER A 307 -6.54 43.33 -0.88
C SER A 307 -7.85 43.95 -1.38
N THR A 308 -8.84 43.10 -1.68
CA THR A 308 -10.20 43.53 -2.00
C THR A 308 -10.80 44.28 -0.81
N TYR A 309 -10.40 43.93 0.42
CA TYR A 309 -10.88 44.61 1.60
C TYR A 309 -9.79 45.24 2.47
N SER A 310 -8.51 44.98 2.25
CA SER A 310 -7.47 45.51 3.13
C SER A 310 -6.64 46.70 2.69
N ARG A 311 -6.92 47.21 1.49
CA ARG A 311 -6.08 48.25 0.91
C ARG A 311 -6.40 49.63 1.46
N GLN A 312 -7.68 49.93 1.67
CA GLN A 312 -8.05 51.27 2.05
C GLN A 312 -8.21 51.43 3.54
N LYS A 313 -7.63 52.52 4.00
CA LYS A 313 -7.60 52.87 5.41
C LYS A 313 -8.96 53.14 6.03
N ASN A 314 -9.96 53.54 5.25
CA ASN A 314 -11.26 53.90 5.82
C ASN A 314 -12.26 52.76 5.88
N HIS A 315 -12.09 51.65 5.16
CA HIS A 315 -13.09 50.61 5.16
C HIS A 315 -12.48 49.27 4.79
N GLY A 316 -12.99 48.26 5.49
CA GLY A 316 -12.58 46.90 5.20
C GLY A 316 -12.01 46.28 6.45
N MET A 317 -10.95 45.50 6.31
CA MET A 317 -10.36 44.81 7.44
C MET A 317 -8.85 44.91 7.24
N ASN A 318 -8.11 45.28 8.28
CA ASN A 318 -6.67 45.38 8.16
C ASN A 318 -6.09 43.98 8.14
N PHE A 319 -5.07 43.71 7.33
CA PHE A 319 -4.48 42.39 7.20
C PHE A 319 -3.99 41.79 8.52
N ARG A 320 -3.60 42.53 9.57
CA ARG A 320 -3.16 41.92 10.82
C ARG A 320 -4.25 41.07 11.47
N VAL A 321 -5.51 41.44 11.27
CA VAL A 321 -6.65 40.67 11.75
C VAL A 321 -6.67 39.33 11.01
N ILE A 322 -6.48 39.33 9.68
CA ILE A 322 -6.47 38.10 8.90
C ILE A 322 -5.26 37.28 9.33
N CYS A 323 -4.10 37.88 9.61
CA CYS A 323 -2.96 37.17 10.15
C CYS A 323 -3.28 36.41 11.44
N LYS A 324 -4.03 37.02 12.37
CA LYS A 324 -4.43 36.37 13.60
C LYS A 324 -5.35 35.20 13.30
N TRP A 325 -6.42 35.45 12.54
CA TRP A 325 -7.37 34.40 12.20
C TRP A 325 -6.72 33.23 11.48
N MET A 326 -5.75 33.46 10.60
CA MET A 326 -5.11 32.37 9.87
C MET A 326 -4.07 31.65 10.71
N ARG A 327 -3.40 32.33 11.66
CA ARG A 327 -2.47 31.64 12.55
C ARG A 327 -3.32 30.72 13.43
N MET A 328 -4.52 31.18 13.80
CA MET A 328 -5.47 30.38 14.57
C MET A 328 -5.96 29.18 13.79
N ALA A 329 -6.36 29.43 12.54
CA ALA A 329 -6.89 28.40 11.65
C ALA A 329 -5.89 27.27 11.45
N GLY A 330 -4.60 27.58 11.29
CA GLY A 330 -3.63 26.51 11.23
C GLY A 330 -2.72 26.48 10.02
N VAL A 331 -2.69 27.58 9.28
CA VAL A 331 -1.90 27.70 8.07
C VAL A 331 -0.41 27.77 8.42
N ASP A 332 0.50 27.27 7.58
CA ASP A 332 1.91 27.33 7.89
C ASP A 332 2.68 28.47 7.28
N HIS A 333 2.21 28.98 6.16
CA HIS A 333 2.86 30.11 5.49
C HIS A 333 1.73 31.01 5.10
N ILE A 334 1.93 32.32 5.12
CA ILE A 334 0.97 33.24 4.54
C ILE A 334 1.82 34.39 3.98
N HIS A 335 1.38 34.92 2.85
CA HIS A 335 2.07 36.03 2.22
C HIS A 335 1.82 37.25 3.08
N ALA A 336 2.87 37.94 3.51
CA ALA A 336 2.71 39.09 4.37
C ALA A 336 3.30 40.38 3.81
N GLY A 337 3.72 40.34 2.55
CA GLY A 337 4.21 41.52 1.87
C GLY A 337 5.72 41.66 1.87
N THR A 338 6.20 42.41 0.88
CA THR A 338 7.58 42.83 0.75
C THR A 338 7.42 44.34 0.90
N VAL A 339 8.31 45.06 1.55
CA VAL A 339 8.13 46.51 1.62
C VAL A 339 8.44 47.15 0.25
N VAL A 340 9.52 46.66 -0.38
CA VAL A 340 10.03 47.20 -1.62
C VAL A 340 9.59 46.54 -2.92
N GLY A 341 8.49 45.79 -2.93
CA GLY A 341 8.13 45.03 -4.12
C GLY A 341 7.06 45.72 -4.94
N LYS A 342 6.35 44.99 -5.79
CA LYS A 342 5.32 45.58 -6.62
C LYS A 342 3.96 45.71 -5.93
N LEU A 343 3.77 45.02 -4.78
CA LEU A 343 2.53 45.10 -4.04
C LEU A 343 2.73 45.98 -2.81
N GLU A 344 1.62 46.57 -2.37
CA GLU A 344 1.50 47.47 -1.23
C GLU A 344 2.10 46.93 0.05
N GLY A 345 2.93 47.73 0.72
CA GLY A 345 3.52 47.33 1.99
C GLY A 345 4.27 48.44 2.69
N ASP A 346 3.62 49.20 3.57
CA ASP A 346 4.27 50.27 4.31
C ASP A 346 5.18 49.63 5.36
N PRO A 347 6.48 49.96 5.49
CA PRO A 347 7.41 49.31 6.42
C PRO A 347 6.95 49.11 7.85
N ILE A 348 6.35 50.15 8.45
CA ILE A 348 5.90 50.11 9.83
C ILE A 348 4.68 49.20 9.99
N ILE A 349 3.70 49.26 9.09
CA ILE A 349 2.51 48.43 9.17
C ILE A 349 2.88 46.98 8.84
N THR A 350 3.75 46.73 7.85
CA THR A 350 4.21 45.40 7.52
C THR A 350 4.96 44.76 8.68
N ARG A 351 5.73 45.53 9.46
CA ARG A 351 6.44 45.01 10.63
C ARG A 351 5.45 44.42 11.63
N GLY A 352 4.31 45.09 11.80
CA GLY A 352 3.25 44.62 12.69
C GLY A 352 2.72 43.26 12.24
N PHE A 353 2.52 43.08 10.94
CA PHE A 353 2.07 41.82 10.37
C PHE A 353 3.04 40.69 10.70
N TYR A 354 4.33 40.91 10.44
CA TYR A 354 5.38 39.93 10.72
C TYR A 354 5.42 39.54 12.19
N LYS A 355 5.33 40.51 13.09
CA LYS A 355 5.28 40.27 14.52
C LYS A 355 4.08 39.41 14.88
N THR A 356 2.91 39.69 14.31
CA THR A 356 1.70 38.93 14.58
C THR A 356 1.86 37.45 14.24
N LEU A 357 2.59 37.17 13.16
CA LEU A 357 2.79 35.81 12.70
C LEU A 357 3.88 35.03 13.43
N LEU A 358 4.94 35.72 13.82
CA LEU A 358 6.11 35.11 14.41
C LEU A 358 6.28 35.12 15.92
N LEU A 359 5.71 36.09 16.63
CA LEU A 359 6.01 36.27 18.03
C LEU A 359 5.15 35.47 18.99
N PRO A 360 5.65 35.04 20.15
CA PRO A 360 4.82 34.42 21.20
C PRO A 360 3.88 35.34 21.97
N LYS A 361 4.17 36.64 22.02
CA LYS A 361 3.37 37.62 22.72
C LYS A 361 3.51 38.92 21.94
N LEU A 362 2.38 39.61 21.73
CA LEU A 362 2.32 40.87 21.02
C LEU A 362 2.16 41.99 22.04
N GLU A 363 2.95 43.05 21.89
CA GLU A 363 2.86 44.21 22.76
C GLU A 363 2.19 45.33 21.98
N ARG A 364 1.36 46.08 22.69
CA ARG A 364 0.63 47.20 22.13
C ARG A 364 1.64 48.22 21.61
N ASN A 365 1.49 48.59 20.35
CA ASN A 365 2.33 49.57 19.69
C ASN A 365 1.46 50.25 18.65
N LEU A 366 1.06 51.46 19.00
CA LEU A 366 0.17 52.28 18.20
C LEU A 366 0.74 52.61 16.83
N GLN A 367 2.06 52.72 16.70
CA GLN A 367 2.68 53.02 15.42
C GLN A 367 2.49 51.88 14.44
N GLU A 368 2.56 50.64 14.88
CA GLU A 368 2.38 49.48 14.01
C GLU A 368 0.89 49.15 13.83
N GLY A 369 0.03 49.78 14.63
CA GLY A 369 -1.39 49.48 14.61
C GLY A 369 -1.71 48.29 15.50
N LEU A 370 -0.79 47.88 16.37
CA LEU A 370 -1.06 46.79 17.29
C LEU A 370 -1.71 47.47 18.50
N PHE A 371 -3.04 47.48 18.52
CA PHE A 371 -3.78 48.14 19.59
C PHE A 371 -3.95 47.34 20.86
N PHE A 372 -3.60 46.05 20.91
CA PHE A 372 -3.84 45.25 22.09
C PHE A 372 -2.62 44.40 22.42
N ASP A 373 -2.40 44.11 23.70
CA ASP A 373 -1.36 43.17 24.09
C ASP A 373 -2.05 41.81 23.89
N MET A 374 -1.35 40.77 23.44
CA MET A 374 -2.01 39.50 23.23
C MET A 374 -1.02 38.36 23.42
N GLU A 375 -1.35 37.36 24.22
CA GLU A 375 -0.47 36.20 24.40
C GLU A 375 -0.93 35.23 23.32
N TRP A 376 -0.04 34.50 22.63
CA TRP A 376 -0.48 33.56 21.61
C TRP A 376 -0.77 32.12 22.04
N ALA A 377 -0.90 31.83 23.35
CA ALA A 377 -1.22 30.51 23.90
C ALA A 377 -0.36 29.34 23.40
N SER A 378 0.89 29.67 23.10
CA SER A 378 1.91 28.77 22.56
C SER A 378 1.54 28.09 21.24
N LEU A 379 0.63 28.71 20.46
CA LEU A 379 0.32 28.21 19.13
C LEU A 379 1.56 28.48 18.29
N ARG A 380 1.84 27.55 17.39
CA ARG A 380 3.01 27.62 16.54
C ARG A 380 3.06 28.85 15.65
N LYS A 381 4.26 29.16 15.18
CA LYS A 381 4.51 30.35 14.39
C LYS A 381 4.20 30.14 12.91
N VAL A 382 3.62 31.13 12.24
CA VAL A 382 3.37 31.06 10.80
C VAL A 382 4.58 31.67 10.12
N MET A 383 5.08 31.05 9.05
CA MET A 383 6.21 31.57 8.28
C MET A 383 5.66 32.61 7.31
N PRO A 384 6.01 33.89 7.42
CA PRO A 384 5.65 34.90 6.44
C PRO A 384 6.36 34.67 5.11
N VAL A 385 5.64 34.97 4.05
CA VAL A 385 6.15 34.82 2.70
C VAL A 385 6.18 36.21 2.10
N ALA A 386 7.32 36.59 1.55
CA ALA A 386 7.52 37.89 0.92
C ALA A 386 7.68 37.63 -0.57
N SER A 387 6.77 38.14 -1.40
CA SER A 387 6.75 37.83 -2.82
C SER A 387 6.19 39.00 -3.61
N GLY A 388 6.64 39.13 -4.85
CA GLY A 388 6.11 40.14 -5.74
C GLY A 388 7.09 41.24 -6.07
N GLY A 389 7.51 41.22 -7.33
CA GLY A 389 8.37 42.25 -7.90
C GLY A 389 9.69 42.48 -7.21
N ILE A 390 10.26 41.47 -6.55
CA ILE A 390 11.53 41.68 -5.89
C ILE A 390 12.65 41.01 -6.69
N HIS A 391 13.86 41.48 -6.45
CA HIS A 391 15.03 41.01 -7.15
C HIS A 391 16.26 41.14 -6.26
N ALA A 392 17.31 40.37 -6.55
CA ALA A 392 18.61 40.48 -5.89
C ALA A 392 19.05 41.91 -6.11
N GLY A 393 19.74 42.54 -5.18
CA GLY A 393 19.96 43.97 -5.32
C GLY A 393 19.17 44.62 -4.20
N GLN A 394 17.93 44.19 -4.03
CA GLN A 394 17.13 44.65 -2.90
C GLN A 394 17.45 43.81 -1.66
N MET A 395 18.24 42.73 -1.80
CA MET A 395 18.55 41.78 -0.74
C MET A 395 18.87 42.37 0.62
N HIS A 396 19.78 43.34 0.70
CA HIS A 396 20.09 44.02 1.96
C HIS A 396 18.88 44.67 2.63
N GLN A 397 17.93 45.27 1.91
CA GLN A 397 16.79 45.83 2.60
C GLN A 397 15.73 44.77 2.83
N LEU A 398 15.68 43.69 2.04
CA LEU A 398 14.76 42.58 2.30
C LEU A 398 15.13 41.98 3.66
N ILE A 399 16.42 41.67 3.90
CA ILE A 399 16.86 41.15 5.20
C ILE A 399 16.55 42.17 6.29
N HIS A 400 16.80 43.45 6.03
CA HIS A 400 16.52 44.50 7.00
C HIS A 400 15.06 44.68 7.38
N TYR A 401 14.09 44.59 6.46
CA TYR A 401 12.70 44.82 6.82
C TYR A 401 11.96 43.56 7.23
N LEU A 402 12.35 42.43 6.63
CA LEU A 402 11.63 41.19 6.79
C LEU A 402 12.29 40.21 7.75
N GLY A 403 13.59 40.33 7.98
CA GLY A 403 14.27 39.48 8.93
C GLY A 403 14.63 38.12 8.37
N GLU A 404 14.89 37.22 9.32
CA GLU A 404 15.39 35.88 9.04
C GLU A 404 14.32 34.84 8.72
N ASP A 405 13.20 34.86 9.42
CA ASP A 405 12.18 33.85 9.21
C ASP A 405 11.16 34.40 8.23
N VAL A 406 11.42 34.13 6.95
CA VAL A 406 10.58 34.56 5.86
C VAL A 406 10.96 33.71 4.63
N VAL A 407 10.03 33.48 3.71
CA VAL A 407 10.34 32.80 2.46
C VAL A 407 10.34 33.94 1.45
N LEU A 408 11.48 34.19 0.83
CA LEU A 408 11.65 35.23 -0.18
C LEU A 408 11.38 34.58 -1.52
N GLN A 409 10.34 35.01 -2.25
CA GLN A 409 10.03 34.40 -3.52
C GLN A 409 10.30 35.29 -4.72
N PHE A 410 11.14 34.78 -5.62
CA PHE A 410 11.55 35.48 -6.82
C PHE A 410 11.07 34.75 -8.06
N GLY A 411 9.90 35.08 -8.60
CA GLY A 411 9.41 34.47 -9.82
C GLY A 411 10.15 35.06 -11.02
N GLY A 412 9.78 36.29 -11.34
CA GLY A 412 10.38 37.05 -12.43
C GLY A 412 11.87 37.24 -12.15
N GLY A 413 12.20 37.48 -10.88
CA GLY A 413 13.57 37.62 -10.41
C GLY A 413 14.45 36.38 -10.64
N THR A 414 13.86 35.23 -10.99
CA THR A 414 14.63 34.04 -11.30
C THR A 414 14.46 33.77 -12.80
N ILE A 415 13.25 33.52 -13.28
CA ILE A 415 12.99 33.13 -14.67
C ILE A 415 13.33 34.20 -15.70
N GLY A 416 13.27 35.47 -15.31
CA GLY A 416 13.58 36.56 -16.20
C GLY A 416 15.07 36.75 -16.45
N HIS A 417 15.94 35.97 -15.80
CA HIS A 417 17.39 36.08 -15.97
C HIS A 417 17.84 35.67 -17.37
N PRO A 418 18.67 36.46 -18.08
CA PRO A 418 19.03 36.19 -19.48
C PRO A 418 19.78 34.90 -19.75
N ASP A 419 20.63 34.50 -18.80
CA ASP A 419 21.40 33.26 -18.91
C ASP A 419 20.66 31.99 -18.47
N GLY A 420 19.35 32.04 -18.25
CA GLY A 420 18.63 30.84 -17.85
C GLY A 420 18.19 30.86 -16.40
N ILE A 421 17.29 29.91 -16.14
CA ILE A 421 16.63 29.75 -14.86
C ILE A 421 17.61 29.29 -13.78
N GLN A 422 18.51 28.33 -14.05
CA GLN A 422 19.48 27.89 -13.05
C GLN A 422 20.32 29.07 -12.58
N ALA A 423 20.79 29.86 -13.54
CA ALA A 423 21.57 31.06 -13.26
C ALA A 423 20.80 32.08 -12.42
N GLY A 424 19.49 32.21 -12.64
CA GLY A 424 18.66 33.11 -11.88
C GLY A 424 18.58 32.70 -10.42
N ALA A 425 18.38 31.39 -10.24
CA ALA A 425 18.28 30.79 -8.93
C ALA A 425 19.58 30.94 -8.15
N THR A 426 20.73 30.64 -8.77
CA THR A 426 22.04 30.79 -8.14
C THR A 426 22.25 32.23 -7.70
N ALA A 427 21.96 33.20 -8.57
CA ALA A 427 22.13 34.61 -8.27
C ALA A 427 21.43 35.00 -6.98
N ASN A 428 20.19 34.55 -6.84
CA ASN A 428 19.39 34.84 -5.67
C ASN A 428 19.95 34.15 -4.43
N ARG A 429 20.34 32.89 -4.55
CA ARG A 429 20.87 32.12 -3.43
C ARG A 429 22.20 32.68 -2.91
N VAL A 430 23.13 33.01 -3.80
CA VAL A 430 24.42 33.58 -3.44
C VAL A 430 24.21 34.94 -2.78
N ALA A 431 23.33 35.77 -3.35
CA ALA A 431 23.02 37.07 -2.80
C ALA A 431 22.51 36.95 -1.38
N LEU A 432 21.60 36.00 -1.12
CA LEU A 432 21.04 35.80 0.21
C LEU A 432 22.11 35.44 1.22
N GLU A 433 22.88 34.40 0.90
CA GLU A 433 23.89 33.90 1.82
C GLU A 433 24.97 34.91 2.15
N ALA A 434 25.45 35.63 1.13
CA ALA A 434 26.45 36.66 1.33
C ALA A 434 25.92 37.74 2.27
N MET A 435 24.64 38.09 2.11
CA MET A 435 24.01 39.10 2.94
C MET A 435 23.86 38.66 4.38
N ILE A 436 23.37 37.44 4.69
CA ILE A 436 23.23 37.12 6.11
C ILE A 436 24.60 36.78 6.70
N LEU A 437 25.61 36.39 5.90
CA LEU A 437 26.97 36.17 6.40
C LEU A 437 27.49 37.51 6.91
N ALA A 438 27.31 38.56 6.10
CA ALA A 438 27.71 39.91 6.45
C ALA A 438 26.95 40.40 7.69
N ARG A 439 25.64 40.17 7.76
CA ARG A 439 24.84 40.51 8.93
C ARG A 439 25.43 39.86 10.18
N ASN A 440 25.69 38.55 10.13
CA ASN A 440 26.26 37.80 11.24
C ASN A 440 27.63 38.29 11.64
N GLU A 441 28.39 38.85 10.70
CA GLU A 441 29.69 39.45 11.00
C GLU A 441 29.59 40.86 11.60
N ASN A 442 28.38 41.33 11.90
CA ASN A 442 28.08 42.64 12.49
C ASN A 442 28.45 43.83 11.62
N ARG A 443 28.36 43.63 10.31
CA ARG A 443 28.59 44.70 9.36
C ARG A 443 27.28 45.44 9.18
N ASP A 444 27.31 46.75 8.92
CA ASP A 444 26.10 47.52 8.67
C ASP A 444 25.66 47.18 7.24
N TYR A 445 25.02 46.03 7.09
CA TYR A 445 24.61 45.53 5.79
C TYR A 445 23.60 46.42 5.07
N LEU A 446 22.84 47.29 5.76
CA LEU A 446 21.89 48.15 5.07
C LEU A 446 22.63 49.12 4.17
N THR A 447 23.61 49.82 4.76
CA THR A 447 24.44 50.79 4.06
C THR A 447 25.45 50.10 3.14
N GLU A 448 26.19 49.11 3.63
CA GLU A 448 27.20 48.42 2.83
C GLU A 448 26.63 47.45 1.80
N GLY A 449 25.33 47.17 1.86
CA GLY A 449 24.63 46.23 1.00
C GLY A 449 25.01 46.22 -0.49
N PRO A 450 24.91 47.31 -1.25
CA PRO A 450 25.35 47.37 -2.64
C PRO A 450 26.76 46.86 -2.84
N GLU A 451 27.66 47.18 -1.90
CA GLU A 451 29.04 46.73 -1.97
C GLU A 451 29.19 45.26 -1.62
N ILE A 452 28.42 44.72 -0.67
CA ILE A 452 28.46 43.31 -0.32
C ILE A 452 28.06 42.50 -1.55
N LEU A 453 26.98 42.93 -2.21
CA LEU A 453 26.50 42.27 -3.42
C LEU A 453 27.52 42.36 -4.53
N ARG A 454 28.10 43.53 -4.74
CA ARG A 454 29.11 43.77 -5.77
C ARG A 454 30.33 42.88 -5.55
N GLU A 455 30.73 42.72 -4.29
CA GLU A 455 31.87 41.88 -3.93
C GLU A 455 31.55 40.42 -4.24
N ALA A 456 30.37 39.92 -3.87
CA ALA A 456 29.98 38.55 -4.17
C ALA A 456 29.83 38.31 -5.68
N ALA A 457 29.37 39.32 -6.40
CA ALA A 457 29.21 39.28 -7.84
C ALA A 457 30.52 39.06 -8.58
N LYS A 458 31.66 39.51 -8.03
CA LYS A 458 32.96 39.27 -8.64
C LYS A 458 33.26 37.78 -8.81
N THR A 459 32.79 36.93 -7.89
CA THR A 459 32.99 35.49 -7.98
C THR A 459 31.82 34.82 -8.70
N CYS A 460 30.64 35.46 -8.76
CA CYS A 460 29.49 34.81 -9.34
C CYS A 460 28.85 35.65 -10.45
N GLY A 461 29.26 35.31 -11.67
CA GLY A 461 28.81 35.96 -12.89
C GLY A 461 27.29 36.10 -13.00
N ALA A 462 26.57 35.05 -12.58
CA ALA A 462 25.11 35.05 -12.62
C ALA A 462 24.50 36.20 -11.81
N LEU A 463 25.09 36.48 -10.64
CA LEU A 463 24.64 37.56 -9.78
C LEU A 463 25.02 38.90 -10.40
N ARG A 464 26.22 39.02 -11.01
CA ARG A 464 26.67 40.26 -11.65
C ARG A 464 25.65 40.68 -12.69
N THR A 465 25.29 39.76 -13.58
CA THR A 465 24.29 40.00 -14.60
C THR A 465 22.93 40.38 -14.01
N ALA A 466 22.52 39.76 -12.89
CA ALA A 466 21.24 40.06 -12.27
C ALA A 466 21.22 41.47 -11.70
N LEU A 467 22.32 41.88 -11.09
CA LEU A 467 22.47 43.21 -10.52
C LEU A 467 22.44 44.24 -11.64
N ASP A 468 23.13 44.01 -12.75
CA ASP A 468 23.11 44.94 -13.87
C ASP A 468 21.72 45.06 -14.47
N LEU A 469 21.07 43.94 -14.75
CA LEU A 469 19.75 43.92 -15.35
C LEU A 469 18.69 44.72 -14.60
N TRP A 470 18.53 44.45 -13.32
CA TRP A 470 17.47 45.08 -12.57
C TRP A 470 17.92 46.23 -11.67
N LYS A 471 19.12 46.76 -11.92
CA LYS A 471 19.76 47.82 -11.14
C LYS A 471 18.87 48.99 -10.72
N ASP A 472 18.15 49.55 -11.69
CA ASP A 472 17.34 50.74 -11.42
C ASP A 472 15.88 50.44 -11.13
N ILE A 473 15.49 49.18 -10.95
CA ILE A 473 14.09 48.85 -10.76
C ILE A 473 13.76 49.02 -9.28
N THR A 474 12.85 49.97 -9.09
CA THR A 474 12.36 50.39 -7.80
C THR A 474 10.85 50.56 -7.94
N PHE A 475 10.09 50.53 -6.84
CA PHE A 475 8.65 50.71 -6.88
C PHE A 475 8.23 51.78 -5.87
N ASN A 476 8.63 53.02 -6.14
CA ASN A 476 8.33 54.13 -5.25
C ASN A 476 6.91 54.66 -5.43
N TYR A 477 5.96 54.21 -4.63
CA TYR A 477 4.59 54.71 -4.70
C TYR A 477 4.09 54.98 -3.29
N THR A 478 3.12 55.88 -3.14
CA THR A 478 2.56 56.22 -1.85
C THR A 478 1.69 55.08 -1.32
N SER A 479 1.97 54.68 -0.09
CA SER A 479 1.22 53.63 0.56
C SER A 479 -0.19 54.11 0.93
N THR A 480 -1.19 53.26 0.75
CA THR A 480 -2.55 53.58 1.13
C THR A 480 -2.81 53.21 2.59
N ASP A 481 -2.37 52.02 3.01
CA ASP A 481 -2.54 51.56 4.38
C ASP A 481 -1.32 51.98 5.20
N THR A 482 -1.52 53.10 5.89
CA THR A 482 -0.48 53.77 6.66
C THR A 482 -0.84 53.86 8.15
N SER A 483 0.16 54.14 9.00
CA SER A 483 -0.03 54.36 10.42
C SER A 483 -0.69 55.71 10.66
N ASP A 484 -1.40 55.82 11.77
CA ASP A 484 -2.02 57.07 12.18
C ASP A 484 -1.19 57.77 13.26
N PHE A 485 -0.06 57.21 13.68
CA PHE A 485 0.70 57.75 14.80
C PHE A 485 2.17 57.92 14.41
N VAL A 486 2.44 58.74 13.41
CA VAL A 486 3.80 59.00 12.91
C VAL A 486 4.08 60.49 12.76
N VAL B 1 29.53 16.44 -6.72
CA VAL B 1 28.58 17.53 -6.57
C VAL B 1 29.18 18.34 -5.40
N ARG B 2 28.57 19.45 -5.01
CA ARG B 2 28.92 20.19 -3.81
C ARG B 2 27.59 20.06 -3.07
N ILE B 3 27.65 19.52 -1.86
CA ILE B 3 26.46 19.32 -1.06
C ILE B 3 26.08 20.70 -0.55
N THR B 4 24.87 21.18 -0.86
CA THR B 4 24.51 22.49 -0.39
C THR B 4 23.59 22.56 0.84
N GLN B 5 23.77 21.57 1.71
CA GLN B 5 23.13 21.55 3.03
C GLN B 5 23.94 22.57 3.85
N GLY B 6 23.35 23.27 4.80
CA GLY B 6 24.11 24.23 5.57
C GLY B 6 23.79 25.64 5.12
N THR B 7 23.92 26.56 6.07
CA THR B 7 23.53 27.95 5.86
C THR B 7 24.41 28.68 4.84
N PHE B 8 25.69 28.36 4.67
CA PHE B 8 26.56 29.15 3.81
C PHE B 8 27.23 28.35 2.70
N SER B 9 26.65 27.24 2.26
CA SER B 9 27.31 26.37 1.30
C SER B 9 27.30 26.81 -0.15
N PHE B 10 26.64 27.91 -0.54
CA PHE B 10 26.81 28.46 -1.88
C PHE B 10 27.97 29.45 -1.89
N LEU B 11 28.53 29.74 -0.72
CA LEU B 11 29.68 30.62 -0.62
C LEU B 11 30.91 29.70 -0.57
N PRO B 12 32.14 30.18 -0.80
CA PRO B 12 33.37 29.43 -0.55
C PRO B 12 33.46 28.92 0.88
N ASP B 13 34.21 27.82 1.03
CA ASP B 13 34.43 27.23 2.34
C ASP B 13 35.09 28.27 3.24
N LEU B 14 34.43 28.52 4.36
CA LEU B 14 34.85 29.53 5.33
C LEU B 14 36.22 29.28 5.94
N THR B 15 36.97 30.36 6.01
CA THR B 15 38.28 30.33 6.65
C THR B 15 38.06 30.37 8.16
N ASP B 16 39.00 29.89 8.97
CA ASP B 16 38.93 29.99 10.42
C ASP B 16 38.59 31.39 10.93
N GLU B 17 39.04 32.41 10.21
CA GLU B 17 38.75 33.79 10.53
C GLU B 17 37.24 34.01 10.41
N GLN B 18 36.64 33.54 9.33
CA GLN B 18 35.21 33.67 9.11
C GLN B 18 34.41 32.84 10.10
N ILE B 19 34.88 31.63 10.42
CA ILE B 19 34.21 30.76 11.38
C ILE B 19 34.19 31.45 12.74
N LYS B 20 35.32 32.04 13.17
CA LYS B 20 35.44 32.72 14.45
C LYS B 20 34.37 33.80 14.55
N LYS B 21 34.15 34.59 13.49
CA LYS B 21 33.13 35.63 13.52
C LYS B 21 31.73 35.05 13.65
N GLN B 22 31.48 33.87 13.07
CA GLN B 22 30.18 33.22 13.20
C GLN B 22 30.00 32.72 14.63
N ILE B 23 31.07 32.22 15.26
CA ILE B 23 30.97 31.76 16.64
C ILE B 23 30.68 32.97 17.52
N ASP B 24 31.25 34.16 17.26
CA ASP B 24 30.93 35.36 18.02
C ASP B 24 29.44 35.66 17.94
N TYR B 25 28.84 35.47 16.76
CA TYR B 25 27.41 35.66 16.56
C TYR B 25 26.66 34.69 17.45
N MET B 26 27.04 33.40 17.44
CA MET B 26 26.37 32.41 18.28
C MET B 26 26.48 32.75 19.76
N ILE B 27 27.64 33.23 20.20
CA ILE B 27 27.87 33.62 21.60
C ILE B 27 27.00 34.82 21.96
N SER B 28 26.84 35.82 21.09
CA SER B 28 26.01 36.97 21.41
C SER B 28 24.54 36.62 21.54
N LYS B 29 24.13 35.54 20.86
CA LYS B 29 22.77 35.06 20.98
C LYS B 29 22.60 33.96 22.03
N LYS B 30 23.62 33.71 22.87
CA LYS B 30 23.62 32.73 23.94
C LYS B 30 23.20 31.31 23.53
N LEU B 31 23.74 30.90 22.39
CA LEU B 31 23.42 29.59 21.86
C LEU B 31 24.36 28.53 22.39
N ALA B 32 23.83 27.32 22.51
CA ALA B 32 24.60 26.14 22.84
C ALA B 32 25.23 25.73 21.52
N ILE B 33 26.51 25.41 21.48
CA ILE B 33 27.19 25.13 20.23
C ILE B 33 27.56 23.65 20.15
N GLY B 34 27.19 22.97 19.08
CA GLY B 34 27.45 21.56 18.91
C GLY B 34 28.21 21.34 17.62
N ILE B 35 29.03 20.30 17.57
CA ILE B 35 29.83 19.95 16.41
C ILE B 35 29.38 18.54 16.06
N GLU B 36 28.96 18.31 14.81
CA GLU B 36 28.47 17.02 14.39
C GLU B 36 29.15 16.60 13.09
N TYR B 37 29.24 15.29 12.80
CA TYR B 37 29.90 14.80 11.60
C TYR B 37 29.28 13.54 11.01
N THR B 38 29.42 13.26 9.71
CA THR B 38 28.96 12.02 9.08
C THR B 38 29.63 11.81 7.74
N ASN B 39 29.54 10.57 7.25
CA ASN B 39 29.94 10.25 5.90
C ASN B 39 28.73 9.62 5.19
N ASP B 40 27.52 9.98 5.64
CA ASP B 40 26.27 9.65 4.96
C ASP B 40 25.54 10.98 4.88
N ILE B 41 25.77 11.78 3.84
CA ILE B 41 25.08 13.08 3.72
C ILE B 41 23.75 12.99 3.01
N HIS B 42 22.91 12.02 3.37
CA HIS B 42 21.60 11.94 2.74
C HIS B 42 20.85 13.13 3.34
N PRO B 43 20.08 13.96 2.60
CA PRO B 43 19.32 15.09 3.15
C PRO B 43 18.45 14.74 4.36
N ARG B 44 17.84 13.55 4.32
CA ARG B 44 17.00 13.07 5.42
C ARG B 44 17.81 12.41 6.55
N ASN B 45 19.15 12.44 6.56
CA ASN B 45 19.89 11.83 7.65
C ASN B 45 19.91 12.87 8.75
N ALA B 46 18.86 12.81 9.54
CA ALA B 46 18.65 13.76 10.61
C ALA B 46 19.67 13.70 11.74
N TYR B 47 20.32 12.55 11.98
CA TYR B 47 21.22 12.46 13.13
C TYR B 47 22.63 12.11 12.73
N TRP B 48 23.41 13.18 12.64
CA TRP B 48 24.83 13.06 12.39
C TRP B 48 25.45 12.69 13.74
N GLU B 49 26.69 12.20 13.77
CA GLU B 49 27.32 11.84 15.03
C GLU B 49 27.75 13.08 15.79
N ILE B 50 27.54 13.12 17.09
CA ILE B 50 27.94 14.28 17.87
C ILE B 50 29.40 14.10 18.28
N TRP B 51 30.16 15.18 18.16
CA TRP B 51 31.54 15.22 18.59
C TRP B 51 31.44 15.76 20.01
N GLY B 52 31.41 14.83 20.95
CA GLY B 52 31.36 15.14 22.36
C GLY B 52 29.97 15.60 22.80
N LEU B 53 29.98 16.61 23.66
CA LEU B 53 28.76 17.12 24.25
C LEU B 53 28.72 18.58 23.83
N PRO B 54 27.57 19.16 23.48
CA PRO B 54 27.44 20.58 23.16
C PRO B 54 27.99 21.51 24.23
N LEU B 55 28.75 22.48 23.77
CA LEU B 55 29.38 23.46 24.62
C LEU B 55 28.28 24.44 25.00
N PHE B 56 27.91 24.50 26.27
CA PHE B 56 26.81 25.35 26.69
C PHE B 56 27.08 26.80 27.02
N ASP B 57 27.85 27.20 28.02
CA ASP B 57 28.04 28.63 28.25
C ASP B 57 29.43 28.90 27.72
N VAL B 58 29.49 29.41 26.50
CA VAL B 58 30.77 29.68 25.86
C VAL B 58 31.02 31.17 25.93
N THR B 59 32.18 31.56 26.45
CA THR B 59 32.56 32.96 26.48
C THR B 59 33.65 33.22 25.45
N ASP B 60 34.55 32.26 25.25
CA ASP B 60 35.69 32.45 24.36
C ASP B 60 35.53 31.65 23.08
N PRO B 61 35.42 32.28 21.90
CA PRO B 61 35.36 31.60 20.60
C PRO B 61 36.48 30.59 20.33
N ALA B 62 37.69 30.83 20.87
CA ALA B 62 38.82 29.93 20.67
C ALA B 62 38.58 28.52 21.17
N ALA B 63 37.74 28.34 22.21
CA ALA B 63 37.43 27.02 22.73
C ALA B 63 36.69 26.19 21.69
N VAL B 64 35.76 26.84 20.98
CA VAL B 64 34.99 26.18 19.95
C VAL B 64 35.92 25.92 18.77
N LEU B 65 36.76 26.87 18.35
CA LEU B 65 37.70 26.65 17.25
C LEU B 65 38.58 25.45 17.51
N PHE B 66 39.06 25.31 18.75
CA PHE B 66 39.88 24.20 19.17
C PHE B 66 39.16 22.88 18.91
N GLU B 67 37.90 22.78 19.33
CA GLU B 67 37.16 21.56 19.11
C GLU B 67 36.85 21.28 17.65
N ILE B 68 36.59 22.32 16.84
CA ILE B 68 36.34 22.16 15.41
C ILE B 68 37.61 21.59 14.80
N ASN B 69 38.78 22.15 15.13
CA ASN B 69 40.03 21.69 14.60
C ASN B 69 40.39 20.29 15.08
N ALA B 70 40.04 19.95 16.33
CA ALA B 70 40.25 18.60 16.85
C ALA B 70 39.40 17.59 16.09
N CYS B 71 38.14 17.95 15.80
CA CYS B 71 37.25 17.09 15.04
C CYS B 71 37.82 16.93 13.64
N ARG B 72 38.23 18.01 12.96
CA ARG B 72 38.82 17.95 11.63
C ARG B 72 40.05 17.07 11.58
N LYS B 73 40.86 17.08 12.64
CA LYS B 73 42.06 16.27 12.72
C LYS B 73 41.64 14.80 12.85
N ALA B 74 40.65 14.47 13.68
CA ALA B 74 40.25 13.08 13.86
C ALA B 74 39.32 12.53 12.78
N ARG B 75 38.57 13.39 12.08
CA ARG B 75 37.59 12.98 11.09
C ARG B 75 37.83 13.79 9.81
N SER B 76 38.99 13.68 9.18
CA SER B 76 39.32 14.48 8.00
C SER B 76 38.46 14.27 6.76
N ASN B 77 37.99 13.05 6.55
CA ASN B 77 37.22 12.73 5.35
C ASN B 77 35.76 12.51 5.72
N PHE B 78 35.26 13.46 6.49
CA PHE B 78 33.89 13.45 6.96
C PHE B 78 33.33 14.83 6.70
N TYR B 79 32.00 14.93 6.72
CA TYR B 79 31.34 16.22 6.65
C TYR B 79 31.23 16.63 8.11
N ILE B 80 31.62 17.85 8.45
CA ILE B 80 31.50 18.31 9.83
C ILE B 80 30.70 19.59 9.75
N LYS B 81 29.79 19.82 10.68
CA LYS B 81 28.97 21.01 10.71
C LYS B 81 28.93 21.55 12.14
N VAL B 82 28.71 22.86 12.29
CA VAL B 82 28.58 23.49 13.59
C VAL B 82 27.11 23.88 13.68
N VAL B 83 26.50 23.58 14.82
CA VAL B 83 25.09 23.78 15.08
C VAL B 83 24.97 24.71 16.26
N GLY B 84 24.02 25.65 16.20
CA GLY B 84 23.75 26.55 17.31
C GLY B 84 22.31 26.38 17.74
N PHE B 85 22.08 26.04 19.01
CA PHE B 85 20.75 25.76 19.53
C PHE B 85 20.30 26.87 20.48
N SER B 86 19.01 27.25 20.44
CA SER B 86 18.46 28.25 21.34
C SER B 86 17.40 27.58 22.19
N SER B 87 17.56 27.65 23.51
CA SER B 87 16.61 27.09 24.46
C SER B 87 15.41 28.00 24.74
N VAL B 88 15.28 29.15 24.06
CA VAL B 88 14.20 30.09 24.29
C VAL B 88 12.86 29.44 23.93
N ARG B 89 11.86 29.63 24.78
CA ARG B 89 10.55 29.00 24.69
C ARG B 89 9.88 28.89 23.32
N GLY B 90 9.79 29.93 22.51
CA GLY B 90 9.13 29.76 21.21
C GLY B 90 9.95 28.97 20.20
N ILE B 91 11.26 28.83 20.45
CA ILE B 91 12.19 28.24 19.50
C ILE B 91 12.54 26.81 19.88
N GLU B 92 13.36 26.60 20.91
CA GLU B 92 13.87 25.29 21.35
C GLU B 92 14.32 24.41 20.18
N SER B 93 15.17 24.99 19.35
CA SER B 93 15.64 24.33 18.15
C SER B 93 16.97 24.95 17.70
N THR B 94 17.47 24.41 16.59
CA THR B 94 18.69 24.87 15.95
C THR B 94 18.35 26.18 15.22
N ILE B 95 19.15 27.24 15.34
CA ILE B 95 18.88 28.42 14.53
C ILE B 95 20.02 28.69 13.55
N ILE B 96 21.10 27.90 13.51
CA ILE B 96 22.15 28.06 12.50
C ILE B 96 22.85 26.70 12.39
N SER B 97 23.25 26.29 11.18
CA SER B 97 23.92 25.02 10.97
C SER B 97 24.72 25.20 9.68
N PHE B 98 26.05 25.10 9.72
CA PHE B 98 26.88 25.32 8.55
C PHE B 98 28.05 24.37 8.53
N ILE B 99 28.45 23.97 7.33
CA ILE B 99 29.50 23.01 7.10
C ILE B 99 30.87 23.67 7.31
N VAL B 100 31.70 23.02 8.11
CA VAL B 100 33.07 23.48 8.32
C VAL B 100 34.08 22.48 7.80
N ASN B 101 33.70 21.34 7.22
CA ASN B 101 34.68 20.42 6.65
C ASN B 101 33.95 19.51 5.68
N ARG B 102 34.59 19.28 4.54
CA ARG B 102 34.06 18.48 3.46
C ARG B 102 35.20 17.58 3.04
N PRO B 103 34.96 16.32 2.67
CA PRO B 103 35.93 15.47 2.00
C PRO B 103 36.38 16.04 0.66
N LYS B 104 37.54 15.57 0.20
CA LYS B 104 38.14 16.05 -1.04
C LYS B 104 37.30 15.88 -2.29
N HIS B 105 36.44 14.86 -2.39
CA HIS B 105 35.62 14.68 -3.56
C HIS B 105 34.31 14.03 -3.17
N GLU B 106 33.21 14.67 -3.57
CA GLU B 106 31.87 14.16 -3.34
C GLU B 106 31.26 13.56 -4.62
N PRO B 107 31.03 12.24 -4.70
CA PRO B 107 30.38 11.54 -5.81
C PRO B 107 28.97 11.97 -6.16
N GLY B 108 28.11 12.16 -5.15
CA GLY B 108 26.74 12.56 -5.41
C GLY B 108 25.79 11.45 -5.02
N PHE B 109 24.60 11.44 -5.64
CA PHE B 109 23.52 10.53 -5.27
C PHE B 109 22.95 9.77 -6.43
N ASN B 110 22.47 8.57 -6.12
CA ASN B 110 21.81 7.71 -7.07
C ASN B 110 20.32 7.94 -6.86
N LEU B 111 19.54 7.90 -7.94
CA LEU B 111 18.11 8.08 -7.87
C LEU B 111 17.49 6.80 -8.43
N MET B 112 16.73 6.13 -7.58
CA MET B 112 16.04 4.89 -7.92
C MET B 112 14.60 5.27 -8.19
N ARG B 113 14.04 4.74 -9.27
CA ARG B 113 12.67 4.99 -9.67
C ARG B 113 11.91 3.65 -9.76
N GLN B 114 11.17 3.30 -8.72
CA GLN B 114 10.39 2.07 -8.71
C GLN B 114 8.99 2.41 -9.24
N GLU B 115 8.54 1.65 -10.23
CA GLU B 115 7.24 1.88 -10.82
C GLU B 115 6.18 1.31 -9.91
N ASP B 116 5.19 2.12 -9.61
CA ASP B 116 4.13 1.72 -8.72
C ASP B 116 2.81 1.76 -9.49
N LYS B 117 1.70 2.23 -8.93
CA LYS B 117 0.41 2.25 -9.60
C LYS B 117 0.42 3.28 -10.71
N SER B 118 -0.10 2.92 -11.88
CA SER B 118 -0.18 3.79 -13.04
C SER B 118 1.13 4.50 -13.37
N ARG B 119 1.29 5.83 -13.25
CA ARG B 119 2.55 6.48 -13.60
C ARG B 119 3.26 6.94 -12.33
N SER B 120 2.79 6.52 -11.16
CA SER B 120 3.39 6.89 -9.89
C SER B 120 4.69 6.11 -9.69
N ILE B 121 5.69 6.80 -9.16
CA ILE B 121 6.99 6.24 -8.88
C ILE B 121 7.29 6.44 -7.39
N LYS B 122 7.99 5.49 -6.76
CA LYS B 122 8.45 5.62 -5.39
C LYS B 122 9.95 5.82 -5.56
N TYR B 123 10.51 6.86 -4.95
CA TYR B 123 11.91 7.22 -5.16
C TYR B 123 12.81 6.92 -3.97
N THR B 124 14.03 6.51 -4.26
CA THR B 124 15.03 6.28 -3.24
C THR B 124 16.24 7.08 -3.68
N ILE B 125 16.72 7.96 -2.81
CA ILE B 125 17.92 8.72 -3.09
C ILE B 125 18.95 8.04 -2.20
N HIS B 126 20.13 7.72 -2.69
CA HIS B 126 21.14 7.08 -1.85
C HIS B 126 22.50 7.59 -2.28
N SER B 127 23.36 8.09 -1.38
CA SER B 127 24.67 8.56 -1.79
C SER B 127 25.53 7.40 -2.22
N TYR B 128 26.27 7.63 -3.31
CA TYR B 128 27.14 6.62 -3.87
C TYR B 128 28.17 6.13 -2.88
N GLU B 129 28.76 7.02 -2.07
CA GLU B 129 29.69 6.57 -1.05
C GLU B 129 29.05 5.66 -0.02
N SER B 130 27.76 5.77 0.27
CA SER B 130 27.13 4.90 1.24
C SER B 130 26.79 3.51 0.65
N TYR B 131 27.37 3.17 -0.50
CA TYR B 131 27.31 1.80 -0.98
C TYR B 131 28.57 1.10 -0.52
N LYS B 132 29.53 1.86 0.03
CA LYS B 132 30.77 1.34 0.57
C LYS B 132 30.55 1.30 2.08
N PRO B 133 31.14 0.37 2.84
CA PRO B 133 31.14 0.43 4.30
C PRO B 133 31.74 1.71 4.86
N GLU B 134 31.21 2.13 6.00
CA GLU B 134 31.58 3.36 6.70
C GLU B 134 33.07 3.66 6.78
N ASP B 135 33.87 2.66 7.11
CA ASP B 135 35.31 2.79 7.24
C ASP B 135 36.07 2.99 5.92
N GLU B 136 35.38 2.82 4.78
CA GLU B 136 35.99 2.90 3.46
C GLU B 136 35.46 4.07 2.64
N ARG B 137 34.74 5.00 3.27
CA ARG B 137 34.15 6.11 2.54
C ARG B 137 35.08 7.32 2.54
N TYR B 138 35.19 7.91 1.35
CA TYR B 138 35.92 9.14 1.06
C TYR B 138 37.42 9.00 1.31
N ARG C 15 -63.13 23.28 -20.71
CA ARG C 15 -64.07 22.83 -21.73
C ARG C 15 -63.13 22.44 -22.88
N ILE C 16 -63.61 21.79 -23.96
CA ILE C 16 -62.80 21.35 -25.09
C ILE C 16 -62.11 22.53 -25.77
N LYS C 17 -60.93 22.30 -26.38
CA LYS C 17 -60.15 23.31 -27.06
C LYS C 17 -60.65 23.57 -28.47
N ASN C 18 -60.29 24.72 -29.03
CA ASN C 18 -60.68 25.07 -30.39
C ASN C 18 -59.61 25.97 -31.00
N SER C 19 -58.60 25.41 -31.69
CA SER C 19 -57.46 26.14 -32.27
C SER C 19 -56.47 25.12 -32.85
N ARG C 20 -55.17 25.47 -32.93
CA ARG C 20 -54.06 24.57 -33.28
C ARG C 20 -53.95 23.44 -32.28
N TYR C 21 -54.48 23.59 -31.07
CA TYR C 21 -54.36 22.55 -30.06
C TYR C 21 -55.62 21.74 -29.84
N GLU C 22 -56.54 21.75 -30.82
CA GLU C 22 -57.72 20.92 -30.66
C GLU C 22 -57.32 19.55 -31.16
N SER C 23 -57.89 18.55 -30.50
CA SER C 23 -57.62 17.16 -30.78
C SER C 23 -57.80 16.76 -32.23
N GLY C 24 -56.84 15.99 -32.73
CA GLY C 24 -56.88 15.52 -34.09
C GLY C 24 -55.47 15.33 -34.59
N VAL C 25 -55.36 14.74 -35.77
CA VAL C 25 -54.08 14.48 -36.39
C VAL C 25 -53.93 15.53 -37.46
N ILE C 26 -52.85 16.31 -37.42
CA ILE C 26 -52.50 17.24 -38.47
C ILE C 26 -51.06 16.87 -38.85
N PRO C 27 -50.54 17.09 -40.06
CA PRO C 27 -49.17 16.74 -40.42
C PRO C 27 -48.08 17.46 -39.64
N TYR C 28 -46.94 16.79 -39.42
CA TYR C 28 -45.81 17.33 -38.69
C TYR C 28 -45.31 18.67 -39.22
N ALA C 29 -45.41 18.93 -40.52
CA ALA C 29 -45.00 20.21 -41.10
C ALA C 29 -45.90 21.35 -40.59
N LYS C 30 -47.20 21.07 -40.41
CA LYS C 30 -48.14 22.05 -39.88
C LYS C 30 -48.01 22.21 -38.37
N MET C 31 -47.41 21.22 -37.69
CA MET C 31 -47.24 21.29 -36.24
C MET C 31 -46.11 22.21 -35.79
N GLY C 32 -45.30 22.76 -36.70
CA GLY C 32 -44.25 23.69 -36.31
C GLY C 32 -42.83 23.12 -36.44
N TYR C 33 -42.67 21.93 -37.00
CA TYR C 33 -41.33 21.34 -37.12
C TYR C 33 -40.63 21.63 -38.44
N TRP C 34 -41.31 22.33 -39.35
CA TRP C 34 -40.72 22.75 -40.60
C TRP C 34 -40.71 24.26 -40.52
N ASN C 35 -39.54 24.86 -40.61
CA ASN C 35 -39.45 26.30 -40.62
C ASN C 35 -38.21 26.67 -41.43
N PRO C 36 -38.35 26.95 -42.74
CA PRO C 36 -37.26 27.33 -43.60
C PRO C 36 -36.65 28.70 -43.26
N ASP C 37 -37.28 29.49 -42.41
CA ASP C 37 -36.77 30.81 -42.10
C ASP C 37 -36.05 30.84 -40.76
N TYR C 38 -35.89 29.69 -40.09
CA TYR C 38 -35.24 29.64 -38.80
C TYR C 38 -33.77 30.05 -38.89
N GLN C 39 -33.38 30.92 -37.96
CA GLN C 39 -32.01 31.39 -37.89
C GLN C 39 -31.34 30.54 -36.82
N VAL C 40 -30.28 29.85 -37.23
CA VAL C 40 -29.54 28.96 -36.34
C VAL C 40 -28.83 29.76 -35.26
N LYS C 41 -29.20 29.47 -34.02
CA LYS C 41 -28.57 30.07 -32.86
C LYS C 41 -27.27 29.32 -32.60
N ASP C 42 -26.22 30.01 -32.15
CA ASP C 42 -24.96 29.36 -31.85
C ASP C 42 -25.00 28.29 -30.77
N THR C 43 -26.06 28.26 -29.96
CA THR C 43 -26.23 27.25 -28.94
C THR C 43 -26.98 26.02 -29.42
N ASP C 44 -27.42 25.95 -30.68
CA ASP C 44 -28.20 24.82 -31.14
C ASP C 44 -27.35 23.62 -31.50
N VAL C 45 -27.92 22.44 -31.28
CA VAL C 45 -27.32 21.19 -31.71
C VAL C 45 -27.94 21.03 -33.09
N LEU C 46 -27.10 20.84 -34.10
CA LEU C 46 -27.61 20.69 -35.46
C LEU C 46 -27.32 19.27 -35.90
N ALA C 47 -28.23 18.64 -36.65
CA ALA C 47 -28.02 17.29 -37.15
C ALA C 47 -28.36 17.25 -38.62
N LEU C 48 -27.60 16.48 -39.39
CA LEU C 48 -27.89 16.31 -40.79
C LEU C 48 -28.30 14.86 -41.02
N PHE C 49 -29.48 14.68 -41.59
CA PHE C 49 -30.01 13.38 -41.90
C PHE C 49 -30.12 13.20 -43.41
N ARG C 50 -29.89 11.98 -43.89
CA ARG C 50 -30.08 11.61 -45.28
C ARG C 50 -31.40 10.84 -45.19
N VAL C 51 -32.47 11.43 -45.69
CA VAL C 51 -33.82 10.89 -45.59
C VAL C 51 -34.23 10.27 -46.92
N THR C 52 -34.69 9.02 -46.92
CA THR C 52 -35.33 8.45 -48.09
C THR C 52 -36.77 8.29 -47.63
N PRO C 53 -37.73 9.17 -47.97
CA PRO C 53 -39.15 8.99 -47.66
C PRO C 53 -39.78 7.84 -48.43
N GLN C 54 -40.90 7.33 -47.92
CA GLN C 54 -41.65 6.30 -48.63
C GLN C 54 -42.26 6.95 -49.88
N PRO C 55 -42.51 6.26 -50.98
CA PRO C 55 -43.29 6.77 -52.10
C PRO C 55 -44.61 7.40 -51.66
N GLY C 56 -44.79 8.66 -52.05
CA GLY C 56 -45.99 9.39 -51.72
C GLY C 56 -45.79 10.37 -50.57
N VAL C 57 -44.78 10.17 -49.72
CA VAL C 57 -44.55 11.10 -48.62
C VAL C 57 -43.71 12.24 -49.15
N ASP C 58 -44.20 13.47 -48.95
CA ASP C 58 -43.50 14.68 -49.35
C ASP C 58 -42.21 14.78 -48.52
N PRO C 59 -41.03 15.03 -49.12
CA PRO C 59 -39.77 15.19 -48.39
C PRO C 59 -39.81 16.16 -47.23
N ILE C 60 -40.49 17.29 -47.37
CA ILE C 60 -40.64 18.27 -46.29
C ILE C 60 -41.39 17.66 -45.10
N GLU C 61 -42.42 16.86 -45.35
CA GLU C 61 -43.18 16.23 -44.29
C GLU C 61 -42.33 15.17 -43.60
N ALA C 62 -41.52 14.44 -44.36
CA ALA C 62 -40.63 13.44 -43.78
C ALA C 62 -39.58 14.12 -42.91
N ALA C 63 -38.99 15.24 -43.34
CA ALA C 63 -37.99 15.94 -42.55
C ALA C 63 -38.61 16.48 -41.26
N ALA C 64 -39.82 17.03 -41.39
CA ALA C 64 -40.58 17.52 -40.26
C ALA C 64 -40.92 16.39 -39.29
N ALA C 65 -41.23 15.20 -39.81
CA ALA C 65 -41.54 14.04 -38.99
C ALA C 65 -40.34 13.61 -38.17
N VAL C 66 -39.16 13.61 -38.79
CA VAL C 66 -37.90 13.26 -38.12
C VAL C 66 -37.66 14.28 -37.02
N ALA C 67 -37.71 15.58 -37.33
CA ALA C 67 -37.52 16.66 -36.35
C ALA C 67 -38.49 16.60 -35.18
N GLY C 68 -39.75 16.33 -35.49
CA GLY C 68 -40.81 16.27 -34.51
C GLY C 68 -40.63 15.14 -33.51
N GLU C 69 -40.43 13.94 -34.03
CA GLU C 69 -40.30 12.77 -33.20
C GLU C 69 -38.94 12.68 -32.52
N SER C 70 -37.92 13.46 -32.90
CA SER C 70 -36.70 13.46 -32.12
C SER C 70 -36.71 14.60 -31.10
N SER C 71 -37.80 15.38 -30.99
CA SER C 71 -37.86 16.43 -30.01
C SER C 71 -39.09 16.44 -29.11
N THR C 72 -40.30 16.78 -29.61
CA THR C 72 -41.46 16.99 -28.76
C THR C 72 -42.79 16.41 -29.19
N ALA C 73 -42.89 16.05 -30.46
CA ALA C 73 -44.15 15.61 -31.03
C ALA C 73 -44.49 14.16 -30.83
N THR C 74 -45.76 13.91 -31.07
CA THR C 74 -46.26 12.57 -31.18
C THR C 74 -47.21 12.64 -32.39
N TRP C 75 -47.82 11.52 -32.71
CA TRP C 75 -48.66 11.40 -33.89
C TRP C 75 -49.95 12.21 -33.90
N THR C 76 -50.45 12.67 -32.76
CA THR C 76 -51.71 13.40 -32.71
C THR C 76 -51.42 14.66 -31.89
N VAL C 77 -52.27 15.68 -31.97
CA VAL C 77 -52.12 16.91 -31.20
C VAL C 77 -52.39 16.64 -29.73
N VAL C 78 -51.52 17.15 -28.85
CA VAL C 78 -51.73 17.01 -27.42
C VAL C 78 -51.76 18.42 -26.85
N TRP C 79 -52.81 18.76 -26.10
CA TRP C 79 -52.95 20.09 -25.51
C TRP C 79 -51.86 20.45 -24.51
N THR C 80 -51.22 19.45 -23.89
CA THR C 80 -50.20 19.65 -22.88
C THR C 80 -48.99 20.44 -23.35
N ASP C 81 -48.82 20.61 -24.67
CA ASP C 81 -47.78 21.48 -25.23
C ASP C 81 -47.89 22.87 -24.64
N LEU C 82 -49.13 23.32 -24.44
CA LEU C 82 -49.43 24.63 -23.89
C LEU C 82 -48.90 24.85 -22.49
N LEU C 83 -48.56 23.79 -21.76
CA LEU C 83 -48.00 23.92 -20.44
C LEU C 83 -46.48 24.09 -20.50
N THR C 84 -45.88 24.22 -21.69
CA THR C 84 -44.44 24.34 -21.82
C THR C 84 -44.20 25.53 -22.77
N ALA C 85 -42.95 25.98 -22.91
CA ALA C 85 -42.61 26.98 -23.92
C ALA C 85 -42.39 26.16 -25.20
N ALA C 86 -43.49 25.61 -25.72
CA ALA C 86 -43.50 24.71 -26.86
C ALA C 86 -42.73 25.18 -28.08
N ASP C 87 -42.91 26.45 -28.43
CA ASP C 87 -42.24 27.05 -29.59
C ASP C 87 -40.73 26.99 -29.52
N LEU C 88 -40.16 27.00 -28.32
CA LEU C 88 -38.72 26.97 -28.18
C LEU C 88 -38.23 25.53 -28.23
N TYR C 89 -38.97 24.62 -27.60
CA TYR C 89 -38.55 23.23 -27.53
C TYR C 89 -38.71 22.44 -28.81
N ARG C 90 -39.59 22.85 -29.73
CA ARG C 90 -39.74 22.15 -30.99
C ARG C 90 -38.47 22.23 -31.81
N ALA C 91 -38.02 21.11 -32.37
CA ALA C 91 -36.86 21.13 -33.22
C ALA C 91 -37.35 21.58 -34.57
N LYS C 92 -36.53 22.29 -35.37
CA LYS C 92 -37.02 22.75 -36.65
C LYS C 92 -36.11 22.25 -37.74
N ALA C 93 -36.70 21.60 -38.73
CA ALA C 93 -35.99 21.25 -39.95
C ALA C 93 -36.00 22.60 -40.68
N TYR C 94 -34.84 23.09 -41.07
CA TYR C 94 -34.77 24.39 -41.69
C TYR C 94 -34.30 24.40 -43.14
N LYS C 95 -33.82 23.28 -43.67
CA LYS C 95 -33.32 23.22 -45.04
C LYS C 95 -33.41 21.77 -45.49
N VAL C 96 -33.93 21.54 -46.69
CA VAL C 96 -34.00 20.23 -47.30
C VAL C 96 -33.43 20.41 -48.70
N ASP C 97 -32.38 19.66 -49.02
CA ASP C 97 -31.75 19.69 -50.33
C ASP C 97 -31.79 18.27 -50.89
N GLN C 98 -31.71 18.06 -52.18
CA GLN C 98 -31.75 16.70 -52.73
C GLN C 98 -30.31 16.23 -52.83
N VAL C 99 -30.09 14.93 -52.63
CA VAL C 99 -28.76 14.36 -52.71
C VAL C 99 -28.31 14.32 -54.17
N PRO C 100 -27.13 14.86 -54.51
CA PRO C 100 -26.63 15.06 -55.87
C PRO C 100 -27.00 14.08 -56.97
N ASN C 101 -26.77 12.78 -56.79
CA ASN C 101 -27.12 11.86 -57.87
C ASN C 101 -28.11 10.81 -57.44
N ASN C 102 -29.02 11.18 -56.55
CA ASN C 102 -30.02 10.23 -56.11
C ASN C 102 -31.31 10.98 -55.87
N PRO C 103 -32.30 10.83 -56.75
CA PRO C 103 -33.60 11.47 -56.60
C PRO C 103 -34.42 11.05 -55.38
N GLU C 104 -34.17 9.88 -54.78
CA GLU C 104 -34.94 9.43 -53.63
C GLU C 104 -34.45 9.99 -52.30
N GLN C 105 -33.19 10.40 -52.23
CA GLN C 105 -32.61 10.84 -50.97
C GLN C 105 -32.54 12.35 -50.85
N TYR C 106 -32.71 12.83 -49.62
CA TYR C 106 -32.68 14.25 -49.31
C TYR C 106 -31.79 14.48 -48.11
N PHE C 107 -31.11 15.62 -48.04
CA PHE C 107 -30.31 15.99 -46.90
C PHE C 107 -31.16 16.97 -46.12
N ALA C 108 -31.50 16.66 -44.86
CA ALA C 108 -32.33 17.51 -44.04
C ALA C 108 -31.52 18.01 -42.86
N TYR C 109 -31.50 19.33 -42.71
CA TYR C 109 -30.77 20.01 -41.67
C TYR C 109 -31.77 20.31 -40.58
N ILE C 110 -31.56 19.82 -39.35
CA ILE C 110 -32.48 20.05 -38.25
C ILE C 110 -31.73 20.70 -37.10
N ALA C 111 -32.36 21.66 -36.43
CA ALA C 111 -31.80 22.37 -35.31
C ALA C 111 -32.56 22.06 -34.03
N TYR C 112 -31.84 21.78 -32.94
CA TYR C 112 -32.38 21.40 -31.65
C TYR C 112 -31.87 22.38 -30.60
N GLU C 113 -32.76 22.86 -29.74
CA GLU C 113 -32.41 23.78 -28.67
C GLU C 113 -31.56 23.11 -27.58
N LEU C 114 -30.51 23.81 -27.13
CA LEU C 114 -29.61 23.37 -26.07
C LEU C 114 -30.32 22.80 -24.84
N ASP C 115 -31.41 23.44 -24.41
CA ASP C 115 -32.18 23.03 -23.23
C ASP C 115 -32.79 21.64 -23.29
N LEU C 116 -32.81 21.01 -24.47
CA LEU C 116 -33.39 19.69 -24.60
C LEU C 116 -32.45 18.60 -24.11
N PHE C 117 -31.18 18.92 -23.91
CA PHE C 117 -30.18 17.92 -23.59
C PHE C 117 -29.62 18.00 -22.19
N GLU C 118 -29.30 16.80 -21.68
CA GLU C 118 -28.64 16.68 -20.40
C GLU C 118 -27.16 16.89 -20.65
N GLU C 119 -26.58 17.70 -19.78
CA GLU C 119 -25.19 18.06 -19.83
C GLU C 119 -24.32 16.83 -19.60
N GLY C 120 -23.26 16.74 -20.40
CA GLY C 120 -22.30 15.65 -20.29
C GLY C 120 -22.83 14.26 -20.62
N SER C 121 -24.00 14.07 -21.23
CA SER C 121 -24.52 12.73 -21.45
C SER C 121 -24.72 12.33 -22.91
N ILE C 122 -23.88 11.39 -23.38
CA ILE C 122 -24.00 10.86 -24.73
C ILE C 122 -25.32 10.10 -24.80
N ALA C 123 -25.68 9.33 -23.77
CA ALA C 123 -26.94 8.61 -23.71
C ALA C 123 -28.16 9.48 -23.95
N ASN C 124 -28.24 10.65 -23.30
CA ASN C 124 -29.39 11.53 -23.49
C ASN C 124 -29.41 12.12 -24.89
N LEU C 125 -28.24 12.50 -25.42
CA LEU C 125 -28.13 13.03 -26.78
C LEU C 125 -28.67 12.02 -27.78
N THR C 126 -28.18 10.78 -27.71
CA THR C 126 -28.60 9.75 -28.64
C THR C 126 -30.05 9.34 -28.50
N ALA C 127 -30.58 9.36 -27.27
CA ALA C 127 -31.97 9.01 -27.01
C ALA C 127 -32.93 9.91 -27.78
N SER C 128 -32.56 11.18 -27.98
CA SER C 128 -33.35 12.06 -28.82
C SER C 128 -32.99 11.87 -30.30
N ILE C 129 -31.73 12.05 -30.70
CA ILE C 129 -31.35 12.02 -32.10
C ILE C 129 -31.57 10.68 -32.81
N ILE C 130 -31.18 9.54 -32.23
CA ILE C 130 -31.35 8.26 -32.91
C ILE C 130 -32.36 7.36 -32.21
N GLY C 131 -33.10 7.90 -31.25
CA GLY C 131 -34.02 7.11 -30.42
C GLY C 131 -35.04 6.25 -31.14
N ASN C 132 -35.95 6.89 -31.87
CA ASN C 132 -37.06 6.18 -32.50
C ASN C 132 -37.16 6.44 -33.99
N VAL C 133 -36.76 7.62 -34.47
CA VAL C 133 -36.94 8.00 -35.88
C VAL C 133 -36.45 7.07 -36.98
N PHE C 134 -35.48 6.19 -36.73
CA PHE C 134 -35.00 5.31 -37.77
C PHE C 134 -35.92 4.14 -38.10
N GLY C 135 -36.93 3.90 -37.27
CA GLY C 135 -37.87 2.82 -37.51
C GLY C 135 -39.24 3.39 -37.85
N PHE C 136 -39.30 4.67 -38.20
CA PHE C 136 -40.56 5.33 -38.48
C PHE C 136 -41.05 4.85 -39.83
N LYS C 137 -42.26 4.29 -39.93
CA LYS C 137 -42.79 3.74 -41.18
C LYS C 137 -42.73 4.66 -42.40
N ALA C 138 -42.99 5.95 -42.20
CA ALA C 138 -43.03 6.91 -43.30
C ALA C 138 -41.68 7.16 -43.96
N VAL C 139 -40.59 6.78 -43.31
CA VAL C 139 -39.27 7.00 -43.82
C VAL C 139 -38.83 5.59 -44.22
N LYS C 140 -38.41 5.40 -45.46
CA LYS C 140 -37.97 4.12 -45.96
C LYS C 140 -36.54 3.83 -45.50
N ALA C 141 -35.71 4.87 -45.43
CA ALA C 141 -34.33 4.76 -44.99
C ALA C 141 -33.95 6.10 -44.40
N LEU C 142 -32.91 6.14 -43.58
CA LEU C 142 -32.54 7.33 -42.82
C LEU C 142 -31.13 7.07 -42.36
N ARG C 143 -30.26 8.04 -42.53
CA ARG C 143 -28.88 7.90 -42.11
C ARG C 143 -28.50 9.19 -41.41
N LEU C 144 -27.84 9.13 -40.25
CA LEU C 144 -27.35 10.32 -39.60
C LEU C 144 -25.95 10.52 -40.14
N GLU C 145 -25.75 11.64 -40.82
CA GLU C 145 -24.47 11.93 -41.46
C GLU C 145 -23.50 12.75 -40.64
N ASP C 146 -23.97 13.83 -40.03
CA ASP C 146 -23.07 14.69 -39.29
C ASP C 146 -23.87 15.47 -38.27
N MET C 147 -23.18 16.11 -37.33
CA MET C 147 -23.81 16.89 -36.29
C MET C 147 -22.93 18.08 -35.94
N ARG C 148 -23.50 19.22 -35.59
CA ARG C 148 -22.72 20.38 -35.16
C ARG C 148 -23.07 20.44 -33.70
N LEU C 149 -22.08 20.22 -32.86
CA LEU C 149 -22.29 20.25 -31.44
C LEU C 149 -21.75 21.59 -30.98
N PRO C 150 -22.57 22.40 -30.31
CA PRO C 150 -22.23 23.77 -29.98
C PRO C 150 -21.24 23.84 -28.85
N LEU C 151 -20.45 24.90 -28.87
CA LEU C 151 -19.43 25.20 -27.88
C LEU C 151 -19.89 25.04 -26.44
N ALA C 152 -21.06 25.62 -26.12
CA ALA C 152 -21.63 25.54 -24.79
C ALA C 152 -22.00 24.12 -24.38
N TYR C 153 -22.37 23.23 -25.32
CA TYR C 153 -22.68 21.85 -24.97
C TYR C 153 -21.38 21.09 -24.81
N LEU C 154 -20.43 21.32 -25.71
CA LEU C 154 -19.15 20.63 -25.70
C LEU C 154 -18.40 20.82 -24.40
N LYS C 155 -18.46 22.01 -23.81
CA LYS C 155 -17.82 22.29 -22.54
C LYS C 155 -18.38 21.49 -21.36
N THR C 156 -19.51 20.78 -21.48
CA THR C 156 -19.98 19.98 -20.36
C THR C 156 -19.42 18.55 -20.42
N PHE C 157 -18.55 18.28 -21.40
CA PHE C 157 -17.94 17.00 -21.60
C PHE C 157 -16.47 17.05 -21.23
N GLN C 158 -15.95 15.92 -20.78
CA GLN C 158 -14.57 15.80 -20.34
C GLN C 158 -13.58 15.88 -21.49
N GLY C 159 -13.90 15.21 -22.60
CA GLY C 159 -12.96 15.08 -23.69
C GLY C 159 -11.94 14.00 -23.32
N PRO C 160 -10.98 13.63 -24.19
CA PRO C 160 -9.99 12.61 -23.95
C PRO C 160 -9.29 12.69 -22.60
N ALA C 161 -9.26 11.55 -21.90
CA ALA C 161 -8.60 11.46 -20.60
C ALA C 161 -7.14 11.91 -20.61
N THR C 162 -6.41 11.44 -21.60
CA THR C 162 -5.02 11.80 -21.81
C THR C 162 -4.89 12.74 -23.01
N GLY C 163 -5.33 12.30 -24.20
CA GLY C 163 -5.20 13.10 -25.39
C GLY C 163 -3.82 12.86 -26.01
N VAL C 164 -3.75 12.98 -27.33
CA VAL C 164 -2.54 12.78 -28.12
C VAL C 164 -1.28 13.42 -27.54
N ILE C 165 -1.34 14.71 -27.25
CA ILE C 165 -0.18 15.47 -26.80
C ILE C 165 0.40 14.91 -25.50
N LEU C 166 -0.44 14.76 -24.48
CA LEU C 166 0.01 14.24 -23.20
C LEU C 166 0.46 12.79 -23.33
N GLU C 167 -0.22 11.98 -24.15
CA GLU C 167 0.15 10.60 -24.40
C GLU C 167 1.59 10.48 -24.89
N ARG C 168 1.93 11.26 -25.91
CA ARG C 168 3.28 11.22 -26.46
C ARG C 168 4.29 11.67 -25.41
N GLU C 169 3.94 12.63 -24.54
CA GLU C 169 4.83 13.08 -23.47
C GLU C 169 5.07 11.98 -22.45
N ARG C 170 4.02 11.19 -22.11
CA ARG C 170 4.18 10.09 -21.17
C ARG C 170 4.98 8.96 -21.79
N LEU C 171 4.93 8.78 -23.11
CA LEU C 171 5.68 7.73 -23.76
C LEU C 171 7.07 8.14 -24.21
N ASP C 172 7.33 9.44 -24.35
CA ASP C 172 8.55 10.06 -24.87
C ASP C 172 8.83 9.61 -26.31
N LYS C 173 7.75 9.63 -27.10
CA LYS C 173 7.76 9.21 -28.49
C LYS C 173 7.08 10.28 -29.32
N PHE C 174 7.83 10.96 -30.20
CA PHE C 174 7.31 12.09 -30.97
C PHE C 174 7.80 12.00 -32.40
N GLY C 175 7.12 12.67 -33.33
CA GLY C 175 7.59 12.77 -34.71
C GLY C 175 7.27 11.61 -35.64
N ARG C 176 6.81 10.47 -35.16
CA ARG C 176 6.55 9.33 -36.01
C ARG C 176 5.24 8.72 -35.54
N PRO C 177 4.47 8.00 -36.35
CA PRO C 177 3.39 7.13 -35.88
C PRO C 177 3.84 6.14 -34.82
N LEU C 178 2.91 5.68 -33.99
CA LEU C 178 3.25 4.68 -33.01
C LEU C 178 2.91 3.33 -33.64
N LEU C 179 3.55 2.24 -33.24
CA LEU C 179 3.34 0.93 -33.84
C LEU C 179 2.78 -0.03 -32.82
N GLY C 180 1.77 -0.79 -33.24
CA GLY C 180 1.09 -1.73 -32.37
C GLY C 180 0.92 -3.07 -33.06
N CYS C 181 0.24 -4.01 -32.41
CA CYS C 181 0.06 -5.35 -32.94
C CYS C 181 -1.01 -6.08 -32.15
N THR C 182 -2.01 -6.66 -32.82
CA THR C 182 -2.96 -7.48 -32.11
C THR C 182 -2.36 -8.89 -32.05
N THR C 183 -2.37 -9.54 -30.89
CA THR C 183 -1.88 -10.91 -30.75
C THR C 183 -2.80 -11.85 -31.52
N LYS C 184 -2.20 -12.80 -32.24
CA LYS C 184 -2.93 -13.77 -33.05
C LYS C 184 -2.44 -15.18 -32.71
N PRO C 185 -3.23 -16.27 -32.74
CA PRO C 185 -4.64 -16.32 -33.13
C PRO C 185 -5.56 -15.49 -32.25
N LYS C 186 -6.69 -15.02 -32.76
CA LYS C 186 -7.58 -14.17 -31.99
C LYS C 186 -7.96 -14.81 -30.66
N LEU C 187 -8.36 -16.08 -30.71
CA LEU C 187 -8.76 -16.79 -29.50
C LEU C 187 -7.96 -18.08 -29.38
N GLY C 188 -7.73 -18.50 -28.14
CA GLY C 188 -7.13 -19.80 -27.92
C GLY C 188 -5.80 -19.79 -27.17
N LEU C 189 -5.02 -18.72 -27.17
CA LEU C 189 -3.76 -18.74 -26.45
C LEU C 189 -3.96 -18.68 -24.94
N SER C 190 -3.00 -19.23 -24.23
CA SER C 190 -2.99 -19.17 -22.78
C SER C 190 -2.38 -17.85 -22.34
N GLY C 191 -2.44 -17.52 -21.05
CA GLY C 191 -1.85 -16.31 -20.49
C GLY C 191 -0.34 -16.29 -20.70
N LYS C 192 0.29 -17.41 -20.38
CA LYS C 192 1.73 -17.61 -20.54
C LYS C 192 2.17 -17.36 -21.98
N ASN C 193 1.46 -17.95 -22.93
CA ASN C 193 1.83 -17.77 -24.33
C ASN C 193 1.53 -16.38 -24.84
N TYR C 194 0.50 -15.73 -24.31
CA TYR C 194 0.15 -14.36 -24.71
C TYR C 194 1.33 -13.46 -24.34
N GLY C 195 1.87 -13.64 -23.13
CA GLY C 195 3.02 -12.89 -22.65
C GLY C 195 4.27 -13.11 -23.51
N ARG C 196 4.46 -14.32 -24.03
CA ARG C 196 5.56 -14.65 -24.94
C ARG C 196 5.52 -13.74 -26.17
N VAL C 197 4.36 -13.72 -26.82
CA VAL C 197 4.16 -12.91 -28.02
C VAL C 197 4.38 -11.43 -27.71
N VAL C 198 3.85 -10.94 -26.59
CA VAL C 198 4.01 -9.56 -26.18
C VAL C 198 5.49 -9.21 -26.04
N TYR C 199 6.27 -10.03 -25.30
CA TYR C 199 7.69 -9.79 -25.10
C TYR C 199 8.43 -9.71 -26.43
N GLU C 200 8.23 -10.70 -27.29
CA GLU C 200 8.92 -10.75 -28.56
C GLU C 200 8.62 -9.54 -29.43
N ALA C 201 7.35 -9.17 -29.57
CA ALA C 201 6.99 -8.04 -30.41
C ALA C 201 7.49 -6.71 -29.88
N LEU C 202 7.38 -6.47 -28.57
CA LEU C 202 7.83 -5.22 -27.99
C LEU C 202 9.36 -5.12 -28.08
N LYS C 203 10.09 -6.17 -27.71
CA LYS C 203 11.55 -6.18 -27.79
C LYS C 203 12.02 -5.94 -29.23
N GLY C 204 11.31 -6.56 -30.19
CA GLY C 204 11.63 -6.43 -31.60
C GLY C 204 11.44 -5.01 -32.13
N GLY C 205 10.68 -4.13 -31.46
CA GLY C 205 10.54 -2.77 -31.94
C GLY C 205 9.14 -2.20 -31.94
N LEU C 206 8.10 -2.91 -31.53
CA LEU C 206 6.78 -2.29 -31.52
C LEU C 206 6.62 -1.50 -30.23
N ASP C 207 5.81 -0.46 -30.28
CA ASP C 207 5.61 0.38 -29.11
C ASP C 207 4.56 -0.24 -28.20
N PHE C 208 3.59 -0.87 -28.85
CA PHE C 208 2.46 -1.46 -28.18
C PHE C 208 2.13 -2.81 -28.78
N VAL C 209 1.47 -3.65 -27.99
CA VAL C 209 0.86 -4.89 -28.46
C VAL C 209 -0.52 -4.82 -27.79
N ASP C 211 -4.56 -6.87 -26.70
CA ASP C 211 -5.44 -8.01 -26.63
C ASP C 211 -6.35 -7.95 -27.83
N ASP C 212 -6.83 -9.09 -28.37
CA ASP C 212 -7.80 -8.87 -29.43
C ASP C 212 -9.10 -8.57 -28.74
N GLU C 213 -9.94 -7.77 -29.41
CA GLU C 213 -11.21 -7.33 -28.84
C GLU C 213 -12.08 -8.39 -28.19
N ASN C 214 -11.99 -9.64 -28.61
CA ASN C 214 -12.78 -10.69 -28.03
C ASN C 214 -12.01 -11.49 -26.98
N ILE C 215 -10.78 -11.11 -26.64
CA ILE C 215 -9.99 -11.72 -25.58
C ILE C 215 -10.41 -10.97 -24.32
N ASN C 216 -11.08 -11.67 -23.42
CA ASN C 216 -11.54 -11.04 -22.18
C ASN C 216 -11.19 -12.01 -21.06
N SER C 217 -12.00 -13.03 -20.80
CA SER C 217 -11.72 -14.02 -19.77
C SER C 217 -12.53 -15.21 -20.26
N GLN C 218 -11.87 -16.29 -20.66
CA GLN C 218 -12.55 -17.43 -21.24
C GLN C 218 -11.95 -18.74 -20.73
N PRO C 219 -12.56 -19.92 -20.92
CA PRO C 219 -11.99 -21.21 -20.53
C PRO C 219 -10.52 -21.46 -20.88
N PHE C 220 -10.05 -21.05 -22.06
CA PHE C 220 -8.66 -21.24 -22.44
C PHE C 220 -7.67 -20.29 -21.76
N MET C 221 -8.16 -19.16 -21.24
CA MET C 221 -7.32 -18.16 -20.60
C MET C 221 -8.19 -17.19 -19.83
N ARG C 222 -8.04 -17.13 -18.51
CA ARG C 222 -8.77 -16.16 -17.71
C ARG C 222 -7.92 -14.91 -17.64
N TRP C 223 -8.51 -13.80 -17.19
CA TRP C 223 -7.85 -12.53 -17.34
C TRP C 223 -6.68 -12.26 -16.43
N ARG C 224 -6.71 -12.70 -15.16
CA ARG C 224 -5.65 -12.39 -14.23
C ARG C 224 -4.28 -12.93 -14.65
N GLU C 225 -4.23 -14.12 -15.26
CA GLU C 225 -2.97 -14.69 -15.74
C GLU C 225 -2.39 -13.83 -16.83
N ARG C 226 -3.28 -13.40 -17.76
CA ARG C 226 -2.83 -12.64 -18.90
C ARG C 226 -2.27 -11.32 -18.41
N TYR C 227 -2.93 -10.66 -17.47
CA TYR C 227 -2.44 -9.40 -16.94
C TYR C 227 -1.09 -9.57 -16.26
N LEU C 228 -0.94 -10.58 -15.38
CA LEU C 228 0.33 -10.82 -14.70
C LEU C 228 1.46 -11.14 -15.65
N PHE C 229 1.26 -12.09 -16.57
CA PHE C 229 2.31 -12.47 -17.51
C PHE C 229 2.65 -11.38 -18.51
N THR C 230 1.66 -10.64 -19.00
CA THR C 230 1.88 -9.53 -19.90
C THR C 230 2.72 -8.44 -19.23
N MET C 231 2.44 -8.06 -17.99
CA MET C 231 3.22 -7.02 -17.34
C MET C 231 4.68 -7.39 -17.12
N GLU C 232 4.95 -8.68 -16.89
CA GLU C 232 6.32 -9.19 -16.81
C GLU C 232 6.97 -8.96 -18.18
N ALA C 233 6.30 -9.34 -19.26
CA ALA C 233 6.81 -9.16 -20.60
C ALA C 233 7.03 -7.70 -20.97
N VAL C 234 6.12 -6.80 -20.61
CA VAL C 234 6.21 -5.36 -20.86
C VAL C 234 7.44 -4.80 -20.17
N ASN C 235 7.65 -5.14 -18.90
CA ASN C 235 8.79 -4.60 -18.17
C ASN C 235 10.12 -5.17 -18.65
N LYS C 236 10.15 -6.45 -19.04
CA LYS C 236 11.36 -7.04 -19.61
C LYS C 236 11.70 -6.33 -20.91
N ALA C 237 10.73 -6.11 -21.79
CA ALA C 237 10.92 -5.39 -23.05
C ALA C 237 11.41 -3.96 -22.84
N SER C 238 10.84 -3.25 -21.86
CA SER C 238 11.26 -1.91 -21.52
C SER C 238 12.74 -1.94 -21.11
N ALA C 239 13.16 -2.83 -20.21
CA ALA C 239 14.55 -2.94 -19.79
C ALA C 239 15.49 -3.34 -20.93
N ALA C 240 14.97 -4.11 -21.88
CA ALA C 240 15.73 -4.53 -23.04
C ALA C 240 15.87 -3.44 -24.11
N THR C 241 14.99 -2.44 -24.14
CA THR C 241 15.08 -1.39 -25.16
C THR C 241 15.41 0.03 -24.72
N GLY C 242 15.12 0.35 -23.46
CA GLY C 242 15.24 1.71 -22.97
C GLY C 242 14.04 2.55 -23.41
N GLU C 243 12.90 1.93 -23.72
CA GLU C 243 11.71 2.64 -24.16
C GLU C 243 10.60 2.40 -23.16
N VAL C 244 9.57 3.26 -23.18
CA VAL C 244 8.37 3.03 -22.41
C VAL C 244 7.58 2.10 -23.34
N LYS C 245 7.14 0.96 -22.83
CA LYS C 245 6.39 -0.01 -23.63
C LYS C 245 5.03 -0.19 -22.99
N GLY C 246 4.07 -0.77 -23.72
CA GLY C 246 2.76 -1.03 -23.16
C GLY C 246 2.02 -2.09 -23.94
N HIS C 247 1.00 -2.64 -23.28
CA HIS C 247 0.14 -3.63 -23.89
C HIS C 247 -1.26 -3.26 -23.49
N TYR C 248 -2.19 -3.18 -24.45
CA TYR C 248 -3.56 -2.81 -24.15
C TYR C 248 -4.21 -4.01 -23.48
N LEU C 249 -4.39 -3.90 -22.17
CA LEU C 249 -5.09 -4.93 -21.43
C LEU C 249 -6.58 -4.66 -21.59
N ASN C 250 -7.31 -5.66 -22.07
CA ASN C 250 -8.71 -5.50 -22.34
C ASN C 250 -9.55 -5.72 -21.10
N VAL C 251 -10.19 -4.65 -20.64
CA VAL C 251 -11.02 -4.72 -19.45
C VAL C 251 -12.50 -4.91 -19.75
N THR C 252 -12.88 -5.18 -20.99
CA THR C 252 -14.28 -5.38 -21.37
C THR C 252 -14.87 -6.51 -20.54
N ALA C 253 -16.04 -6.33 -19.95
CA ALA C 253 -16.67 -7.36 -19.17
C ALA C 253 -18.17 -7.12 -19.15
N ALA C 254 -18.90 -8.09 -18.61
CA ALA C 254 -20.36 -8.05 -18.60
C ALA C 254 -20.97 -6.98 -17.73
N THR C 255 -20.41 -6.73 -16.55
CA THR C 255 -20.97 -5.74 -15.64
C THR C 255 -19.95 -4.65 -15.34
N MET C 256 -20.39 -3.50 -14.83
CA MET C 256 -19.50 -2.41 -14.52
C MET C 256 -18.51 -2.78 -13.42
N GLU C 257 -18.97 -3.50 -12.39
CA GLU C 257 -18.12 -3.93 -11.29
C GLU C 257 -16.98 -4.81 -11.76
N GLU C 258 -17.28 -5.73 -12.68
CA GLU C 258 -16.26 -6.60 -13.22
C GLU C 258 -15.27 -5.80 -14.05
N MET C 259 -15.71 -4.79 -14.81
CA MET C 259 -14.80 -3.95 -15.57
C MET C 259 -13.87 -3.16 -14.66
N TYR C 260 -14.43 -2.58 -13.60
CA TYR C 260 -13.66 -1.86 -12.61
C TYR C 260 -12.61 -2.74 -11.97
N ALA C 261 -12.94 -4.00 -11.68
CA ALA C 261 -12.00 -4.93 -11.10
C ALA C 261 -10.79 -5.14 -12.01
N ARG C 262 -11.05 -5.31 -13.31
CA ARG C 262 -9.99 -5.54 -14.27
C ARG C 262 -9.15 -4.30 -14.49
N ALA C 263 -9.80 -3.15 -14.63
CA ALA C 263 -9.14 -1.87 -14.79
C ALA C 263 -8.25 -1.56 -13.58
N ASN C 264 -8.76 -1.75 -12.37
CA ASN C 264 -8.00 -1.48 -11.17
C ASN C 264 -6.82 -2.41 -11.00
N PHE C 265 -6.91 -3.68 -11.43
CA PHE C 265 -5.76 -4.58 -11.35
C PHE C 265 -4.70 -4.10 -12.35
N ALA C 266 -5.09 -3.68 -13.56
CA ALA C 266 -4.14 -3.13 -14.53
C ALA C 266 -3.44 -1.90 -13.96
N LYS C 267 -4.21 -1.07 -13.26
CA LYS C 267 -3.70 0.12 -12.58
C LYS C 267 -2.66 -0.29 -11.55
N GLU C 268 -2.98 -1.30 -10.71
CA GLU C 268 -2.07 -1.79 -9.67
C GLU C 268 -0.76 -2.29 -10.22
N LEU C 269 -0.80 -2.99 -11.36
CA LEU C 269 0.40 -3.52 -11.98
C LEU C 269 1.24 -2.48 -12.72
N GLY C 270 0.79 -1.23 -12.85
CA GLY C 270 1.54 -0.19 -13.52
C GLY C 270 1.40 -0.17 -15.04
N SER C 271 0.30 -0.69 -15.61
CA SER C 271 0.14 -0.64 -17.05
C SER C 271 -0.11 0.81 -17.45
N VAL C 272 0.48 1.22 -18.56
CA VAL C 272 0.30 2.57 -19.07
C VAL C 272 -1.03 2.69 -19.85
N ILE C 273 -1.64 1.58 -20.25
CA ILE C 273 -2.82 1.63 -21.10
C ILE C 273 -3.75 0.44 -20.87
N ILE C 274 -5.04 0.64 -21.14
CA ILE C 274 -6.04 -0.41 -21.11
C ILE C 274 -6.90 -0.23 -22.36
N MET C 275 -7.77 -1.18 -22.69
CA MET C 275 -8.65 -1.03 -23.83
C MET C 275 -10.04 -1.55 -23.50
N ILE C 276 -11.02 -0.95 -24.16
CA ILE C 276 -12.43 -1.30 -24.03
C ILE C 276 -12.99 -1.48 -25.44
N ASP C 277 -14.14 -2.13 -25.57
CA ASP C 277 -14.77 -2.35 -26.85
C ASP C 277 -16.06 -1.53 -26.86
N LEU C 278 -16.38 -0.88 -27.99
CA LEU C 278 -17.58 -0.06 -28.18
C LEU C 278 -18.85 -0.76 -27.72
N VAL C 279 -18.84 -2.07 -27.94
CA VAL C 279 -19.91 -2.96 -27.58
C VAL C 279 -20.30 -2.92 -26.09
N ILE C 280 -19.48 -2.42 -25.15
CA ILE C 280 -19.90 -2.28 -23.75
C ILE C 280 -20.99 -1.21 -23.61
N GLY C 281 -21.01 -0.26 -24.55
CA GLY C 281 -22.02 0.78 -24.59
C GLY C 281 -21.54 2.11 -24.05
N TYR C 282 -22.32 3.15 -24.37
CA TYR C 282 -22.00 4.53 -24.05
C TYR C 282 -21.84 4.86 -22.58
N THR C 283 -22.73 4.43 -21.68
CA THR C 283 -22.59 4.72 -20.27
C THR C 283 -21.32 4.08 -19.71
N ALA C 284 -21.04 2.81 -20.03
CA ALA C 284 -19.80 2.18 -19.58
C ALA C 284 -18.57 2.88 -20.14
N ILE C 285 -18.60 3.33 -21.41
CA ILE C 285 -17.48 4.08 -22.00
C ILE C 285 -17.26 5.38 -21.21
N GLN C 286 -18.31 6.17 -20.97
CA GLN C 286 -18.17 7.42 -20.24
C GLN C 286 -17.63 7.22 -18.83
N THR C 287 -18.10 6.16 -18.17
CA THR C 287 -17.63 5.80 -16.83
C THR C 287 -16.13 5.46 -16.88
N MET C 288 -15.68 4.71 -17.89
CA MET C 288 -14.27 4.39 -18.01
C MET C 288 -13.42 5.57 -18.42
N ALA C 289 -13.96 6.52 -19.19
CA ALA C 289 -13.21 7.72 -19.59
C ALA C 289 -12.87 8.59 -18.39
N LYS C 290 -13.84 8.71 -17.47
CA LYS C 290 -13.63 9.43 -16.23
C LYS C 290 -12.58 8.71 -15.40
N TRP C 291 -12.71 7.37 -15.28
CA TRP C 291 -11.78 6.57 -14.51
C TRP C 291 -10.35 6.76 -15.04
N ALA C 292 -10.14 6.72 -16.35
CA ALA C 292 -8.85 6.90 -16.99
C ALA C 292 -8.23 8.25 -16.67
N ARG C 293 -9.02 9.33 -16.72
CA ARG C 293 -8.54 10.66 -16.38
C ARG C 293 -8.10 10.71 -14.92
N ASP C 294 -8.90 10.14 -14.03
CA ASP C 294 -8.59 10.12 -12.60
C ASP C 294 -7.45 9.19 -12.24
N ASN C 295 -7.09 8.23 -13.09
CA ASN C 295 -6.06 7.28 -12.75
C ASN C 295 -4.88 7.21 -13.70
N ASP C 296 -4.68 8.25 -14.50
CA ASP C 296 -3.54 8.41 -15.42
C ASP C 296 -3.30 7.20 -16.32
N MET C 297 -4.38 6.80 -16.97
CA MET C 297 -4.36 5.60 -17.77
C MET C 297 -4.77 5.99 -19.18
N ILE C 298 -4.07 5.51 -20.21
CA ILE C 298 -4.49 5.77 -21.57
C ILE C 298 -5.63 4.79 -21.86
N LEU C 299 -6.72 5.28 -22.42
CA LEU C 299 -7.88 4.46 -22.71
C LEU C 299 -8.04 4.25 -24.20
N HIS C 300 -7.88 3.03 -24.67
CA HIS C 300 -8.05 2.75 -26.08
C HIS C 300 -9.45 2.20 -26.35
N LEU C 301 -10.17 2.72 -27.34
CA LEU C 301 -11.45 2.16 -27.71
C LEU C 301 -11.31 1.37 -29.01
N HIS C 302 -11.86 0.17 -29.02
CA HIS C 302 -11.91 -0.65 -30.22
C HIS C 302 -13.36 -0.50 -30.66
N ARG C 303 -13.66 -0.06 -31.88
CA ARG C 303 -15.03 0.15 -32.33
C ARG C 303 -15.78 -1.10 -32.79
N ALA C 304 -15.84 -2.08 -31.89
CA ALA C 304 -16.49 -3.36 -32.16
C ALA C 304 -17.98 -3.14 -32.33
N GLY C 305 -18.54 -3.65 -33.42
CA GLY C 305 -19.96 -3.50 -33.69
C GLY C 305 -20.25 -2.26 -34.51
N ASN C 306 -19.31 -1.33 -34.68
CA ASN C 306 -19.54 -0.10 -35.44
C ASN C 306 -20.09 -0.28 -36.84
N SER C 307 -19.52 -1.19 -37.62
CA SER C 307 -19.91 -1.36 -39.01
C SER C 307 -21.27 -2.03 -39.21
N THR C 308 -21.90 -2.45 -38.11
CA THR C 308 -23.26 -2.96 -38.11
C THR C 308 -24.21 -1.86 -38.57
N TYR C 309 -23.88 -0.58 -38.30
CA TYR C 309 -24.71 0.53 -38.73
C TYR C 309 -23.99 1.54 -39.63
N SER C 310 -22.67 1.49 -39.80
CA SER C 310 -21.96 2.51 -40.59
C SER C 310 -21.50 2.18 -42.00
N ARG C 311 -21.79 0.96 -42.46
CA ARG C 311 -21.27 0.52 -43.73
C ARG C 311 -22.07 1.03 -44.91
N GLN C 312 -23.39 1.06 -44.78
CA GLN C 312 -24.23 1.39 -45.92
C GLN C 312 -24.62 2.86 -45.95
N LYS C 313 -24.49 3.40 -47.15
CA LYS C 313 -24.73 4.80 -47.41
C LYS C 313 -26.18 5.24 -47.21
N ASN C 314 -27.15 4.35 -47.31
CA ASN C 314 -28.55 4.73 -47.21
C ASN C 314 -29.14 4.65 -45.81
N HIS C 315 -28.53 3.95 -44.86
CA HIS C 315 -29.13 3.81 -43.54
C HIS C 315 -28.09 3.52 -42.49
N GLY C 316 -28.32 4.13 -41.34
CA GLY C 316 -27.48 3.89 -40.19
C GLY C 316 -26.89 5.20 -39.71
N MET C 317 -25.63 5.20 -39.32
CA MET C 317 -25.00 6.39 -38.79
C MET C 317 -23.59 6.39 -39.37
N ASN C 318 -23.14 7.52 -39.92
CA ASN C 318 -21.81 7.59 -40.47
C ASN C 318 -20.81 7.64 -39.32
N PHE C 319 -19.67 6.96 -39.44
CA PHE C 319 -18.68 6.92 -38.37
C PHE C 319 -18.18 8.28 -37.90
N ARG C 320 -18.20 9.39 -38.67
CA ARG C 320 -17.73 10.68 -38.16
C ARG C 320 -18.57 11.19 -36.99
N VAL C 321 -19.84 10.81 -36.95
CA VAL C 321 -20.73 11.12 -35.83
C VAL C 321 -20.24 10.38 -34.59
N ILE C 322 -19.89 9.09 -34.73
CA ILE C 322 -19.38 8.31 -33.61
C ILE C 322 -18.04 8.90 -33.19
N CYS C 323 -17.19 9.34 -34.11
CA CYS C 323 -15.94 10.02 -33.76
C CYS C 323 -16.17 11.24 -32.88
N LYS C 324 -17.19 12.05 -33.18
CA LYS C 324 -17.49 13.23 -32.37
C LYS C 324 -17.96 12.80 -30.99
N TRP C 325 -18.94 11.89 -30.92
CA TRP C 325 -19.47 11.42 -29.65
C TRP C 325 -18.39 10.79 -28.78
N MET C 326 -17.43 10.05 -29.34
CA MET C 326 -16.39 9.42 -28.56
C MET C 326 -15.29 10.37 -28.17
N ARG C 327 -15.00 11.41 -28.96
CA ARG C 327 -14.02 12.41 -28.57
C ARG C 327 -14.63 13.17 -27.38
N MET C 328 -15.95 13.39 -27.41
CA MET C 328 -16.67 14.01 -26.32
C MET C 328 -16.65 13.15 -25.06
N ALA C 329 -16.96 11.86 -25.23
CA ALA C 329 -17.00 10.91 -24.13
C ALA C 329 -15.69 10.84 -23.39
N GLY C 330 -14.56 10.86 -24.10
CA GLY C 330 -13.30 10.91 -23.40
C GLY C 330 -12.28 9.84 -23.72
N VAL C 331 -12.52 9.10 -24.80
CA VAL C 331 -11.66 8.01 -25.22
C VAL C 331 -10.32 8.56 -25.74
N ASP C 332 -9.21 7.84 -25.61
CA ASP C 332 -7.94 8.35 -26.10
C ASP C 332 -7.50 7.86 -27.45
N HIS C 333 -7.97 6.70 -27.85
CA HIS C 333 -7.64 6.13 -29.15
C HIS C 333 -8.94 5.59 -29.66
N ILE C 334 -9.18 5.65 -30.97
CA ILE C 334 -10.30 4.95 -31.57
C ILE C 334 -9.80 4.51 -32.94
N HIS C 335 -10.25 3.34 -33.37
CA HIS C 335 -9.86 2.81 -34.67
C HIS C 335 -10.60 3.65 -35.71
N ALA C 336 -9.89 4.21 -36.67
CA ALA C 336 -10.51 5.06 -37.66
C ALA C 336 -10.31 4.59 -39.11
N GLY C 337 -9.72 3.40 -39.27
CA GLY C 337 -9.56 2.80 -40.57
C GLY C 337 -8.20 3.02 -41.19
N THR C 338 -7.87 2.11 -42.09
CA THR C 338 -6.68 2.17 -42.93
C THR C 338 -7.34 2.29 -44.29
N VAL C 339 -6.81 3.05 -45.24
CA VAL C 339 -7.45 3.10 -46.54
C VAL C 339 -7.20 1.81 -47.31
N VAL C 340 -5.95 1.33 -47.23
CA VAL C 340 -5.48 0.17 -47.97
C VAL C 340 -5.53 -1.19 -47.26
N GLY C 341 -6.31 -1.34 -46.20
CA GLY C 341 -6.26 -2.58 -45.42
C GLY C 341 -7.39 -3.53 -45.78
N LYS C 342 -7.72 -4.46 -44.90
CA LYS C 342 -8.77 -5.43 -45.19
C LYS C 342 -10.17 -4.94 -44.84
N LEU C 343 -10.28 -3.84 -44.09
CA LEU C 343 -11.56 -3.27 -43.73
C LEU C 343 -11.79 -1.99 -44.55
N GLU C 344 -13.08 -1.72 -44.73
CA GLU C 344 -13.64 -0.60 -45.50
C GLU C 344 -13.05 0.75 -45.11
N GLY C 345 -12.62 1.55 -46.10
CA GLY C 345 -12.10 2.87 -45.83
C GLY C 345 -11.82 3.67 -47.11
N ASP C 346 -12.80 4.45 -47.57
CA ASP C 346 -12.61 5.29 -48.75
C ASP C 346 -11.68 6.44 -48.37
N PRO C 347 -10.59 6.75 -49.09
CA PRO C 347 -9.62 7.79 -48.73
C PRO C 347 -10.17 9.16 -48.33
N ILE C 348 -11.14 9.67 -49.09
CA ILE C 348 -11.72 10.97 -48.83
C ILE C 348 -12.60 10.96 -47.58
N ILE C 349 -13.43 9.94 -47.38
CA ILE C 349 -14.29 9.85 -46.21
C ILE C 349 -13.43 9.57 -44.97
N THR C 350 -12.42 8.71 -45.06
CA THR C 350 -11.52 8.42 -43.95
C THR C 350 -10.76 9.67 -43.53
N ARG C 351 -10.38 10.55 -44.47
CA ARG C 351 -9.69 11.80 -44.14
C ARG C 351 -10.55 12.65 -43.21
N GLY C 352 -11.86 12.69 -43.48
CA GLY C 352 -12.82 13.41 -42.66
C GLY C 352 -12.81 12.89 -41.22
N PHE C 353 -12.80 11.57 -41.06
CA PHE C 353 -12.74 10.93 -39.74
C PHE C 353 -11.51 11.38 -38.96
N TYR C 354 -10.33 11.31 -39.60
CA TYR C 354 -9.08 11.71 -38.98
C TYR C 354 -9.09 13.17 -38.56
N LYS C 355 -9.60 14.06 -39.41
CA LYS C 355 -9.74 15.47 -39.09
C LYS C 355 -10.64 15.67 -37.88
N THR C 356 -11.76 14.95 -37.80
CA THR C 356 -12.68 15.04 -36.68
C THR C 356 -12.00 14.72 -35.35
N LEU C 357 -11.11 13.74 -35.36
CA LEU C 357 -10.43 13.30 -34.17
C LEU C 357 -9.25 14.16 -33.73
N LEU C 358 -8.52 14.69 -34.72
CA LEU C 358 -7.30 15.43 -34.47
C LEU C 358 -7.33 16.95 -34.46
N LEU C 359 -8.27 17.58 -35.16
CA LEU C 359 -8.22 19.01 -35.35
C LEU C 359 -8.89 19.84 -34.28
N PRO C 360 -8.43 21.07 -33.96
CA PRO C 360 -9.13 21.98 -33.07
C PRO C 360 -10.41 22.62 -33.61
N LYS C 361 -10.56 22.72 -34.94
CA LYS C 361 -11.72 23.32 -35.56
C LYS C 361 -11.90 22.58 -36.88
N LEU C 362 -13.14 22.23 -37.18
CA LEU C 362 -13.52 21.53 -38.39
C LEU C 362 -14.16 22.53 -39.36
N GLU C 363 -13.75 22.47 -40.62
CA GLU C 363 -14.31 23.33 -41.65
C GLU C 363 -15.19 22.48 -42.54
N ARG C 364 -16.31 23.08 -42.94
CA ARG C 364 -17.27 22.44 -43.81
C ARG C 364 -16.60 22.07 -45.13
N ASN C 365 -16.71 20.80 -45.48
CA ASN C 365 -16.14 20.27 -46.71
C ASN C 365 -17.03 19.12 -47.11
N LEU C 366 -17.85 19.43 -48.13
CA LEU C 366 -18.84 18.52 -48.67
C LEU C 366 -18.24 17.24 -49.22
N GLN C 367 -17.02 17.29 -49.75
CA GLN C 367 -16.38 16.11 -50.30
C GLN C 367 -16.06 15.09 -49.21
N GLU C 368 -15.65 15.55 -48.03
CA GLU C 368 -15.35 14.64 -46.93
C GLU C 368 -16.61 14.27 -46.15
N GLY C 369 -17.72 14.95 -46.44
CA GLY C 369 -18.96 14.73 -45.70
C GLY C 369 -18.99 15.57 -44.43
N LEU C 370 -18.11 16.54 -44.29
CA LEU C 370 -18.13 17.42 -43.13
C LEU C 370 -19.11 18.53 -43.50
N PHE C 371 -20.36 18.37 -43.10
CA PHE C 371 -21.40 19.33 -43.42
C PHE C 371 -21.47 20.56 -42.54
N PHE C 372 -20.73 20.65 -41.43
CA PHE C 372 -20.84 21.79 -40.54
C PHE C 372 -19.47 22.26 -40.11
N ASP C 373 -19.33 23.55 -39.84
CA ASP C 373 -18.11 24.08 -39.25
C ASP C 373 -18.29 23.78 -37.76
N MET C 374 -17.26 23.43 -37.02
CA MET C 374 -17.44 23.12 -35.61
C MET C 374 -16.17 23.42 -34.85
N GLU C 375 -16.25 24.18 -33.75
CA GLU C 375 -15.08 24.45 -32.92
C GLU C 375 -15.06 23.31 -31.91
N TRP C 376 -13.91 22.75 -31.54
CA TRP C 376 -13.89 21.66 -30.56
C TRP C 376 -13.75 22.06 -29.08
N ALA C 377 -13.95 23.32 -28.70
CA ALA C 377 -13.89 23.81 -27.32
C ALA C 377 -12.66 23.43 -26.51
N SER C 378 -11.55 23.30 -27.23
CA SER C 378 -10.24 22.90 -26.72
C SER C 378 -10.20 21.53 -26.03
N LEU C 379 -11.14 20.64 -26.38
CA LEU C 379 -11.12 19.29 -25.86
C LEU C 379 -9.94 18.63 -26.56
N ARG C 380 -9.28 17.75 -25.80
CA ARG C 380 -8.09 17.07 -26.28
C ARG C 380 -8.32 16.21 -27.51
N LYS C 381 -7.23 15.90 -28.20
CA LYS C 381 -7.28 15.16 -29.46
C LYS C 381 -7.31 13.65 -29.24
N VAL C 382 -8.08 12.91 -30.03
CA VAL C 382 -8.12 11.45 -29.94
C VAL C 382 -7.09 10.94 -30.94
N MET C 383 -6.30 9.94 -30.57
CA MET C 383 -5.32 9.33 -31.45
C MET C 383 -6.03 8.31 -32.32
N PRO C 384 -6.13 8.48 -33.63
CA PRO C 384 -6.68 7.48 -34.53
C PRO C 384 -5.78 6.25 -34.59
N VAL C 385 -6.41 5.10 -34.71
CA VAL C 385 -5.70 3.84 -34.80
C VAL C 385 -6.05 3.25 -36.15
N ALA C 386 -5.03 2.86 -36.89
CA ALA C 386 -5.18 2.28 -38.21
C ALA C 386 -4.77 0.82 -38.09
N SER C 387 -5.67 -0.13 -38.34
CA SER C 387 -5.42 -1.54 -38.11
C SER C 387 -6.23 -2.38 -39.08
N GLY C 388 -5.69 -3.55 -39.40
CA GLY C 388 -6.40 -4.50 -40.23
C GLY C 388 -5.78 -4.69 -41.60
N GLY C 389 -5.22 -5.88 -41.78
CA GLY C 389 -4.68 -6.31 -43.06
C GLY C 389 -3.59 -5.45 -43.66
N ILE C 390 -2.82 -4.73 -42.85
CA ILE C 390 -1.78 -3.90 -43.42
C ILE C 390 -0.42 -4.54 -43.18
N HIS C 391 0.55 -4.15 -44.00
CA HIS C 391 1.89 -4.68 -43.94
C HIS C 391 2.88 -3.64 -44.41
N ALA C 392 4.15 -3.80 -44.04
CA ALA C 392 5.25 -2.97 -44.51
C ALA C 392 5.24 -3.12 -46.03
N GLY C 393 5.57 -2.09 -46.79
CA GLY C 393 5.34 -2.19 -48.22
C GLY C 393 4.25 -1.19 -48.54
N GLN C 394 3.19 -1.19 -47.73
CA GLN C 394 2.16 -0.17 -47.85
C GLN C 394 2.56 1.09 -47.09
N MET C 395 3.68 1.05 -46.33
CA MET C 395 4.14 2.13 -45.48
C MET C 395 4.07 3.54 -46.08
N HIS C 396 4.62 3.74 -47.27
CA HIS C 396 4.53 5.03 -47.94
C HIS C 396 3.11 5.54 -48.14
N GLN C 397 2.11 4.69 -48.45
CA GLN C 397 0.78 5.24 -48.57
C GLN C 397 0.10 5.31 -47.24
N LEU C 398 0.49 4.51 -46.24
CA LEU C 398 -0.06 4.65 -44.89
C LEU C 398 0.32 6.05 -44.37
N ILE C 399 1.59 6.46 -44.47
CA ILE C 399 2.02 7.79 -44.05
C ILE C 399 1.26 8.83 -44.86
N HIS C 400 1.12 8.63 -46.17
CA HIS C 400 0.40 9.56 -47.03
C HIS C 400 -1.09 9.72 -46.72
N TYR C 401 -1.85 8.69 -46.38
CA TYR C 401 -3.27 8.87 -46.14
C TYR C 401 -3.59 9.16 -44.68
N LEU C 402 -2.80 8.61 -43.77
CA LEU C 402 -3.11 8.67 -42.35
C LEU C 402 -2.29 9.70 -41.58
N GLY C 403 -1.13 10.09 -42.11
CA GLY C 403 -0.34 11.12 -41.46
C GLY C 403 0.51 10.61 -40.31
N GLU C 404 0.91 11.58 -39.50
CA GLU C 404 1.84 11.36 -38.41
C GLU C 404 1.21 10.89 -37.10
N ASP C 405 0.06 11.43 -36.72
CA ASP C 405 -0.55 11.09 -35.45
C ASP C 405 -1.56 9.97 -35.70
N VAL C 406 -1.07 8.74 -35.58
CA VAL C 406 -1.86 7.55 -35.78
C VAL C 406 -1.08 6.39 -35.16
N VAL C 407 -1.76 5.34 -34.69
CA VAL C 407 -1.10 4.14 -34.21
C VAL C 407 -1.34 3.16 -35.35
N LEU C 408 -0.27 2.68 -35.97
CA LEU C 408 -0.32 1.72 -37.06
C LEU C 408 -0.20 0.36 -36.41
N GLN C 409 -1.22 -0.50 -36.53
CA GLN C 409 -1.15 -1.82 -35.92
C GLN C 409 -1.03 -2.96 -36.91
N PHE C 410 0.04 -3.74 -36.74
CA PHE C 410 0.34 -4.87 -37.60
C PHE C 410 0.27 -6.17 -36.81
N GLY C 411 -0.87 -6.86 -36.79
CA GLY C 411 -0.97 -8.15 -36.12
C GLY C 411 -0.32 -9.23 -36.96
N GLY C 412 -1.04 -9.58 -38.03
CA GLY C 412 -0.57 -10.57 -38.99
C GLY C 412 0.74 -10.10 -39.62
N GLY C 413 0.83 -8.80 -39.89
CA GLY C 413 2.01 -8.15 -40.44
C GLY C 413 3.25 -8.25 -39.55
N THR C 414 3.11 -8.69 -38.30
CA THR C 414 4.24 -8.91 -37.42
C THR C 414 4.37 -10.42 -37.20
N ILE C 415 3.38 -11.05 -36.59
CA ILE C 415 3.43 -12.46 -36.20
C ILE C 415 3.54 -13.43 -37.39
N GLY C 416 3.03 -13.05 -38.56
CA GLY C 416 3.08 -13.89 -39.73
C GLY C 416 4.44 -13.94 -40.39
N HIS C 417 5.43 -13.19 -39.91
CA HIS C 417 6.78 -13.15 -40.47
C HIS C 417 7.51 -14.48 -40.31
N PRO C 418 8.12 -15.07 -41.34
CA PRO C 418 8.72 -16.41 -41.27
C PRO C 418 9.87 -16.58 -40.29
N ASP C 419 10.68 -15.53 -40.14
CA ASP C 419 11.81 -15.56 -39.22
C ASP C 419 11.47 -15.23 -37.76
N GLY C 420 10.20 -15.19 -37.37
CA GLY C 420 9.86 -14.88 -35.98
C GLY C 420 9.25 -13.50 -35.80
N ILE C 421 8.68 -13.38 -34.60
CA ILE C 421 7.95 -12.20 -34.18
C ILE C 421 8.88 -11.00 -33.99
N GLN C 422 10.06 -11.15 -33.38
CA GLN C 422 10.99 -10.03 -33.22
C GLN C 422 11.35 -9.44 -34.58
N ALA C 423 11.66 -10.34 -35.52
CA ALA C 423 11.97 -9.94 -36.89
C ALA C 423 10.82 -9.21 -37.57
N GLY C 424 9.57 -9.61 -37.29
CA GLY C 424 8.40 -8.95 -37.85
C GLY C 424 8.28 -7.51 -37.36
N ALA C 425 8.49 -7.37 -36.05
CA ALA C 425 8.42 -6.09 -35.39
C ALA C 425 9.50 -5.15 -35.91
N THR C 426 10.75 -5.60 -36.01
CA THR C 426 11.85 -4.81 -36.54
C THR C 426 11.55 -4.33 -37.95
N ALA C 427 11.07 -5.23 -38.81
CA ALA C 427 10.74 -4.90 -40.19
C ALA C 427 9.79 -3.71 -40.27
N ASN C 428 8.75 -3.75 -39.46
CA ASN C 428 7.77 -2.69 -39.41
C ASN C 428 8.35 -1.39 -38.87
N ARG C 429 9.15 -1.46 -37.80
CA ARG C 429 9.75 -0.28 -37.19
C ARG C 429 10.75 0.41 -38.11
N VAL C 430 11.62 -0.35 -38.77
CA VAL C 430 12.62 0.19 -39.70
C VAL C 430 11.89 0.82 -40.88
N ALA C 431 10.87 0.14 -41.41
CA ALA C 431 10.09 0.66 -42.52
C ALA C 431 9.48 2.01 -42.19
N LEU C 432 8.90 2.13 -40.98
CA LEU C 432 8.27 3.38 -40.55
C LEU C 432 9.27 4.51 -40.50
N GLU C 433 10.36 4.30 -39.76
CA GLU C 433 11.35 5.33 -39.56
C GLU C 433 12.01 5.80 -40.85
N ALA C 434 12.36 4.87 -41.73
CA ALA C 434 12.93 5.21 -43.02
C ALA C 434 11.97 6.07 -43.83
N MET C 435 10.68 5.75 -43.75
CA MET C 435 9.67 6.49 -44.48
C MET C 435 9.49 7.90 -43.93
N ILE C 436 9.38 8.13 -42.62
CA ILE C 436 9.17 9.51 -42.20
C ILE C 436 10.49 10.28 -42.29
N LEU C 437 11.66 9.63 -42.26
CA LEU C 437 12.95 10.30 -42.46
C LEU C 437 12.94 10.88 -43.88
N ALA C 438 12.55 10.06 -44.85
CA ALA C 438 12.44 10.48 -46.24
C ALA C 438 11.43 11.60 -46.40
N ARG C 439 10.26 11.50 -45.76
CA ARG C 439 9.25 12.55 -45.78
C ARG C 439 9.86 13.86 -45.29
N ASN C 440 10.53 13.84 -44.14
CA ASN C 440 11.15 15.01 -43.55
C ASN C 440 12.24 15.60 -44.43
N GLU C 441 12.89 14.77 -45.24
CA GLU C 441 13.89 15.25 -46.20
C GLU C 441 13.26 15.85 -47.46
N ASN C 442 11.93 15.98 -47.52
CA ASN C 442 11.17 16.53 -48.63
C ASN C 442 11.24 15.74 -49.93
N ARG C 443 11.37 14.41 -49.77
CA ARG C 443 11.38 13.51 -50.91
C ARG C 443 9.93 13.16 -51.21
N ASP C 444 9.57 12.92 -52.47
CA ASP C 444 8.22 12.51 -52.83
C ASP C 444 8.09 11.04 -52.45
N TYR C 445 7.88 10.79 -51.16
CA TYR C 445 7.81 9.45 -50.61
C TYR C 445 6.67 8.61 -51.18
N LEU C 446 5.59 9.20 -51.72
CA LEU C 446 4.51 8.40 -52.27
C LEU C 446 5.02 7.61 -53.48
N THR C 447 5.64 8.32 -54.41
CA THR C 447 6.19 7.75 -55.62
C THR C 447 7.47 6.97 -55.35
N GLU C 448 8.43 7.56 -54.61
CA GLU C 448 9.69 6.89 -54.32
C GLU C 448 9.61 5.79 -53.27
N GLY C 449 8.46 5.67 -52.59
CA GLY C 449 8.21 4.71 -51.52
C GLY C 449 8.76 3.29 -51.70
N PRO C 450 8.40 2.53 -52.75
CA PRO C 450 8.97 1.21 -53.01
C PRO C 450 10.49 1.20 -52.99
N GLU C 451 11.11 2.26 -53.53
CA GLU C 451 12.56 2.37 -53.55
C GLU C 451 13.13 2.71 -52.18
N ILE C 452 12.45 3.56 -51.39
CA ILE C 452 12.91 3.90 -50.04
C ILE C 452 12.95 2.61 -49.20
N LEU C 453 11.88 1.82 -49.30
CA LEU C 453 11.79 0.55 -48.58
C LEU C 453 12.85 -0.42 -49.04
N ARG C 454 13.05 -0.55 -50.35
CA ARG C 454 14.05 -1.42 -50.94
C ARG C 454 15.45 -1.04 -50.48
N GLU C 455 15.72 0.26 -50.39
CA GLU C 455 17.01 0.76 -49.94
C GLU C 455 17.23 0.41 -48.47
N ALA C 456 16.23 0.61 -47.61
CA ALA C 456 16.34 0.25 -46.20
C ALA C 456 16.47 -1.27 -45.99
N ALA C 457 15.80 -2.04 -46.86
CA ALA C 457 15.84 -3.48 -46.83
C ALA C 457 17.24 -4.04 -47.07
N LYS C 458 18.10 -3.35 -47.82
CA LYS C 458 19.47 -3.78 -48.05
C LYS C 458 20.25 -3.92 -46.73
N THR C 459 19.96 -3.07 -45.75
CA THR C 459 20.63 -3.14 -44.45
C THR C 459 19.82 -4.03 -43.48
N CYS C 460 18.53 -4.24 -43.70
CA CYS C 460 17.72 -4.97 -42.75
C CYS C 460 17.00 -6.14 -43.41
N GLY C 461 17.64 -7.30 -43.27
CA GLY C 461 17.14 -8.56 -43.82
C GLY C 461 15.69 -8.88 -43.46
N ALA C 462 15.29 -8.56 -42.23
CA ALA C 462 13.93 -8.80 -41.77
C ALA C 462 12.90 -8.07 -42.62
N LEU C 463 13.22 -6.83 -43.02
CA LEU C 463 12.35 -6.03 -43.86
C LEU C 463 12.35 -6.58 -45.28
N ARG C 464 13.50 -7.01 -45.79
CA ARG C 464 13.61 -7.59 -47.14
C ARG C 464 12.65 -8.76 -47.28
N THR C 465 12.71 -9.69 -46.33
CA THR C 465 11.83 -10.84 -46.30
C THR C 465 10.35 -10.44 -46.19
N ALA C 466 10.03 -9.39 -45.42
CA ALA C 466 8.65 -8.93 -45.27
C ALA C 466 8.10 -8.36 -46.57
N LEU C 467 8.95 -7.60 -47.28
CA LEU C 467 8.58 -7.03 -48.56
C LEU C 467 8.36 -8.11 -49.58
N ASP C 468 9.23 -9.13 -49.63
CA ASP C 468 9.06 -10.23 -50.57
C ASP C 468 7.78 -11.01 -50.27
N LEU C 469 7.57 -11.38 -49.01
CA LEU C 469 6.41 -12.17 -48.60
C LEU C 469 5.07 -11.55 -48.99
N TRP C 470 4.85 -10.31 -48.63
CA TRP C 470 3.55 -9.70 -48.87
C TRP C 470 3.49 -8.75 -50.04
N LYS C 471 4.48 -8.82 -50.93
CA LYS C 471 4.64 -7.97 -52.09
C LYS C 471 3.39 -7.66 -52.90
N ASP C 472 2.64 -8.70 -53.26
CA ASP C 472 1.47 -8.54 -54.11
C ASP C 472 0.15 -8.46 -53.35
N ILE C 473 0.17 -8.34 -52.02
CA ILE C 473 -1.07 -8.33 -51.28
C ILE C 473 -1.61 -6.90 -51.25
N THR C 474 -2.78 -6.84 -51.84
CA THR C 474 -3.54 -5.62 -52.03
C THR C 474 -5.00 -5.95 -51.73
N PHE C 475 -5.83 -4.98 -51.39
CA PHE C 475 -7.24 -5.21 -51.10
C PHE C 475 -8.10 -4.26 -51.94
N ASN C 476 -8.09 -4.47 -53.26
CA ASN C 476 -8.84 -3.61 -54.18
C ASN C 476 -10.33 -3.98 -54.24
N TYR C 477 -11.18 -3.31 -53.46
CA TYR C 477 -12.61 -3.56 -53.51
C TYR C 477 -13.34 -2.23 -53.53
N THR C 478 -14.56 -2.20 -54.06
CA THR C 478 -15.36 -1.00 -54.16
C THR C 478 -15.88 -0.60 -52.78
N SER C 479 -15.64 0.67 -52.41
CA SER C 479 -16.10 1.19 -51.15
C SER C 479 -17.60 1.38 -51.15
N THR C 480 -18.26 1.05 -50.05
CA THR C 480 -19.68 1.24 -49.89
C THR C 480 -19.99 2.65 -49.39
N ASP C 481 -19.25 3.12 -48.38
CA ASP C 481 -19.43 4.45 -47.82
C ASP C 481 -18.52 5.44 -48.56
N THR C 482 -19.16 6.10 -49.53
CA THR C 482 -18.49 7.00 -50.46
C THR C 482 -19.04 8.42 -50.36
N SER C 483 -18.31 9.41 -50.89
CA SER C 483 -18.73 10.79 -50.97
C SER C 483 -19.81 10.95 -52.02
N ASP C 484 -20.65 11.96 -51.84
CA ASP C 484 -21.68 12.29 -52.81
C ASP C 484 -21.27 13.47 -53.69
N PHE C 485 -20.08 14.04 -53.50
CA PHE C 485 -19.66 15.26 -54.19
C PHE C 485 -18.29 15.08 -54.83
N VAL C 486 -18.18 14.12 -55.75
CA VAL C 486 -16.92 13.82 -56.44
C VAL C 486 -17.11 13.72 -57.95
N VAL D 1 23.28 -2.59 -25.24
CA VAL D 1 22.03 -2.55 -25.95
C VAL D 1 22.21 -1.32 -26.86
N ARG D 2 21.23 -0.95 -27.67
CA ARG D 2 21.19 0.28 -28.44
C ARG D 2 19.90 0.83 -27.85
N ILE D 3 19.96 2.03 -27.29
CA ILE D 3 18.79 2.69 -26.70
C ILE D 3 17.94 3.15 -27.87
N THR D 4 16.69 2.69 -27.96
CA THR D 4 15.87 3.12 -29.07
C THR D 4 14.84 4.21 -28.79
N GLN D 5 15.21 5.09 -27.86
CA GLN D 5 14.47 6.30 -27.57
C GLN D 5 14.80 7.24 -28.74
N GLY D 6 13.90 8.10 -29.17
CA GLY D 6 14.21 8.98 -30.29
C GLY D 6 13.52 8.51 -31.54
N THR D 7 13.24 9.47 -32.41
CA THR D 7 12.45 9.23 -33.61
C THR D 7 13.16 8.33 -34.64
N PHE D 8 14.49 8.32 -34.73
CA PHE D 8 15.16 7.60 -35.81
C PHE D 8 16.18 6.58 -35.31
N SER D 9 16.04 6.06 -34.10
CA SER D 9 17.05 5.19 -33.53
C SER D 9 17.10 3.75 -34.02
N PHE D 10 16.18 3.29 -34.87
CA PHE D 10 16.33 1.99 -35.52
C PHE D 10 17.09 2.13 -36.83
N LEU D 11 17.38 3.37 -37.22
CA LEU D 11 18.17 3.64 -38.40
C LEU D 11 19.61 3.84 -37.93
N PRO D 12 20.63 3.78 -38.79
CA PRO D 12 21.99 4.19 -38.45
C PRO D 12 22.07 5.61 -37.91
N ASP D 13 23.10 5.85 -37.10
CA ASP D 13 23.34 7.18 -36.55
C ASP D 13 23.53 8.16 -37.71
N LEU D 14 22.69 9.19 -37.67
CA LEU D 14 22.64 10.20 -38.70
C LEU D 14 23.93 10.99 -38.87
N THR D 15 24.30 11.16 -40.13
CA THR D 15 25.45 11.97 -40.48
C THR D 15 25.04 13.45 -40.37
N ASP D 16 25.99 14.36 -40.18
CA ASP D 16 25.71 15.80 -40.18
C ASP D 16 24.89 16.27 -41.36
N GLU D 17 25.07 15.62 -42.52
CA GLU D 17 24.30 15.92 -43.72
C GLU D 17 22.83 15.61 -43.46
N GLN D 18 22.55 14.43 -42.87
CA GLN D 18 21.19 14.04 -42.55
C GLN D 18 20.58 14.91 -41.47
N ILE D 19 21.37 15.28 -40.46
CA ILE D 19 20.91 16.12 -39.37
C ILE D 19 20.51 17.48 -39.94
N LYS D 20 21.33 18.06 -40.82
CA LYS D 20 21.06 19.35 -41.46
C LYS D 20 19.69 19.32 -42.13
N LYS D 21 19.38 18.26 -42.88
CA LYS D 21 18.08 18.15 -43.53
C LYS D 21 16.93 18.09 -42.53
N GLN D 22 17.14 17.46 -41.37
CA GLN D 22 16.11 17.42 -40.33
C GLN D 22 15.94 18.81 -39.72
N ILE D 23 17.02 19.57 -39.55
CA ILE D 23 16.91 20.92 -39.03
C ILE D 23 16.15 21.78 -40.04
N ASP D 24 16.33 21.60 -41.35
CA ASP D 24 15.54 22.32 -42.35
C ASP D 24 14.05 22.05 -42.17
N TYR D 25 13.69 20.79 -41.86
CA TYR D 25 12.32 20.41 -41.60
C TYR D 25 11.82 21.19 -40.40
N MET D 26 12.57 21.21 -39.29
CA MET D 26 12.17 21.95 -38.11
C MET D 26 11.98 23.44 -38.38
N ILE D 27 12.86 24.03 -39.18
CA ILE D 27 12.78 25.45 -39.55
C ILE D 27 11.54 25.70 -40.41
N SER D 28 11.18 24.82 -41.35
CA SER D 28 9.99 25.05 -42.16
C SER D 28 8.70 24.97 -41.35
N LYS D 29 8.74 24.24 -40.23
CA LYS D 29 7.61 24.18 -39.34
C LYS D 29 7.68 25.18 -38.19
N LYS D 30 8.61 26.15 -38.24
CA LYS D 30 8.80 27.21 -37.25
C LYS D 30 8.90 26.72 -35.80
N LEU D 31 9.69 25.66 -35.63
CA LEU D 31 9.87 25.09 -34.32
C LEU D 31 11.02 25.73 -33.60
N ALA D 32 10.89 25.76 -32.27
CA ALA D 32 11.96 26.19 -31.38
C ALA D 32 12.84 24.95 -31.25
N ILE D 33 14.15 25.08 -31.36
CA ILE D 33 15.03 23.92 -31.36
C ILE D 33 15.86 23.89 -30.08
N GLY D 34 15.86 22.76 -29.39
CA GLY D 34 16.57 22.61 -28.14
C GLY D 34 17.52 21.43 -28.24
N ILE D 35 18.63 21.49 -27.50
CA ILE D 35 19.63 20.44 -27.49
C ILE D 35 19.70 20.01 -26.03
N GLU D 36 19.53 18.73 -25.74
CA GLU D 36 19.54 18.23 -24.38
C GLU D 36 20.47 17.04 -24.27
N TYR D 37 21.01 16.74 -23.08
CA TYR D 37 21.94 15.64 -22.88
C TYR D 37 21.82 14.96 -21.51
N THR D 38 22.19 13.68 -21.37
CA THR D 38 22.24 12.98 -20.07
C THR D 38 23.10 11.74 -20.15
N ASN D 39 23.47 11.24 -18.99
CA ASN D 39 24.10 9.95 -18.87
C ASN D 39 23.27 9.07 -17.93
N ASP D 40 21.96 9.36 -17.86
CA ASP D 40 20.99 8.52 -17.19
C ASP D 40 19.87 8.37 -18.22
N ILE D 41 19.96 7.37 -19.10
CA ILE D 41 18.92 7.18 -20.12
C ILE D 41 17.78 6.29 -19.65
N HIS D 42 17.25 6.53 -18.45
CA HIS D 42 16.12 5.74 -17.99
C HIS D 42 14.96 6.24 -18.85
N PRO D 43 14.08 5.41 -19.43
CA PRO D 43 12.94 5.87 -20.23
C PRO D 43 12.09 6.94 -19.56
N ARG D 44 11.89 6.82 -18.26
CA ARG D 44 11.13 7.80 -17.48
C ARG D 44 11.95 9.02 -17.05
N ASN D 45 13.20 9.19 -17.50
CA ASN D 45 13.96 10.38 -17.09
C ASN D 45 13.51 11.47 -18.05
N ALA D 46 12.45 12.11 -17.61
CA ALA D 46 11.82 13.16 -18.38
C ALA D 46 12.65 14.42 -18.58
N TYR D 47 13.61 14.73 -17.70
CA TYR D 47 14.33 15.99 -17.83
C TYR D 47 15.82 15.77 -17.97
N TRP D 48 16.21 15.79 -19.24
CA TRP D 48 17.62 15.73 -19.59
C TRP D 48 18.17 17.14 -19.36
N GLU D 49 19.48 17.33 -19.29
CA GLU D 49 20.05 18.65 -19.07
C GLU D 49 19.96 19.48 -20.34
N ILE D 50 19.59 20.76 -20.26
CA ILE D 50 19.49 21.59 -21.45
C ILE D 50 20.87 22.17 -21.71
N TRP D 51 21.26 22.16 -22.99
CA TRP D 51 22.48 22.79 -23.44
C TRP D 51 22.03 24.19 -23.85
N GLY D 52 22.19 25.10 -22.90
CA GLY D 52 21.87 26.50 -23.10
C GLY D 52 20.37 26.75 -23.09
N LEU D 53 19.95 27.61 -23.99
CA LEU D 53 18.56 28.05 -24.06
C LEU D 53 18.12 27.65 -25.46
N PRO D 54 16.90 27.15 -25.68
CA PRO D 54 16.36 26.82 -26.99
C PRO D 54 16.45 27.95 -27.98
N LEU D 55 16.91 27.61 -29.18
CA LEU D 55 17.08 28.55 -30.25
C LEU D 55 15.69 28.79 -30.81
N PHE D 56 15.17 30.01 -30.69
CA PHE D 56 13.82 30.27 -31.12
C PHE D 56 13.56 30.65 -32.57
N ASP D 57 14.04 31.76 -33.13
CA ASP D 57 13.74 32.01 -34.53
C ASP D 57 15.01 31.67 -35.26
N VAL D 58 15.07 30.47 -35.83
CA VAL D 58 16.25 30.02 -36.52
C VAL D 58 16.00 30.14 -38.01
N THR D 59 16.90 30.80 -38.72
CA THR D 59 16.81 30.90 -40.16
C THR D 59 17.88 30.02 -40.81
N ASP D 60 19.06 29.94 -40.20
CA ASP D 60 20.16 29.21 -40.78
C ASP D 60 20.43 27.90 -40.04
N PRO D 61 20.28 26.72 -40.66
CA PRO D 61 20.60 25.43 -40.05
C PRO D 61 22.00 25.30 -39.47
N ALA D 62 22.98 26.00 -40.05
CA ALA D 62 24.36 25.94 -39.57
C ALA D 62 24.53 26.39 -38.12
N ALA D 63 23.68 27.30 -37.64
CA ALA D 63 23.75 27.77 -36.27
C ALA D 63 23.45 26.63 -35.29
N VAL D 64 22.45 25.82 -35.65
CA VAL D 64 22.06 24.68 -34.84
C VAL D 64 23.15 23.63 -34.94
N LEU D 65 23.69 23.34 -36.14
CA LEU D 65 24.78 22.38 -36.28
C LEU D 65 25.96 22.74 -35.41
N PHE D 66 26.30 24.03 -35.36
CA PHE D 66 27.38 24.53 -34.55
C PHE D 66 27.16 24.17 -33.09
N GLU D 67 25.95 24.42 -32.58
CA GLU D 67 25.67 24.10 -31.20
C GLU D 67 25.64 22.61 -30.90
N ILE D 68 25.18 21.78 -31.84
CA ILE D 68 25.17 20.33 -31.69
C ILE D 68 26.62 19.89 -31.58
N ASN D 69 27.49 20.38 -32.46
CA ASN D 69 28.88 20.00 -32.44
C ASN D 69 29.60 20.52 -31.21
N ALA D 70 29.25 21.70 -30.71
CA ALA D 70 29.81 22.25 -29.48
C ALA D 70 29.43 21.37 -28.28
N CYS D 71 28.16 20.92 -28.24
CA CYS D 71 27.69 20.04 -27.19
C CYS D 71 28.45 18.72 -27.29
N ARG D 72 28.55 18.11 -28.47
CA ARG D 72 29.31 16.87 -28.67
C ARG D 72 30.75 16.97 -28.23
N LYS D 73 31.37 18.13 -28.44
CA LYS D 73 32.74 18.36 -28.05
C LYS D 73 32.81 18.41 -26.52
N ALA D 74 31.89 19.11 -25.85
CA ALA D 74 31.93 19.23 -24.40
C ALA D 74 31.36 18.02 -23.64
N ARG D 75 30.47 17.24 -24.25
CA ARG D 75 29.81 16.12 -23.61
C ARG D 75 29.92 14.89 -24.51
N SER D 76 31.12 14.42 -24.80
CA SER D 76 31.33 13.31 -25.72
C SER D 76 30.75 11.97 -25.31
N ASN D 77 30.71 11.68 -24.02
CA ASN D 77 30.23 10.39 -23.55
C ASN D 77 28.89 10.56 -22.85
N PHE D 78 28.02 11.26 -23.55
CA PHE D 78 26.68 11.55 -23.08
C PHE D 78 25.74 11.23 -24.23
N TYR D 79 24.47 11.08 -23.91
CA TYR D 79 23.44 10.93 -24.91
C TYR D 79 23.03 12.37 -25.20
N ILE D 80 22.96 12.77 -26.46
CA ILE D 80 22.54 14.12 -26.79
C ILE D 80 21.38 13.96 -27.77
N LYS D 81 20.34 14.76 -27.64
CA LYS D 81 19.18 14.69 -28.51
C LYS D 81 18.80 16.11 -28.93
N VAL D 82 18.15 16.23 -30.09
CA VAL D 82 17.67 17.51 -30.58
C VAL D 82 16.15 17.39 -30.48
N VAL D 83 15.54 18.45 -29.96
CA VAL D 83 14.12 18.53 -29.68
C VAL D 83 13.56 19.69 -30.48
N GLY D 84 12.38 19.53 -31.05
CA GLY D 84 11.71 20.60 -31.77
C GLY D 84 10.35 20.82 -31.13
N PHE D 85 10.08 22.04 -30.67
CA PHE D 85 8.86 22.38 -29.96
C PHE D 85 7.96 23.28 -30.82
N SER D 86 6.65 23.07 -30.78
CA SER D 86 5.70 23.90 -31.52
C SER D 86 4.82 24.60 -30.49
N SER D 87 4.77 25.92 -30.55
CA SER D 87 3.94 26.73 -29.67
C SER D 87 2.49 26.86 -30.13
N VAL D 88 2.09 26.18 -31.23
CA VAL D 88 0.74 26.27 -31.77
C VAL D 88 -0.26 25.72 -30.75
N ARG D 89 -1.36 26.45 -30.56
CA ARG D 89 -2.39 26.18 -29.56
C ARG D 89 -2.81 24.74 -29.30
N GLY D 90 -3.14 23.93 -30.31
CA GLY D 90 -3.55 22.55 -30.02
C GLY D 90 -2.39 21.64 -29.57
N ILE D 91 -1.16 22.06 -29.84
CA ILE D 91 0.02 21.26 -29.62
C ILE D 91 0.77 21.66 -28.35
N GLU D 92 1.48 22.80 -28.36
CA GLU D 92 2.32 23.27 -27.26
C GLU D 92 3.16 22.18 -26.62
N SER D 93 3.90 21.47 -27.48
CA SER D 93 4.69 20.32 -27.08
C SER D 93 5.79 20.07 -28.09
N THR D 94 6.58 19.04 -27.80
CA THR D 94 7.65 18.55 -28.65
C THR D 94 7.01 17.80 -29.82
N ILE D 95 7.40 18.04 -31.08
CA ILE D 95 6.87 17.21 -32.15
C ILE D 95 7.97 16.39 -32.81
N ILE D 96 9.24 16.48 -32.42
CA ILE D 96 10.30 15.61 -32.95
C ILE D 96 11.40 15.60 -31.88
N SER D 97 12.05 14.46 -31.67
CA SER D 97 13.13 14.31 -30.69
C SER D 97 13.97 13.15 -31.19
N PHE D 98 15.25 13.37 -31.52
CA PHE D 98 16.10 12.31 -32.03
C PHE D 98 17.51 12.44 -31.49
N ILE D 99 18.16 11.29 -31.32
CA ILE D 99 19.49 11.19 -30.75
C ILE D 99 20.53 11.58 -31.79
N VAL D 100 21.42 12.49 -31.41
CA VAL D 100 22.53 12.88 -32.26
C VAL D 100 23.87 12.49 -31.66
N ASN D 101 23.95 11.84 -30.49
CA ASN D 101 25.24 11.40 -29.96
C ASN D 101 24.95 10.34 -28.91
N ARG D 102 25.77 9.30 -28.96
CA ARG D 102 25.66 8.14 -28.10
C ARG D 102 27.07 7.86 -27.61
N PRO D 103 27.29 7.46 -26.37
CA PRO D 103 28.57 6.91 -25.89
C PRO D 103 28.97 5.65 -26.63
N LYS D 104 30.26 5.35 -26.59
CA LYS D 104 30.82 4.20 -27.30
C LYS D 104 30.24 2.84 -26.94
N HIS D 105 29.77 2.64 -25.70
CA HIS D 105 29.20 1.37 -25.34
C HIS D 105 28.12 1.56 -24.29
N GLU D 106 26.94 1.03 -24.57
CA GLU D 106 25.82 1.07 -23.65
C GLU D 106 25.57 -0.27 -22.95
N PRO D 107 25.81 -0.39 -21.63
CA PRO D 107 25.56 -1.59 -20.82
C PRO D 107 24.14 -2.12 -20.79
N GLY D 108 23.15 -1.23 -20.65
CA GLY D 108 21.77 -1.67 -20.61
C GLY D 108 21.17 -1.40 -19.23
N PHE D 109 20.14 -2.18 -18.88
CA PHE D 109 19.36 -1.96 -17.67
C PHE D 109 19.22 -3.20 -16.82
N ASN D 110 19.11 -2.97 -15.52
CA ASN D 110 18.89 -4.00 -14.54
C ASN D 110 17.39 -3.99 -14.28
N LEU D 111 16.79 -5.16 -14.06
CA LEU D 111 15.38 -5.29 -13.76
C LEU D 111 15.28 -5.93 -12.38
N MET D 112 14.67 -5.20 -11.46
CA MET D 112 14.46 -5.63 -10.10
C MET D 112 13.02 -6.09 -10.01
N ARG D 113 12.80 -7.25 -9.39
CA ARG D 113 11.48 -7.82 -9.21
C ARG D 113 11.21 -8.01 -7.72
N GLN D 114 10.49 -7.08 -7.09
CA GLN D 114 10.15 -7.18 -5.67
C GLN D 114 8.80 -7.88 -5.58
N GLU D 115 8.74 -8.94 -4.76
CA GLU D 115 7.51 -9.70 -4.61
C GLU D 115 6.59 -8.95 -3.67
N ASP D 116 5.36 -8.77 -4.12
CA ASP D 116 4.39 -8.03 -3.36
C ASP D 116 3.23 -8.96 -3.02
N LYS D 117 1.96 -8.55 -3.09
CA LYS D 117 0.83 -9.39 -2.74
C LYS D 117 0.65 -10.47 -3.78
N SER D 118 0.42 -11.71 -3.33
CA SER D 118 0.21 -12.88 -4.18
C SER D 118 1.26 -13.02 -5.29
N ARG D 119 0.95 -12.87 -6.59
CA ARG D 119 1.96 -13.03 -7.62
C ARG D 119 2.35 -11.66 -8.22
N SER D 120 1.90 -10.57 -7.61
CA SER D 120 2.19 -9.23 -8.08
C SER D 120 3.63 -8.87 -7.75
N ILE D 121 4.28 -8.20 -8.70
CA ILE D 121 5.66 -7.76 -8.57
C ILE D 121 5.69 -6.25 -8.77
N LYS D 122 6.56 -5.55 -8.06
CA LYS D 122 6.79 -4.12 -8.26
C LYS D 122 8.16 -4.08 -8.92
N TYR D 123 8.28 -3.40 -10.07
CA TYR D 123 9.51 -3.42 -10.86
C TYR D 123 10.29 -2.13 -10.81
N THR D 124 11.61 -2.25 -10.81
CA THR D 124 12.50 -1.11 -10.85
C THR D 124 13.43 -1.37 -12.01
N ILE D 125 13.50 -0.45 -12.96
CA ILE D 125 14.42 -0.57 -14.08
C ILE D 125 15.49 0.45 -13.70
N HIS D 126 16.77 0.11 -13.80
CA HIS D 126 17.81 1.06 -13.46
C HIS D 126 18.98 0.84 -14.41
N SER D 127 19.52 1.85 -15.10
CA SER D 127 20.65 1.63 -16.00
C SER D 127 21.88 1.28 -15.18
N TYR D 128 22.63 0.31 -15.70
CA TYR D 128 23.84 -0.15 -15.04
C TYR D 128 24.85 0.97 -14.84
N GLU D 129 25.03 1.86 -15.82
CA GLU D 129 25.92 2.99 -15.65
C GLU D 129 25.48 3.92 -14.53
N SER D 130 24.19 4.03 -14.21
CA SER D 130 23.77 4.91 -13.13
C SER D 130 23.96 4.27 -11.76
N TYR D 131 24.76 3.20 -11.66
CA TYR D 131 25.19 2.70 -10.36
C TYR D 131 26.56 3.33 -10.09
N LYS D 132 27.14 4.00 -11.08
CA LYS D 132 28.40 4.70 -10.95
C LYS D 132 28.02 6.17 -10.77
N PRO D 133 28.77 6.99 -10.03
CA PRO D 133 28.58 8.43 -10.01
C PRO D 133 28.67 9.08 -11.40
N GLU D 134 27.91 10.14 -11.56
CA GLU D 134 27.76 10.90 -12.81
C GLU D 134 29.06 11.18 -13.57
N ASP D 135 30.09 11.60 -12.85
CA ASP D 135 31.39 11.92 -13.42
C ASP D 135 32.20 10.71 -13.91
N GLU D 136 31.74 9.50 -13.61
CA GLU D 136 32.45 8.26 -13.94
C GLU D 136 31.67 7.39 -14.92
N ARG D 137 30.61 7.93 -15.53
CA ARG D 137 29.81 7.14 -16.44
C ARG D 137 30.29 7.28 -17.87
N TYR D 138 30.36 6.12 -18.54
CA TYR D 138 30.68 5.94 -19.95
C TYR D 138 32.12 6.38 -20.27
N ARG E 15 -64.15 -28.74 -3.14
CA ARG E 15 -64.76 -29.89 -2.48
C ARG E 15 -63.60 -30.91 -2.46
N ILE E 16 -63.72 -32.05 -1.76
CA ILE E 16 -62.67 -33.07 -1.65
C ILE E 16 -62.32 -33.64 -3.03
N LYS E 17 -61.08 -34.07 -3.20
CA LYS E 17 -60.58 -34.63 -4.45
C LYS E 17 -60.96 -36.09 -4.61
N ASN E 18 -60.92 -36.59 -5.85
CA ASN E 18 -61.23 -37.99 -6.13
C ASN E 18 -60.44 -38.44 -7.36
N SER E 19 -59.23 -39.01 -7.19
CA SER E 19 -58.32 -39.42 -8.26
C SER E 19 -56.98 -39.85 -7.64
N ARG E 20 -55.86 -39.77 -8.38
CA ARG E 20 -54.50 -39.97 -7.91
C ARG E 20 -54.14 -38.97 -6.81
N TYR E 21 -54.84 -37.85 -6.73
CA TYR E 21 -54.52 -36.84 -5.72
C TYR E 21 -55.47 -36.82 -4.54
N GLU E 22 -56.22 -37.89 -4.32
CA GLU E 22 -57.09 -37.91 -3.16
C GLU E 22 -56.21 -38.34 -2.00
N SER E 23 -56.50 -37.78 -0.85
CA SER E 23 -55.77 -38.04 0.37
C SER E 23 -55.64 -39.51 0.73
N GLY E 24 -54.43 -39.89 1.13
CA GLY E 24 -54.14 -41.24 1.52
C GLY E 24 -52.68 -41.55 1.23
N VAL E 25 -52.26 -42.72 1.69
CA VAL E 25 -50.90 -43.16 1.50
C VAL E 25 -50.96 -44.19 0.39
N ILE E 26 -50.20 -44.00 -0.68
CA ILE E 26 -50.03 -44.98 -1.73
C ILE E 26 -48.52 -45.16 -1.84
N PRO E 27 -47.96 -46.30 -2.29
CA PRO E 27 -46.52 -46.48 -2.41
C PRO E 27 -45.81 -45.54 -3.39
N TYR E 28 -44.56 -45.18 -3.10
CA TYR E 28 -43.75 -44.31 -3.94
C TYR E 28 -43.64 -44.74 -5.40
N ALA E 29 -43.66 -46.05 -5.68
CA ALA E 29 -43.62 -46.54 -7.05
C ALA E 29 -44.89 -46.15 -7.81
N LYS E 30 -46.04 -46.14 -7.14
CA LYS E 30 -47.30 -45.74 -7.74
C LYS E 30 -47.42 -44.23 -7.85
N MET E 31 -46.63 -43.48 -7.06
CA MET E 31 -46.67 -42.02 -7.10
C MET E 31 -45.95 -41.42 -8.31
N GLY E 32 -45.26 -42.20 -9.14
CA GLY E 32 -44.62 -41.68 -10.33
C GLY E 32 -43.10 -41.62 -10.25
N TYR E 33 -42.48 -42.16 -9.20
CA TYR E 33 -41.02 -42.10 -9.08
C TYR E 33 -40.31 -43.31 -9.65
N TRP E 34 -41.05 -44.30 -10.14
CA TRP E 34 -40.48 -45.46 -10.78
C TRP E 34 -40.96 -45.36 -12.21
N ASN E 35 -40.04 -45.29 -13.16
CA ASN E 35 -40.41 -45.26 -14.55
C ASN E 35 -39.28 -45.90 -15.35
N PRO E 36 -39.35 -47.20 -15.62
CA PRO E 36 -38.32 -47.91 -16.38
C PRO E 36 -38.22 -47.48 -17.84
N ASP E 37 -39.20 -46.71 -18.35
CA ASP E 37 -39.18 -46.31 -19.74
C ASP E 37 -38.66 -44.88 -19.93
N TYR E 38 -38.23 -44.22 -18.85
CA TYR E 38 -37.76 -42.85 -18.94
C TYR E 38 -36.51 -42.74 -19.81
N GLN E 39 -36.52 -41.76 -20.70
CA GLN E 39 -35.40 -41.49 -21.57
C GLN E 39 -34.63 -40.36 -20.93
N VAL E 40 -33.36 -40.64 -20.62
CA VAL E 40 -32.49 -39.66 -19.98
C VAL E 40 -32.20 -38.49 -20.90
N LYS E 41 -32.62 -37.32 -20.44
CA LYS E 41 -32.38 -36.08 -21.14
C LYS E 41 -30.95 -35.65 -20.84
N ASP E 42 -30.23 -35.07 -21.79
CA ASP E 42 -28.86 -34.60 -21.56
C ASP E 42 -28.71 -33.54 -20.47
N THR E 43 -29.79 -32.88 -20.07
CA THR E 43 -29.74 -31.90 -19.00
C THR E 43 -30.00 -32.49 -17.62
N ASP E 44 -30.23 -33.81 -17.49
CA ASP E 44 -30.55 -34.38 -16.19
C ASP E 44 -29.31 -34.64 -15.34
N VAL E 45 -29.50 -34.51 -14.03
CA VAL E 45 -28.48 -34.87 -13.07
C VAL E 45 -28.85 -36.31 -12.80
N LEU E 46 -27.88 -37.21 -12.93
CA LEU E 46 -28.15 -38.60 -12.70
C LEU E 46 -27.37 -39.04 -11.47
N ALA E 47 -27.92 -39.89 -10.62
CA ALA E 47 -27.23 -40.37 -9.44
C ALA E 47 -27.36 -41.89 -9.38
N LEU E 48 -26.29 -42.56 -8.94
CA LEU E 48 -26.34 -43.99 -8.74
C LEU E 48 -26.23 -44.29 -7.25
N PHE E 49 -27.21 -45.02 -6.75
CA PHE E 49 -27.25 -45.41 -5.36
C PHE E 49 -27.11 -46.92 -5.24
N ARG E 50 -26.45 -47.37 -4.18
CA ARG E 50 -26.33 -48.77 -3.84
C ARG E 50 -27.35 -48.87 -2.69
N VAL E 51 -28.47 -49.51 -2.94
CA VAL E 51 -29.57 -49.60 -1.99
C VAL E 51 -29.59 -50.97 -1.35
N THR E 52 -29.63 -51.06 -0.01
CA THR E 52 -29.91 -52.31 0.65
C THR E 52 -31.27 -52.04 1.28
N PRO E 53 -32.40 -52.51 0.74
CA PRO E 53 -33.71 -52.39 1.37
C PRO E 53 -33.85 -53.24 2.63
N GLN E 54 -34.80 -52.90 3.49
CA GLN E 54 -35.09 -53.72 4.66
C GLN E 54 -35.72 -55.02 4.17
N PRO E 55 -35.58 -56.17 4.84
CA PRO E 55 -36.35 -57.38 4.54
C PRO E 55 -37.84 -57.10 4.38
N GLY E 56 -38.36 -57.51 3.23
CA GLY E 56 -39.78 -57.33 2.94
C GLY E 56 -40.04 -56.15 2.01
N VAL E 57 -39.14 -55.17 1.93
CA VAL E 57 -39.36 -54.04 1.04
C VAL E 57 -38.86 -54.44 -0.34
N ASP E 58 -39.74 -54.28 -1.33
CA ASP E 58 -39.41 -54.58 -2.72
C ASP E 58 -38.34 -53.60 -3.18
N PRO E 59 -37.24 -54.01 -3.82
CA PRO E 59 -36.20 -53.13 -4.33
C PRO E 59 -36.69 -51.96 -5.18
N ILE E 60 -37.68 -52.19 -6.05
CA ILE E 60 -38.25 -51.13 -6.86
C ILE E 60 -38.91 -50.05 -5.99
N GLU E 61 -39.59 -50.46 -4.92
CA GLU E 61 -40.24 -49.50 -4.02
C GLU E 61 -39.19 -48.72 -3.25
N ALA E 62 -38.10 -49.37 -2.86
CA ALA E 62 -37.02 -48.70 -2.17
C ALA E 62 -36.36 -47.68 -3.09
N ALA E 63 -36.11 -48.02 -4.36
CA ALA E 63 -35.49 -47.09 -5.31
C ALA E 63 -36.41 -45.90 -5.55
N ALA E 64 -37.70 -46.17 -5.69
CA ALA E 64 -38.70 -45.14 -5.86
C ALA E 64 -38.79 -44.25 -4.63
N ALA E 65 -38.63 -44.82 -3.43
CA ALA E 65 -38.66 -44.07 -2.19
C ALA E 65 -37.49 -43.10 -2.13
N VAL E 66 -36.30 -43.55 -2.53
CA VAL E 66 -35.11 -42.72 -2.55
C VAL E 66 -35.33 -41.58 -3.54
N ALA E 67 -35.76 -41.88 -4.77
CA ALA E 67 -36.04 -40.89 -5.80
C ALA E 67 -37.08 -39.85 -5.38
N GLY E 68 -38.14 -40.33 -4.73
CA GLY E 68 -39.23 -39.49 -4.29
C GLY E 68 -38.84 -38.49 -3.23
N GLU E 69 -38.19 -39.00 -2.18
CA GLU E 69 -37.81 -38.17 -1.07
C GLU E 69 -36.58 -37.31 -1.38
N SER E 70 -35.83 -37.54 -2.45
CA SER E 70 -34.77 -36.61 -2.81
C SER E 70 -35.27 -35.58 -3.82
N SER E 71 -36.56 -35.62 -4.20
CA SER E 71 -37.08 -34.64 -5.14
C SER E 71 -38.35 -33.92 -4.71
N THR E 72 -39.52 -34.57 -4.68
CA THR E 72 -40.79 -33.89 -4.47
C THR E 72 -41.80 -34.50 -3.51
N ALA E 73 -41.62 -35.77 -3.21
CA ALA E 73 -42.58 -36.52 -2.43
C ALA E 73 -42.48 -36.38 -0.94
N THR E 74 -43.56 -36.79 -0.31
CA THR E 74 -43.58 -36.98 1.10
C THR E 74 -44.34 -38.30 1.28
N TRP E 75 -44.52 -38.72 2.53
CA TRP E 75 -45.13 -40.00 2.84
C TRP E 75 -46.60 -40.17 2.48
N THR E 76 -47.35 -39.10 2.27
CA THR E 76 -48.77 -39.21 1.96
C THR E 76 -49.01 -38.35 0.71
N VAL E 77 -50.13 -38.53 0.03
CA VAL E 77 -50.47 -37.74 -1.15
C VAL E 77 -50.82 -36.32 -0.73
N VAL E 78 -50.28 -35.32 -1.44
CA VAL E 78 -50.61 -33.92 -1.16
C VAL E 78 -51.16 -33.35 -2.46
N TRP E 79 -52.35 -32.75 -2.41
CA TRP E 79 -52.98 -32.18 -3.60
C TRP E 79 -52.20 -31.03 -4.23
N THR E 80 -51.36 -30.35 -3.45
CA THR E 80 -50.59 -29.20 -3.91
C THR E 80 -49.63 -29.50 -5.07
N ASP E 81 -49.36 -30.78 -5.35
CA ASP E 81 -48.61 -31.19 -6.52
C ASP E 81 -49.22 -30.59 -7.79
N LEU E 82 -50.55 -30.56 -7.80
CA LEU E 82 -51.32 -30.05 -8.92
C LEU E 82 -51.07 -28.58 -9.22
N LEU E 83 -50.51 -27.83 -8.28
CA LEU E 83 -50.17 -26.44 -8.52
C LEU E 83 -48.79 -26.30 -9.16
N THR E 84 -48.13 -27.40 -9.53
CA THR E 84 -46.81 -27.34 -10.12
C THR E 84 -46.84 -28.22 -11.36
N ALA E 85 -45.79 -28.19 -12.19
CA ALA E 85 -45.67 -29.13 -13.30
C ALA E 85 -45.04 -30.38 -12.68
N ALA E 86 -45.83 -31.05 -11.82
CA ALA E 86 -45.40 -32.19 -11.03
C ALA E 86 -44.68 -33.29 -11.78
N ASP E 87 -45.22 -33.64 -12.95
CA ASP E 87 -44.64 -34.68 -13.79
C ASP E 87 -43.21 -34.43 -14.22
N LEU E 88 -42.82 -33.16 -14.33
CA LEU E 88 -41.48 -32.83 -14.75
C LEU E 88 -40.55 -32.82 -13.55
N TYR E 89 -41.04 -32.31 -12.41
CA TYR E 89 -40.20 -32.19 -11.24
C TYR E 89 -39.94 -33.51 -10.50
N ARG E 90 -40.79 -34.52 -10.66
CA ARG E 90 -40.55 -35.80 -10.00
C ARG E 90 -39.28 -36.45 -10.54
N ALA E 91 -38.44 -36.95 -9.64
CA ALA E 91 -37.23 -37.64 -10.07
C ALA E 91 -37.67 -39.04 -10.43
N LYS E 92 -37.04 -39.70 -11.39
CA LYS E 92 -37.48 -41.04 -11.74
C LYS E 92 -36.33 -42.01 -11.62
N ALA E 93 -36.56 -43.08 -10.87
CA ALA E 93 -35.64 -44.20 -10.83
C ALA E 93 -35.99 -44.91 -12.13
N TYR E 94 -34.99 -45.14 -12.98
CA TYR E 94 -35.28 -45.73 -14.28
C TYR E 94 -34.66 -47.10 -14.51
N LYS E 95 -33.78 -47.57 -13.63
CA LYS E 95 -33.13 -48.86 -13.81
C LYS E 95 -32.70 -49.33 -12.43
N VAL E 96 -32.96 -50.59 -12.11
CA VAL E 96 -32.54 -51.23 -10.87
C VAL E 96 -31.88 -52.52 -11.30
N ASP E 97 -30.61 -52.71 -10.94
CA ASP E 97 -29.86 -53.92 -11.24
C ASP E 97 -29.38 -54.49 -9.92
N GLN E 98 -29.08 -55.78 -9.81
CA GLN E 98 -28.61 -56.34 -8.54
C GLN E 98 -27.10 -56.25 -8.55
N VAL E 99 -26.50 -56.03 -7.38
CA VAL E 99 -25.05 -55.94 -7.26
C VAL E 99 -24.45 -57.32 -7.44
N PRO E 100 -23.46 -57.50 -8.34
CA PRO E 100 -22.89 -58.78 -8.77
C PRO E 100 -22.78 -59.92 -7.77
N ASN E 101 -22.17 -59.73 -6.61
CA ASN E 101 -22.07 -60.85 -5.69
C ASN E 101 -22.72 -60.58 -4.35
N ASN E 102 -23.81 -59.82 -4.37
CA ASN E 102 -24.49 -59.52 -3.13
C ASN E 102 -25.98 -59.46 -3.43
N PRO E 103 -26.76 -60.46 -3.02
CA PRO E 103 -28.20 -60.48 -3.21
C PRO E 103 -28.99 -59.38 -2.49
N GLU E 104 -28.45 -58.77 -1.42
CA GLU E 104 -29.16 -57.74 -0.68
C GLU E 104 -29.05 -56.34 -1.30
N GLN E 105 -28.01 -56.10 -2.10
CA GLN E 105 -27.76 -54.76 -2.62
C GLN E 105 -28.19 -54.62 -4.05
N TYR E 106 -28.66 -53.42 -4.39
CA TYR E 106 -29.13 -53.10 -5.73
C TYR E 106 -28.52 -51.78 -6.17
N PHE E 107 -28.24 -51.61 -7.46
CA PHE E 107 -27.75 -50.37 -8.02
C PHE E 107 -28.97 -49.71 -8.62
N ALA E 108 -29.34 -48.52 -8.14
CA ALA E 108 -30.50 -47.81 -8.64
C ALA E 108 -30.03 -46.52 -9.32
N TYR E 109 -30.46 -46.35 -10.57
CA TYR E 109 -30.12 -45.21 -11.40
C TYR E 109 -31.30 -44.26 -11.29
N ILE E 110 -31.09 -43.02 -10.84
CA ILE E 110 -32.16 -42.05 -10.69
C ILE E 110 -31.80 -40.80 -11.49
N ALA E 111 -32.80 -40.21 -12.16
CA ALA E 111 -32.62 -39.01 -12.96
C ALA E 111 -33.40 -37.85 -12.35
N TYR E 112 -32.76 -36.68 -12.26
CA TYR E 112 -33.32 -35.48 -11.67
C TYR E 112 -33.29 -34.37 -12.70
N GLU E 113 -34.38 -33.62 -12.83
CA GLU E 113 -34.47 -32.51 -13.74
C GLU E 113 -33.60 -31.32 -13.33
N LEU E 114 -32.90 -30.72 -14.30
CA LEU E 114 -32.02 -29.56 -14.10
C LEU E 114 -32.67 -28.44 -13.28
N ASP E 115 -33.95 -28.15 -13.52
CA ASP E 115 -34.69 -27.10 -12.81
C ASP E 115 -34.82 -27.25 -11.30
N LEU E 116 -34.50 -28.42 -10.77
CA LEU E 116 -34.60 -28.65 -9.35
C LEU E 116 -33.43 -28.03 -8.60
N PHE E 117 -32.35 -27.67 -9.28
CA PHE E 117 -31.14 -27.23 -8.63
C PHE E 117 -30.80 -25.76 -8.80
N GLU E 118 -30.18 -25.24 -7.75
CA GLU E 118 -29.68 -23.88 -7.77
C GLU E 118 -28.32 -23.94 -8.45
N GLU E 119 -28.15 -22.98 -9.35
CA GLU E 119 -26.95 -22.84 -10.14
C GLU E 119 -25.76 -22.52 -9.24
N GLY E 120 -24.64 -23.16 -9.52
CA GLY E 120 -23.41 -22.93 -8.79
C GLY E 120 -23.42 -23.33 -7.32
N SER E 121 -24.38 -24.11 -6.81
CA SER E 121 -24.41 -24.41 -5.39
C SER E 121 -24.30 -25.89 -5.02
N ILE E 122 -23.16 -26.25 -4.42
CA ILE E 122 -22.94 -27.62 -3.96
C ILE E 122 -23.92 -27.88 -2.83
N ALA E 123 -24.12 -26.91 -1.93
CA ALA E 123 -25.10 -27.02 -0.84
C ALA E 123 -26.50 -27.41 -1.29
N ASN E 124 -27.01 -26.77 -2.35
CA ASN E 124 -28.34 -27.10 -2.83
C ASN E 124 -28.38 -28.49 -3.46
N LEU E 125 -27.35 -28.85 -4.22
CA LEU E 125 -27.25 -30.17 -4.83
C LEU E 125 -27.29 -31.26 -3.76
N THR E 126 -26.46 -31.14 -2.73
CA THR E 126 -26.40 -32.12 -1.67
C THR E 126 -27.66 -32.17 -0.81
N ALA E 127 -28.31 -31.03 -0.60
CA ALA E 127 -29.54 -30.95 0.19
C ALA E 127 -30.63 -31.84 -0.40
N SER E 128 -30.67 -31.98 -1.73
CA SER E 128 -31.58 -32.92 -2.35
C SER E 128 -31.01 -34.33 -2.36
N ILE E 129 -29.83 -34.55 -2.95
CA ILE E 129 -29.29 -35.90 -3.12
C ILE E 129 -28.98 -36.64 -1.82
N ILE E 130 -28.32 -36.03 -0.84
CA ILE E 130 -27.98 -36.73 0.38
C ILE E 130 -28.72 -36.18 1.60
N GLY E 131 -29.72 -35.32 1.38
CA GLY E 131 -30.43 -34.64 2.46
C GLY E 131 -31.03 -35.50 3.57
N ASN E 132 -32.00 -36.34 3.20
CA ASN E 132 -32.73 -37.12 4.17
C ASN E 132 -32.72 -38.61 3.89
N VAL E 133 -32.66 -39.03 2.62
CA VAL E 133 -32.79 -40.43 2.25
C VAL E 133 -31.89 -41.47 2.91
N PHE E 134 -30.73 -41.10 3.45
CA PHE E 134 -29.86 -42.07 4.09
C PHE E 134 -30.32 -42.53 5.46
N GLY E 135 -31.29 -41.84 6.06
CA GLY E 135 -31.80 -42.23 7.36
C GLY E 135 -33.23 -42.75 7.24
N PHE E 136 -33.65 -43.08 6.03
CA PHE E 136 -35.02 -43.51 5.78
C PHE E 136 -35.15 -44.93 6.32
N LYS E 137 -36.10 -45.19 7.22
CA LYS E 137 -36.26 -46.51 7.84
C LYS E 137 -36.35 -47.70 6.89
N ALA E 138 -37.04 -47.54 5.76
CA ALA E 138 -37.24 -48.61 4.81
C ALA E 138 -35.97 -49.09 4.11
N VAL E 139 -34.91 -48.29 4.15
CA VAL E 139 -33.66 -48.62 3.51
C VAL E 139 -32.74 -48.96 4.67
N LYS E 140 -32.14 -50.15 4.66
CA LYS E 140 -31.26 -50.60 5.72
C LYS E 140 -29.89 -49.95 5.55
N ALA E 141 -29.45 -49.76 4.31
CA ALA E 141 -28.17 -49.14 4.01
C ALA E 141 -28.33 -48.49 2.64
N LEU E 142 -27.46 -47.54 2.32
CA LEU E 142 -27.59 -46.73 1.12
C LEU E 142 -26.23 -46.08 0.94
N ARG E 143 -25.70 -46.12 -0.26
CA ARG E 143 -24.42 -45.52 -0.54
C ARG E 143 -24.55 -44.76 -1.85
N LEU E 144 -24.06 -43.54 -1.92
CA LEU E 144 -24.06 -42.81 -3.18
C LEU E 144 -22.73 -43.16 -3.84
N GLU E 145 -22.83 -43.80 -5.01
CA GLU E 145 -21.66 -44.26 -5.72
C GLU E 145 -21.10 -43.30 -6.75
N ASP E 146 -21.96 -42.75 -7.59
CA ASP E 146 -21.50 -41.88 -8.65
C ASP E 146 -22.61 -40.95 -9.09
N MET E 147 -22.29 -39.94 -9.86
CA MET E 147 -23.26 -38.97 -10.35
C MET E 147 -22.84 -38.49 -11.72
N ARG E 148 -23.79 -38.23 -12.62
CA ARG E 148 -23.49 -37.68 -13.93
C ARG E 148 -24.02 -36.27 -13.80
N LEU E 149 -23.11 -35.31 -13.86
CA LEU E 149 -23.49 -33.92 -13.75
C LEU E 149 -23.47 -33.38 -15.16
N PRO E 150 -24.58 -32.82 -15.64
CA PRO E 150 -24.76 -32.43 -17.03
C PRO E 150 -23.97 -31.17 -17.34
N LEU E 151 -23.57 -31.08 -18.60
CA LEU E 151 -22.83 -29.96 -19.16
C LEU E 151 -23.40 -28.60 -18.78
N ALA E 152 -24.72 -28.44 -18.93
CA ALA E 152 -25.40 -27.21 -18.61
C ALA E 152 -25.33 -26.85 -17.13
N TYR E 153 -25.29 -27.83 -16.22
CA TYR E 153 -25.18 -27.55 -14.80
C TYR E 153 -23.73 -27.23 -14.49
N LEU E 154 -22.80 -27.99 -15.05
CA LEU E 154 -21.38 -27.82 -14.81
C LEU E 154 -20.89 -26.43 -15.14
N LYS E 155 -21.41 -25.84 -16.22
CA LYS E 155 -21.03 -24.48 -16.61
C LYS E 155 -21.46 -23.41 -15.62
N THR E 156 -22.28 -23.68 -14.59
CA THR E 156 -22.61 -22.64 -13.63
C THR E 156 -21.63 -22.65 -12.46
N PHE E 157 -20.60 -23.49 -12.53
CA PHE E 157 -19.59 -23.63 -11.51
C PHE E 157 -18.27 -23.07 -12.01
N GLN E 158 -17.48 -22.56 -11.07
CA GLN E 158 -16.20 -21.95 -11.38
C GLN E 158 -15.15 -22.96 -11.83
N GLY E 159 -15.10 -24.09 -11.15
CA GLY E 159 -14.03 -25.05 -11.38
C GLY E 159 -12.77 -24.57 -10.67
N PRO E 160 -11.66 -25.30 -10.67
CA PRO E 160 -10.41 -24.94 -10.00
C PRO E 160 -9.96 -23.51 -10.22
N ALA E 161 -9.65 -22.82 -9.13
CA ALA E 161 -9.16 -21.46 -9.17
C ALA E 161 -7.95 -21.25 -10.07
N THR E 162 -6.97 -22.14 -9.90
CA THR E 162 -5.75 -22.17 -10.69
C THR E 162 -5.79 -23.32 -11.69
N GLY E 163 -5.90 -24.56 -11.19
CA GLY E 163 -5.90 -25.72 -12.06
C GLY E 163 -4.46 -26.14 -12.30
N VAL E 164 -4.27 -27.45 -12.50
CA VAL E 164 -2.97 -28.07 -12.73
C VAL E 164 -2.06 -27.33 -13.70
N ILE E 165 -2.56 -27.02 -14.90
CA ILE E 165 -1.76 -26.41 -15.96
C ILE E 165 -1.22 -25.05 -15.54
N LEU E 166 -2.08 -24.16 -15.07
CA LEU E 166 -1.65 -22.85 -14.65
C LEU E 166 -0.73 -22.93 -13.43
N GLU E 167 -1.02 -23.85 -12.50
CA GLU E 167 -0.20 -24.05 -11.32
C GLU E 167 1.24 -24.34 -11.70
N ARG E 168 1.45 -25.30 -12.59
CA ARG E 168 2.79 -25.67 -13.02
C ARG E 168 3.48 -24.49 -13.71
N GLU E 169 2.73 -23.66 -14.45
CA GLU E 169 3.29 -22.47 -15.09
C GLU E 169 3.72 -21.45 -14.07
N ARG E 170 2.97 -21.25 -12.98
CA ARG E 170 3.34 -20.31 -11.94
C ARG E 170 4.54 -20.83 -11.14
N LEU E 171 4.71 -22.15 -11.03
CA LEU E 171 5.83 -22.71 -10.30
C LEU E 171 7.07 -22.97 -11.16
N ASP E 172 6.89 -23.06 -12.49
CA ASP E 172 7.93 -23.39 -13.48
C ASP E 172 8.50 -24.80 -13.23
N LYS E 173 7.56 -25.71 -12.95
CA LYS E 173 7.90 -27.10 -12.63
C LYS E 173 7.02 -28.01 -13.46
N PHE E 174 7.60 -28.77 -14.39
CA PHE E 174 6.85 -29.58 -15.34
C PHE E 174 7.52 -30.94 -15.49
N GLY E 175 6.79 -31.94 -15.96
CA GLY E 175 7.37 -33.24 -16.27
C GLY E 175 7.57 -34.22 -15.13
N ARG E 176 7.42 -33.82 -13.87
CA ARG E 176 7.66 -34.71 -12.76
C ARG E 176 6.56 -34.42 -11.74
N PRO E 177 6.17 -35.34 -10.86
CA PRO E 177 5.37 -35.03 -9.67
C PRO E 177 5.98 -33.93 -8.81
N LEU E 178 5.16 -33.25 -8.04
CA LEU E 178 5.66 -32.23 -7.15
C LEU E 178 5.86 -32.92 -5.80
N LEU E 179 6.76 -32.44 -4.94
CA LEU E 179 7.05 -33.08 -3.67
C LEU E 179 6.73 -32.16 -2.52
N GLY E 180 6.06 -32.72 -1.52
CA GLY E 180 5.62 -31.97 -0.36
C GLY E 180 5.96 -32.68 0.92
N CYS E 181 5.56 -32.14 2.07
CA CYS E 181 5.88 -32.71 3.37
C CYS E 181 5.01 -32.08 4.44
N THR E 182 4.34 -32.88 5.26
CA THR E 182 3.62 -32.31 6.38
C THR E 182 4.63 -32.17 7.53
N THR E 183 4.69 -31.03 8.20
CA THR E 183 5.57 -30.85 9.36
C THR E 183 5.08 -31.74 10.50
N LYS E 184 6.04 -32.39 11.18
CA LYS E 184 5.78 -33.30 12.28
C LYS E 184 6.65 -32.91 13.48
N PRO E 185 6.26 -33.05 14.76
CA PRO E 185 5.00 -33.63 15.23
C PRO E 185 3.76 -32.87 14.77
N LYS E 186 2.61 -33.53 14.66
CA LYS E 186 1.40 -32.88 14.17
C LYS E 186 1.08 -31.62 14.98
N LEU E 187 1.13 -31.73 16.30
CA LEU E 187 0.82 -30.60 17.16
C LEU E 187 1.97 -30.38 18.13
N GLY E 188 2.18 -29.14 18.54
CA GLY E 188 3.14 -28.85 19.58
C GLY E 188 4.27 -27.94 19.20
N LEU E 189 4.67 -27.81 17.93
CA LEU E 189 5.78 -26.93 17.60
C LEU E 189 5.38 -25.47 17.68
N SER E 190 6.37 -24.63 17.94
CA SER E 190 6.19 -23.18 17.96
C SER E 190 6.28 -22.65 16.53
N GLY E 191 5.96 -21.38 16.32
CA GLY E 191 6.05 -20.75 15.00
C GLY E 191 7.49 -20.74 14.51
N LYS E 192 8.42 -20.35 15.38
CA LYS E 192 9.85 -20.32 15.11
C LYS E 192 10.35 -21.68 14.66
N ASN E 193 10.00 -22.73 15.39
CA ASN E 193 10.46 -24.06 15.03
C ASN E 193 9.79 -24.61 13.78
N TYR E 194 8.55 -24.20 13.51
CA TYR E 194 7.84 -24.63 12.31
C TYR E 194 8.62 -24.10 11.10
N GLY E 195 9.02 -22.82 11.17
CA GLY E 195 9.81 -22.20 10.12
C GLY E 195 11.14 -22.88 9.89
N ARG E 196 11.79 -23.38 10.95
CA ARG E 196 13.03 -24.13 10.86
C ARG E 196 12.85 -25.35 9.95
N VAL E 197 11.83 -26.15 10.25
CA VAL E 197 11.54 -27.35 9.49
C VAL E 197 11.25 -27.00 8.04
N VAL E 198 10.45 -25.96 7.81
CA VAL E 198 10.11 -25.51 6.45
C VAL E 198 11.36 -25.17 5.67
N TYR E 199 12.26 -24.34 6.24
CA TYR E 199 13.49 -23.95 5.58
C TYR E 199 14.33 -25.17 5.20
N GLU E 200 14.57 -26.05 6.16
CA GLU E 200 15.38 -27.23 5.92
C GLU E 200 14.83 -28.11 4.81
N ALA E 201 13.54 -28.43 4.85
CA ALA E 201 12.93 -29.29 3.85
C ALA E 201 12.92 -28.69 2.46
N LEU E 202 12.57 -27.41 2.34
CA LEU E 202 12.52 -26.76 1.03
C LEU E 202 13.94 -26.64 0.46
N LYS E 203 14.92 -26.19 1.25
CA LYS E 203 16.30 -26.07 0.79
C LYS E 203 16.84 -27.43 0.34
N GLY E 204 16.49 -28.48 1.10
CA GLY E 204 16.92 -29.82 0.80
C GLY E 204 16.34 -30.36 -0.51
N GLY E 205 15.27 -29.80 -1.06
CA GLY E 205 14.78 -30.28 -2.34
C GLY E 205 13.27 -30.46 -2.44
N LEU E 206 12.48 -30.19 -1.41
CA LEU E 206 11.04 -30.35 -1.58
C LEU E 206 10.47 -29.10 -2.20
N ASP E 207 9.38 -29.24 -2.95
CA ASP E 207 8.77 -28.09 -3.62
C ASP E 207 7.88 -27.34 -2.66
N PHE E 208 7.26 -28.11 -1.78
CA PHE E 208 6.30 -27.61 -0.82
C PHE E 208 6.49 -28.27 0.52
N VAL E 209 6.04 -27.60 1.57
CA VAL E 209 5.92 -28.15 2.91
C VAL E 209 4.54 -27.67 3.33
N ASP E 211 1.26 -27.15 6.59
CA ASP E 211 0.78 -27.21 7.95
C ASP E 211 0.05 -28.52 8.11
N ASP E 212 0.03 -29.12 9.30
CA ASP E 212 -0.79 -30.30 9.45
C ASP E 212 -2.22 -29.79 9.50
N GLU E 213 -3.19 -30.56 8.99
CA GLU E 213 -4.58 -30.16 9.01
C GLU E 213 -5.14 -29.64 10.33
N ASN E 214 -4.59 -30.06 11.46
CA ASN E 214 -5.08 -29.61 12.75
C ASN E 214 -4.23 -28.48 13.31
N ILE E 215 -3.24 -27.98 12.58
CA ILE E 215 -2.43 -26.83 12.97
C ILE E 215 -3.23 -25.64 12.45
N ASN E 216 -3.75 -24.83 13.38
CA ASN E 216 -4.53 -23.67 13.00
C ASN E 216 -4.03 -22.52 13.86
N SER E 217 -4.48 -22.38 15.11
CA SER E 217 -4.03 -21.32 15.99
C SER E 217 -4.36 -21.92 17.35
N GLN E 218 -3.34 -22.25 18.15
CA GLN E 218 -3.54 -22.93 19.41
C GLN E 218 -2.62 -22.37 20.49
N PRO E 219 -2.80 -22.65 21.79
CA PRO E 219 -1.89 -22.21 22.86
C PRO E 219 -0.39 -22.35 22.62
N PHE E 220 0.07 -23.45 22.02
CA PHE E 220 1.49 -23.64 21.73
C PHE E 220 2.02 -22.82 20.55
N MET E 221 1.13 -22.37 19.65
CA MET E 221 1.52 -21.60 18.49
C MET E 221 0.29 -20.95 17.87
N ARG E 222 0.25 -19.62 17.86
CA ARG E 222 -0.83 -18.91 17.21
C ARG E 222 -0.44 -18.71 15.75
N TRP E 223 -1.41 -18.34 14.91
CA TRP E 223 -1.19 -18.39 13.49
C TRP E 223 -0.27 -17.31 12.91
N ARG E 224 -0.32 -16.08 13.41
CA ARG E 224 0.46 -15.01 12.83
C ARG E 224 1.96 -15.25 12.88
N GLU E 225 2.48 -15.84 13.97
CA GLU E 225 3.90 -16.16 14.08
C GLU E 225 4.29 -17.17 13.02
N ARG E 226 3.45 -18.18 12.84
CA ARG E 226 3.76 -19.25 11.92
C ARG E 226 3.80 -18.68 10.53
N TYR E 227 2.85 -17.83 10.15
CA TYR E 227 2.85 -17.23 8.83
C TYR E 227 4.08 -16.36 8.62
N LEU E 228 4.45 -15.49 9.57
CA LEU E 228 5.61 -14.65 9.43
C LEU E 228 6.91 -15.45 9.33
N PHE E 229 7.13 -16.40 10.24
CA PHE E 229 8.36 -17.19 10.22
C PHE E 229 8.46 -18.13 9.03
N THR E 230 7.35 -18.74 8.62
CA THR E 230 7.30 -19.58 7.45
C THR E 230 7.67 -18.81 6.18
N MET E 231 7.14 -17.59 5.98
CA MET E 231 7.45 -16.82 4.78
C MET E 231 8.92 -16.42 4.68
N GLU E 232 9.55 -16.16 5.82
CA GLU E 232 10.99 -15.91 5.88
C GLU E 232 11.69 -17.18 5.37
N ALA E 233 11.31 -18.34 5.89
CA ALA E 233 11.90 -19.62 5.50
C ALA E 233 11.70 -19.94 4.02
N VAL E 234 10.50 -19.68 3.48
CA VAL E 234 10.17 -19.91 2.08
C VAL E 234 11.06 -19.05 1.18
N ASN E 235 11.21 -17.77 1.51
CA ASN E 235 12.02 -16.88 0.68
C ASN E 235 13.50 -17.20 0.78
N LYS E 236 14.00 -17.57 1.96
CA LYS E 236 15.38 -17.99 2.11
C LYS E 236 15.65 -19.22 1.25
N ALA E 237 14.76 -20.23 1.30
CA ALA E 237 14.86 -21.44 0.50
C ALA E 237 14.86 -21.14 -1.00
N SER E 238 13.97 -20.25 -1.44
CA SER E 238 13.89 -19.83 -2.82
C SER E 238 15.22 -19.23 -3.25
N ALA E 239 15.80 -18.29 -2.48
CA ALA E 239 17.09 -17.69 -2.79
C ALA E 239 18.24 -18.70 -2.77
N ALA E 240 18.11 -19.73 -1.93
CA ALA E 240 19.10 -20.78 -1.84
C ALA E 240 19.02 -21.81 -2.97
N THR E 241 17.88 -21.95 -3.64
CA THR E 241 17.75 -22.93 -4.72
C THR E 241 17.57 -22.43 -6.15
N GLY E 242 17.03 -21.22 -6.29
CA GLY E 242 16.64 -20.70 -7.59
C GLY E 242 15.30 -21.29 -8.03
N GLU E 243 14.47 -21.76 -7.09
CA GLU E 243 13.17 -22.35 -7.40
C GLU E 243 12.08 -21.52 -6.79
N VAL E 244 10.85 -21.66 -7.28
CA VAL E 244 9.70 -21.05 -6.64
C VAL E 244 9.37 -22.09 -5.56
N LYS E 245 9.24 -21.67 -4.32
CA LYS E 245 8.96 -22.56 -3.20
C LYS E 245 7.67 -22.12 -2.56
N GLY E 246 7.04 -22.97 -1.76
CA GLY E 246 5.82 -22.60 -1.07
C GLY E 246 5.57 -23.47 0.15
N HIS E 247 4.70 -22.98 1.02
CA HIS E 247 4.29 -23.70 2.19
C HIS E 247 2.80 -23.49 2.32
N TYR E 248 2.02 -24.57 2.48
CA TYR E 248 0.57 -24.44 2.57
C TYR E 248 0.25 -23.87 3.94
N LEU E 249 -0.10 -22.60 3.96
CA LEU E 249 -0.52 -21.98 5.21
C LEU E 249 -1.99 -22.33 5.41
N ASN E 250 -2.29 -22.91 6.56
CA ASN E 250 -3.63 -23.38 6.84
C ASN E 250 -4.49 -22.26 7.37
N VAL E 251 -5.50 -21.88 6.59
CA VAL E 251 -6.39 -20.81 6.99
C VAL E 251 -7.69 -21.30 7.62
N THR E 252 -7.82 -22.60 7.91
CA THR E 252 -9.01 -23.17 8.53
C THR E 252 -9.31 -22.44 9.84
N ALA E 253 -10.55 -22.01 10.06
CA ALA E 253 -10.90 -21.31 11.29
C ALA E 253 -12.38 -21.49 11.54
N ALA E 254 -12.84 -21.07 12.72
CA ALA E 254 -14.21 -21.27 13.14
C ALA E 254 -15.24 -20.47 12.36
N THR E 255 -14.94 -19.21 12.02
CA THR E 255 -15.89 -18.38 11.29
C THR E 255 -15.31 -17.93 9.96
N MET E 256 -16.16 -17.48 9.04
CA MET E 256 -15.71 -17.03 7.73
C MET E 256 -14.80 -15.81 7.83
N GLU E 257 -15.13 -14.87 8.71
CA GLU E 257 -14.33 -13.66 8.91
C GLU E 257 -12.92 -13.99 9.36
N GLU E 258 -12.80 -14.96 10.27
CA GLU E 258 -11.49 -15.36 10.75
C GLU E 258 -10.71 -16.04 9.64
N MET E 259 -11.35 -16.83 8.78
CA MET E 259 -10.67 -17.46 7.66
C MET E 259 -10.16 -16.44 6.67
N TYR E 260 -11.01 -15.45 6.35
CA TYR E 260 -10.63 -14.36 5.47
C TYR E 260 -9.44 -13.59 6.02
N ALA E 261 -9.40 -13.34 7.33
CA ALA E 261 -8.28 -12.65 7.93
C ALA E 261 -6.97 -13.41 7.72
N ARG E 262 -7.00 -14.73 7.88
CA ARG E 262 -5.81 -15.55 7.71
C ARG E 262 -5.38 -15.63 6.25
N ALA E 263 -6.36 -15.86 5.37
CA ALA E 263 -6.12 -15.91 3.94
C ALA E 263 -5.54 -14.60 3.42
N ASN E 264 -6.11 -13.46 3.84
CA ASN E 264 -5.63 -12.17 3.40
C ASN E 264 -4.24 -11.85 3.93
N PHE E 265 -3.87 -12.29 5.14
CA PHE E 265 -2.50 -12.07 5.61
C PHE E 265 -1.55 -12.91 4.77
N ALA E 266 -1.89 -14.16 4.44
CA ALA E 266 -1.06 -14.98 3.57
C ALA E 266 -0.87 -14.33 2.21
N LYS E 267 -1.94 -13.72 1.70
CA LYS E 267 -1.93 -12.97 0.45
C LYS E 267 -0.94 -11.81 0.58
N GLU E 268 -1.02 -11.03 1.67
CA GLU E 268 -0.14 -9.89 1.91
C GLU E 268 1.32 -10.26 1.93
N LEU E 269 1.65 -11.41 2.54
CA LEU E 269 3.02 -11.86 2.63
C LEU E 269 3.57 -12.48 1.34
N GLY E 270 2.76 -12.65 0.29
CA GLY E 270 3.21 -13.20 -0.97
C GLY E 270 3.26 -14.72 -1.03
N SER E 271 2.48 -15.44 -0.20
CA SER E 271 2.49 -16.89 -0.28
C SER E 271 1.84 -17.30 -1.59
N VAL E 272 2.40 -18.33 -2.23
CA VAL E 272 1.85 -18.84 -3.47
C VAL E 272 0.66 -19.77 -3.22
N ILE E 273 0.50 -20.29 -1.99
CA ILE E 273 -0.52 -21.29 -1.70
C ILE E 273 -1.04 -21.19 -0.28
N ILE E 274 -2.28 -21.63 -0.07
CA ILE E 274 -2.89 -21.75 1.24
C ILE E 274 -3.60 -23.08 1.27
N MET E 275 -4.07 -23.55 2.43
CA MET E 275 -4.83 -24.79 2.51
C MET E 275 -6.00 -24.65 3.45
N ILE E 276 -7.03 -25.44 3.16
CA ILE E 276 -8.25 -25.51 3.95
C ILE E 276 -8.55 -26.98 4.21
N ASP E 277 -9.40 -27.27 5.19
CA ASP E 277 -9.78 -28.63 5.53
C ASP E 277 -11.24 -28.80 5.16
N LEU E 278 -11.61 -29.95 4.57
CA LEU E 278 -12.97 -30.29 4.18
C LEU E 278 -13.99 -30.01 5.27
N VAL E 279 -13.54 -30.25 6.50
CA VAL E 279 -14.32 -30.04 7.69
C VAL E 279 -14.88 -28.61 7.85
N ILE E 280 -14.37 -27.57 7.17
CA ILE E 280 -14.99 -26.24 7.25
C ILE E 280 -16.37 -26.23 6.58
N GLY E 281 -16.58 -27.15 5.64
CA GLY E 281 -17.86 -27.31 4.97
C GLY E 281 -17.89 -26.71 3.59
N TYR E 282 -18.92 -27.12 2.84
CA TYR E 282 -19.11 -26.75 1.44
C TYR E 282 -19.23 -25.26 1.16
N THR E 283 -20.05 -24.49 1.89
CA THR E 283 -20.18 -23.07 1.65
C THR E 283 -18.85 -22.34 1.89
N ALA E 284 -18.13 -22.65 2.97
CA ALA E 284 -16.84 -22.05 3.22
C ALA E 284 -15.85 -22.43 2.12
N ILE E 285 -15.86 -23.68 1.64
CA ILE E 285 -14.98 -24.10 0.55
C ILE E 285 -15.28 -23.29 -0.70
N GLN E 286 -16.55 -23.18 -1.11
CA GLN E 286 -16.90 -22.42 -2.31
C GLN E 286 -16.50 -20.96 -2.20
N THR E 287 -16.69 -20.37 -1.02
CA THR E 287 -16.30 -18.99 -0.76
C THR E 287 -14.78 -18.84 -0.91
N MET E 288 -14.00 -19.79 -0.39
CA MET E 288 -12.55 -19.72 -0.53
C MET E 288 -12.08 -20.01 -1.96
N ALA E 289 -12.79 -20.82 -2.73
CA ALA E 289 -12.42 -21.11 -4.11
C ALA E 289 -12.52 -19.86 -4.98
N LYS E 290 -13.58 -19.08 -4.74
CA LYS E 290 -13.78 -17.81 -5.44
C LYS E 290 -12.66 -16.85 -5.03
N TRP E 291 -12.38 -16.77 -3.71
CA TRP E 291 -11.33 -15.90 -3.21
C TRP E 291 -10.00 -16.23 -3.87
N ALA E 292 -9.63 -17.50 -3.96
CA ALA E 292 -8.38 -17.94 -4.57
C ALA E 292 -8.27 -17.54 -6.04
N ARG E 293 -9.36 -17.69 -6.81
CA ARG E 293 -9.39 -17.27 -8.21
C ARG E 293 -9.16 -15.76 -8.31
N ASP E 294 -9.85 -14.99 -7.47
CA ASP E 294 -9.73 -13.53 -7.47
C ASP E 294 -8.40 -13.03 -6.93
N ASN E 295 -7.65 -13.85 -6.18
CA ASN E 295 -6.41 -13.37 -5.59
C ASN E 295 -5.16 -14.16 -5.95
N ASP E 296 -5.22 -14.92 -7.05
CA ASP E 296 -4.08 -15.67 -7.60
C ASP E 296 -3.35 -16.54 -6.58
N MET E 297 -4.15 -17.34 -5.89
CA MET E 297 -3.65 -18.14 -4.80
C MET E 297 -3.99 -19.58 -5.12
N ILE E 298 -3.04 -20.51 -4.95
CA ILE E 298 -3.35 -21.93 -5.13
C ILE E 298 -4.07 -22.37 -3.85
N LEU E 299 -5.19 -23.08 -4.00
CA LEU E 299 -5.99 -23.52 -2.87
C LEU E 299 -5.88 -25.03 -2.72
N HIS E 300 -5.28 -25.49 -1.63
CA HIS E 300 -5.17 -26.91 -1.38
C HIS E 300 -6.28 -27.36 -0.43
N LEU E 301 -7.00 -28.43 -0.75
CA LEU E 301 -7.99 -28.98 0.16
C LEU E 301 -7.43 -30.25 0.79
N HIS E 302 -7.56 -30.35 2.12
CA HIS E 302 -7.21 -31.55 2.83
C HIS E 302 -8.56 -32.19 3.13
N ARG E 303 -8.83 -33.44 2.73
CA ARG E 303 -10.12 -34.06 2.95
C ARG E 303 -10.37 -34.63 4.35
N ALA E 304 -10.22 -33.76 5.35
CA ALA E 304 -10.40 -34.13 6.74
C ALA E 304 -11.84 -34.49 7.00
N GLY E 305 -12.07 -35.67 7.59
CA GLY E 305 -13.42 -36.11 7.89
C GLY E 305 -13.99 -36.96 6.76
N ASN E 306 -13.38 -36.98 5.58
CA ASN E 306 -13.90 -37.74 4.45
C ASN E 306 -14.19 -39.22 4.71
N SER E 307 -13.26 -39.92 5.35
CA SER E 307 -13.40 -41.35 5.56
C SER E 307 -14.45 -41.73 6.61
N THR E 308 -15.03 -40.73 7.28
CA THR E 308 -16.15 -40.92 8.18
C THR E 308 -17.34 -41.50 7.42
N TYR E 309 -17.47 -41.18 6.12
CA TYR E 309 -18.55 -41.70 5.30
C TYR E 309 -18.08 -42.48 4.07
N SER E 310 -16.81 -42.47 3.69
CA SER E 310 -16.38 -43.15 2.47
C SER E 310 -15.68 -44.49 2.55
N ARG E 311 -15.50 -45.00 3.77
CA ARG E 311 -14.70 -46.19 3.97
C ARG E 311 -15.48 -47.46 3.67
N GLN E 312 -16.74 -47.51 4.07
CA GLN E 312 -17.49 -48.75 3.95
C GLN E 312 -18.32 -48.81 2.69
N LYS E 313 -18.21 -49.97 2.06
CA LYS E 313 -18.87 -50.25 0.81
C LYS E 313 -20.39 -50.24 0.86
N ASN E 314 -21.01 -50.48 2.02
CA ASN E 314 -22.45 -50.57 2.09
C ASN E 314 -23.16 -49.26 2.43
N HIS E 315 -22.48 -48.24 2.95
CA HIS E 315 -23.16 -47.02 3.34
C HIS E 315 -22.22 -45.84 3.36
N GLY E 316 -22.77 -44.72 2.90
CA GLY E 316 -22.04 -43.48 2.93
C GLY E 316 -21.98 -42.91 1.53
N MET E 317 -20.84 -42.35 1.14
CA MET E 317 -20.69 -41.74 -0.16
C MET E 317 -19.31 -42.12 -0.64
N ASN E 318 -19.18 -42.59 -1.87
CA ASN E 318 -17.87 -42.96 -2.40
C ASN E 318 -17.10 -41.68 -2.70
N PHE E 319 -15.80 -41.66 -2.43
CA PHE E 319 -14.98 -40.47 -2.64
C PHE E 319 -15.01 -39.91 -4.06
N ARG E 320 -15.28 -40.66 -5.14
CA ARG E 320 -15.31 -40.09 -6.49
C ARG E 320 -16.41 -39.03 -6.63
N VAL E 321 -17.50 -39.17 -5.88
CA VAL E 321 -18.56 -38.17 -5.83
C VAL E 321 -18.02 -36.88 -5.22
N ILE E 322 -17.26 -36.98 -4.11
CA ILE E 322 -16.67 -35.81 -3.46
C ILE E 322 -15.65 -35.22 -4.42
N CYS E 323 -14.87 -36.01 -5.15
CA CYS E 323 -13.97 -35.49 -6.18
C CYS E 323 -14.69 -34.63 -7.22
N LYS E 324 -15.86 -35.06 -7.70
CA LYS E 324 -16.62 -34.28 -8.66
C LYS E 324 -17.09 -32.99 -8.04
N TRP E 325 -17.73 -33.06 -6.87
CA TRP E 325 -18.23 -31.87 -6.19
C TRP E 325 -17.13 -30.87 -5.88
N MET E 326 -15.93 -31.31 -5.51
CA MET E 326 -14.85 -30.40 -5.19
C MET E 326 -14.17 -29.84 -6.44
N ARG E 327 -14.12 -30.59 -7.54
CA ARG E 327 -13.58 -30.06 -8.78
C ARG E 327 -14.54 -28.96 -9.23
N MET E 328 -15.83 -29.16 -9.03
CA MET E 328 -16.86 -28.17 -9.33
C MET E 328 -16.72 -26.94 -8.47
N ALA E 329 -16.58 -27.15 -7.15
CA ALA E 329 -16.45 -26.09 -6.18
C ALA E 329 -15.28 -25.18 -6.48
N GLY E 330 -14.14 -25.72 -6.90
CA GLY E 330 -13.05 -24.86 -7.31
C GLY E 330 -11.72 -25.05 -6.62
N VAL E 331 -11.58 -26.17 -5.92
CA VAL E 331 -10.36 -26.48 -5.19
C VAL E 331 -9.22 -26.81 -6.16
N ASP E 332 -7.96 -26.53 -5.82
CA ASP E 332 -6.86 -26.83 -6.73
C ASP E 332 -6.13 -28.12 -6.47
N HIS E 333 -6.15 -28.59 -5.23
CA HIS E 333 -5.49 -29.84 -4.88
C HIS E 333 -6.49 -30.54 -3.97
N ILE E 334 -6.56 -31.86 -4.02
CA ILE E 334 -7.32 -32.62 -3.05
C ILE E 334 -6.54 -33.92 -2.87
N HIS E 335 -6.53 -34.41 -1.64
CA HIS E 335 -5.85 -35.66 -1.33
C HIS E 335 -6.67 -36.77 -1.95
N ALA E 336 -6.07 -37.62 -2.75
CA ALA E 336 -6.80 -38.69 -3.41
C ALA E 336 -6.28 -40.09 -3.10
N GLY E 337 -5.34 -40.18 -2.17
CA GLY E 337 -4.83 -41.46 -1.72
C GLY E 337 -3.54 -41.88 -2.38
N THR E 338 -2.81 -42.74 -1.68
CA THR E 338 -1.62 -43.42 -2.15
C THR E 338 -2.11 -44.86 -2.15
N VAL E 339 -1.74 -45.71 -3.09
CA VAL E 339 -2.21 -47.09 -3.00
C VAL E 339 -1.45 -47.83 -1.89
N VAL E 340 -0.13 -47.59 -1.83
CA VAL E 340 0.77 -48.27 -0.91
C VAL E 340 1.07 -47.60 0.42
N GLY E 341 0.25 -46.66 0.88
CA GLY E 341 0.60 -45.89 2.06
C GLY E 341 -0.11 -46.40 3.30
N LYS E 342 -0.22 -45.59 4.35
CA LYS E 342 -0.87 -46.03 5.58
C LYS E 342 -2.40 -45.85 5.56
N LEU E 343 -2.94 -45.11 4.59
CA LEU E 343 -4.37 -44.91 4.47
C LEU E 343 -4.89 -45.76 3.32
N GLU E 344 -6.17 -46.11 3.45
CA GLU E 344 -6.95 -46.92 2.52
C GLU E 344 -6.88 -46.46 1.07
N GLY E 345 -6.61 -47.37 0.14
CA GLY E 345 -6.57 -47.02 -1.27
C GLY E 345 -6.42 -48.23 -2.18
N ASP E 346 -7.53 -48.81 -2.65
CA ASP E 346 -7.48 -49.95 -3.56
C ASP E 346 -7.02 -49.44 -4.92
N PRO E 347 -6.00 -50.01 -5.60
CA PRO E 347 -5.47 -49.50 -6.87
C PRO E 347 -6.48 -49.16 -7.97
N ILE E 348 -7.47 -50.04 -8.19
CA ILE E 348 -8.45 -49.85 -9.24
C ILE E 348 -9.42 -48.72 -8.88
N ILE E 349 -9.90 -48.65 -7.62
CA ILE E 349 -10.83 -47.61 -7.21
C ILE E 349 -10.09 -46.27 -7.14
N THR E 350 -8.85 -46.22 -6.65
CA THR E 350 -8.03 -45.02 -6.61
C THR E 350 -7.78 -44.48 -8.02
N ARG E 351 -7.58 -45.34 -9.03
CA ARG E 351 -7.37 -44.92 -10.40
C ARG E 351 -8.58 -44.11 -10.89
N GLY E 352 -9.78 -44.54 -10.52
CA GLY E 352 -11.02 -43.85 -10.86
C GLY E 352 -11.03 -42.44 -10.29
N PHE E 353 -10.60 -42.28 -9.03
CA PHE E 353 -10.52 -40.97 -8.39
C PHE E 353 -9.60 -40.04 -9.16
N TYR E 354 -8.39 -40.51 -9.49
CA TYR E 354 -7.41 -39.72 -10.23
C TYR E 354 -7.94 -39.29 -11.59
N LYS E 355 -8.61 -40.19 -12.32
CA LYS E 355 -9.23 -39.87 -13.60
C LYS E 355 -10.29 -38.80 -13.43
N THR E 356 -11.12 -38.87 -12.39
CA THR E 356 -12.15 -37.89 -12.12
C THR E 356 -11.58 -36.49 -11.97
N LEU E 357 -10.43 -36.40 -11.32
CA LEU E 357 -9.78 -35.11 -11.05
C LEU E 357 -9.01 -34.52 -12.22
N LEU E 358 -8.38 -35.39 -13.00
CA LEU E 358 -7.49 -34.98 -14.08
C LEU E 358 -8.01 -34.96 -15.51
N LEU E 359 -9.01 -35.76 -15.85
CA LEU E 359 -9.40 -35.93 -17.23
C LEU E 359 -10.44 -34.95 -17.75
N PRO E 360 -10.43 -34.56 -19.03
CA PRO E 360 -11.49 -33.76 -19.63
C PRO E 360 -12.83 -34.46 -19.86
N LYS E 361 -12.83 -35.79 -19.98
CA LYS E 361 -14.04 -36.56 -20.22
C LYS E 361 -13.81 -37.91 -19.52
N LEU E 362 -14.82 -38.37 -18.81
CA LEU E 362 -14.80 -39.63 -18.10
C LEU E 362 -15.61 -40.66 -18.89
N GLU E 363 -15.04 -41.85 -19.04
CA GLU E 363 -15.72 -42.94 -19.73
C GLU E 363 -16.17 -43.95 -18.70
N ARG E 364 -17.36 -44.49 -18.94
CA ARG E 364 -17.96 -45.49 -18.07
C ARG E 364 -17.04 -46.70 -17.99
N ASN E 365 -16.69 -47.09 -16.77
CA ASN E 365 -15.83 -48.23 -16.52
C ASN E 365 -16.26 -48.77 -15.17
N LEU E 366 -16.99 -49.88 -15.26
CA LEU E 366 -17.57 -50.56 -14.11
C LEU E 366 -16.53 -51.04 -13.12
N GLN E 367 -15.33 -51.41 -13.59
CA GLN E 367 -14.28 -51.87 -12.69
C GLN E 367 -13.80 -50.77 -11.78
N GLU E 368 -13.71 -49.52 -12.27
CA GLU E 368 -13.28 -48.41 -11.45
C GLU E 368 -14.43 -47.81 -10.66
N GLY E 369 -15.66 -48.22 -10.96
CA GLY E 369 -16.84 -47.68 -10.33
C GLY E 369 -17.29 -46.41 -11.03
N LEU E 370 -16.79 -46.14 -12.25
CA LEU E 370 -17.24 -44.98 -13.01
C LEU E 370 -18.47 -45.46 -13.77
N PHE E 371 -19.64 -45.24 -13.20
CA PHE E 371 -20.89 -45.70 -13.80
C PHE E 371 -21.45 -44.82 -14.91
N PHE E 372 -20.93 -43.62 -15.15
CA PHE E 372 -21.51 -42.74 -16.15
C PHE E 372 -20.42 -42.13 -17.01
N ASP E 373 -20.74 -41.82 -18.27
CA ASP E 373 -19.83 -41.07 -19.12
C ASP E 373 -20.09 -39.62 -18.69
N MET E 374 -19.09 -38.75 -18.65
CA MET E 374 -19.34 -37.38 -18.21
C MET E 374 -18.33 -36.45 -18.87
N GLU E 375 -18.79 -35.36 -19.50
CA GLU E 375 -17.88 -34.38 -20.08
C GLU E 375 -17.63 -33.39 -18.95
N TRP E 376 -16.42 -32.88 -18.77
CA TRP E 376 -16.18 -31.92 -17.70
C TRP E 376 -16.35 -30.43 -18.02
N ALA E 377 -16.99 -30.06 -19.14
CA ALA E 377 -17.26 -28.68 -19.56
C ALA E 377 -16.07 -27.71 -19.54
N SER E 378 -14.90 -28.28 -19.82
CA SER E 378 -13.61 -27.62 -19.81
C SER E 378 -13.22 -26.93 -18.49
N LEU E 379 -13.78 -27.41 -17.38
CA LEU E 379 -13.39 -26.91 -16.07
C LEU E 379 -11.98 -27.45 -15.85
N ARG E 380 -11.16 -26.63 -15.19
CA ARG E 380 -9.77 -26.95 -14.95
C ARG E 380 -9.56 -28.21 -14.12
N LYS E 381 -8.36 -28.76 -14.21
CA LYS E 381 -8.01 -30.00 -13.56
C LYS E 381 -7.58 -29.81 -12.12
N VAL E 382 -7.99 -30.70 -11.21
CA VAL E 382 -7.57 -30.64 -9.82
C VAL E 382 -6.31 -31.49 -9.71
N MET E 383 -5.29 -31.03 -8.99
CA MET E 383 -4.05 -31.78 -8.77
C MET E 383 -4.30 -32.75 -7.62
N PRO E 384 -4.28 -34.06 -7.82
CA PRO E 384 -4.36 -35.03 -6.74
C PRO E 384 -3.11 -34.99 -5.88
N VAL E 385 -3.33 -35.19 -4.59
CA VAL E 385 -2.25 -35.20 -3.62
C VAL E 385 -2.22 -36.60 -3.02
N ALA E 386 -1.05 -37.21 -3.03
CA ALA E 386 -0.84 -38.55 -2.49
C ALA E 386 0.01 -38.39 -1.24
N SER E 387 -0.52 -38.74 -0.07
CA SER E 387 0.16 -38.51 1.20
C SER E 387 -0.21 -39.59 2.21
N GLY E 388 0.71 -39.85 3.13
CA GLY E 388 0.44 -40.78 4.20
C GLY E 388 1.25 -42.05 4.12
N GLY E 389 2.18 -42.18 5.07
CA GLY E 389 3.00 -43.37 5.24
C GLY E 389 3.81 -43.81 4.04
N ILE E 390 4.20 -42.89 3.16
CA ILE E 390 4.99 -43.31 2.01
C ILE E 390 6.44 -42.90 2.21
N HIS E 391 7.32 -43.57 1.48
CA HIS E 391 8.74 -43.35 1.57
C HIS E 391 9.41 -43.67 0.24
N ALA E 392 10.59 -43.13 0.00
CA ALA E 392 11.43 -43.44 -1.16
C ALA E 392 11.65 -44.95 -1.09
N GLY E 393 11.73 -45.65 -2.20
CA GLY E 393 11.72 -47.10 -2.12
C GLY E 393 10.41 -47.55 -2.73
N GLN E 394 9.31 -46.88 -2.36
CA GLN E 394 8.04 -47.14 -3.00
C GLN E 394 7.93 -46.31 -4.29
N MET E 395 8.88 -45.42 -4.56
CA MET E 395 8.86 -44.49 -5.69
C MET E 395 8.42 -45.08 -7.03
N HIS E 396 9.02 -46.19 -7.45
CA HIS E 396 8.61 -46.85 -8.68
C HIS E 396 7.14 -47.24 -8.74
N GLN E 397 6.51 -47.68 -7.64
CA GLN E 397 5.10 -47.99 -7.73
C GLN E 397 4.26 -46.74 -7.51
N LEU E 398 4.77 -45.70 -6.84
CA LEU E 398 4.04 -44.44 -6.72
C LEU E 398 3.88 -43.86 -8.13
N ILE E 399 4.96 -43.78 -8.92
CA ILE E 399 4.88 -43.30 -10.30
C ILE E 399 3.93 -44.20 -11.09
N HIS E 400 4.04 -45.51 -10.91
CA HIS E 400 3.17 -46.44 -11.62
C HIS E 400 1.68 -46.34 -11.30
N TYR E 401 1.25 -46.11 -10.06
CA TYR E 401 -0.17 -46.06 -9.75
C TYR E 401 -0.76 -44.66 -9.85
N LEU E 402 0.05 -43.66 -9.53
CA LEU E 402 -0.43 -42.30 -9.42
C LEU E 402 -0.08 -41.41 -10.62
N GLY E 403 0.94 -41.77 -11.38
CA GLY E 403 1.27 -41.02 -12.58
C GLY E 403 2.09 -39.76 -12.29
N GLU E 404 2.07 -38.90 -13.29
CA GLU E 404 2.88 -37.69 -13.32
C GLU E 404 2.27 -36.49 -12.61
N ASP E 405 0.97 -36.26 -12.75
CA ASP E 405 0.36 -35.09 -12.15
C ASP E 405 -0.20 -35.48 -10.79
N VAL E 406 0.64 -35.32 -9.78
CA VAL E 406 0.30 -35.64 -8.40
C VAL E 406 1.33 -34.93 -7.52
N VAL E 407 0.95 -34.57 -6.29
CA VAL E 407 1.91 -34.01 -5.33
C VAL E 407 2.14 -35.18 -4.39
N LEU E 408 3.38 -35.66 -4.31
CA LEU E 408 3.76 -36.75 -3.44
C LEU E 408 4.25 -36.13 -2.14
N GLN E 409 3.58 -36.39 -1.01
CA GLN E 409 3.98 -35.78 0.23
C GLN E 409 4.57 -36.76 1.23
N PHE E 410 5.81 -36.45 1.64
CA PHE E 410 6.57 -37.28 2.56
C PHE E 410 6.82 -36.52 3.86
N GLY E 411 5.97 -36.66 4.87
CA GLY E 411 6.21 -36.01 6.17
C GLY E 411 7.27 -36.77 6.94
N GLY E 412 6.85 -37.94 7.44
CA GLY E 412 7.73 -38.83 8.18
C GLY E 412 8.87 -39.28 7.29
N GLY E 413 8.56 -39.52 6.01
CA GLY E 413 9.53 -39.90 5.00
C GLY E 413 10.62 -38.86 4.75
N THR E 414 10.48 -37.65 5.28
CA THR E 414 11.51 -36.62 5.17
C THR E 414 12.08 -36.39 6.57
N ILE E 415 11.27 -35.94 7.53
CA ILE E 415 11.72 -35.56 8.87
C ILE E 415 12.28 -36.73 9.68
N GLY E 416 11.82 -37.94 9.42
CA GLY E 416 12.28 -39.12 10.14
C GLY E 416 13.66 -39.59 9.72
N HIS E 417 14.29 -38.96 8.71
CA HIS E 417 15.61 -39.34 8.22
C HIS E 417 16.71 -39.09 9.27
N PRO E 418 17.60 -40.04 9.58
CA PRO E 418 18.58 -39.90 10.65
C PRO E 418 19.60 -38.79 10.51
N ASP E 419 20.00 -38.51 9.27
CA ASP E 419 20.95 -37.45 8.98
C ASP E 419 20.35 -36.05 8.85
N GLY E 420 19.09 -35.83 9.23
CA GLY E 420 18.51 -34.50 9.14
C GLY E 420 17.47 -34.38 8.04
N ILE E 421 16.75 -33.27 8.16
CA ILE E 421 15.63 -32.94 7.30
C ILE E 421 16.10 -32.63 5.86
N GLN E 422 17.19 -31.86 5.67
CA GLN E 422 17.69 -31.56 4.33
C GLN E 422 17.99 -32.86 3.59
N ALA E 423 18.69 -33.76 4.28
CA ALA E 423 19.02 -35.07 3.74
C ALA E 423 17.78 -35.89 3.37
N GLY E 424 16.71 -35.78 4.15
CA GLY E 424 15.47 -36.49 3.87
C GLY E 424 14.85 -36.00 2.58
N ALA E 425 14.82 -34.67 2.45
CA ALA E 425 14.27 -34.01 1.29
C ALA E 425 15.05 -34.36 0.03
N THR E 426 16.38 -34.31 0.07
CA THR E 426 17.22 -34.67 -1.06
C THR E 426 16.96 -36.10 -1.50
N ALA E 427 16.89 -37.03 -0.55
CA ALA E 427 16.66 -38.44 -0.83
C ALA E 427 15.41 -38.64 -1.66
N ASN E 428 14.33 -37.96 -1.25
CA ASN E 428 13.07 -38.05 -1.94
C ASN E 428 13.13 -37.42 -3.33
N ARG E 429 13.77 -36.25 -3.45
CA ARG E 429 13.89 -35.55 -4.72
C ARG E 429 14.71 -36.33 -5.75
N VAL E 430 15.86 -36.86 -5.35
CA VAL E 430 16.74 -37.64 -6.22
C VAL E 430 16.00 -38.92 -6.65
N ALA E 431 15.33 -39.59 -5.71
CA ALA E 431 14.56 -40.79 -6.02
C ALA E 431 13.51 -40.51 -7.08
N LEU E 432 12.79 -39.40 -6.94
CA LEU E 432 11.74 -39.03 -7.90
C LEU E 432 12.30 -38.83 -9.30
N GLU E 433 13.31 -37.97 -9.39
CA GLU E 433 13.89 -37.63 -10.67
C GLU E 433 14.51 -38.81 -11.40
N ALA E 434 15.25 -39.65 -10.67
CA ALA E 434 15.84 -40.85 -11.25
C ALA E 434 14.75 -41.76 -11.81
N MET E 435 13.64 -41.87 -11.09
CA MET E 435 12.54 -42.71 -11.51
C MET E 435 11.85 -42.18 -12.76
N ILE E 436 11.50 -40.89 -12.88
CA ILE E 436 10.82 -40.49 -14.09
C ILE E 436 11.83 -40.38 -15.24
N LEU E 437 13.13 -40.21 -14.98
CA LEU E 437 14.15 -40.24 -16.04
C LEU E 437 14.13 -41.63 -16.67
N ALA E 438 14.15 -42.65 -15.82
CA ALA E 438 14.09 -44.04 -16.26
C ALA E 438 12.79 -44.32 -17.01
N ARG E 439 11.65 -43.85 -16.51
CA ARG E 439 10.36 -43.98 -17.18
C ARG E 439 10.45 -43.40 -18.60
N ASN E 440 10.95 -42.17 -18.72
CA ASN E 440 11.09 -41.50 -20.00
C ASN E 440 12.03 -42.21 -20.94
N GLU E 441 13.01 -42.94 -20.41
CA GLU E 441 13.91 -43.75 -21.23
C GLU E 441 13.29 -45.09 -21.66
N ASN E 442 12.00 -45.32 -21.37
CA ASN E 442 11.25 -46.52 -21.71
C ASN E 442 11.74 -47.80 -21.05
N ARG E 443 12.26 -47.64 -19.84
CA ARG E 443 12.69 -48.78 -19.05
C ARG E 443 11.48 -49.28 -18.27
N ASP E 444 11.38 -50.58 -18.00
CA ASP E 444 10.28 -51.12 -17.20
C ASP E 444 10.59 -50.78 -15.75
N TYR E 445 10.32 -49.52 -15.37
CA TYR E 445 10.61 -49.01 -14.04
C TYR E 445 9.88 -49.73 -12.92
N LEU E 446 8.75 -50.40 -13.17
CA LEU E 446 8.05 -51.11 -12.10
C LEU E 446 8.93 -52.24 -11.57
N THR E 447 9.39 -53.08 -12.50
CA THR E 447 10.25 -54.21 -12.20
C THR E 447 11.67 -53.77 -11.85
N GLU E 448 12.29 -52.91 -12.66
CA GLU E 448 13.66 -52.47 -12.41
C GLU E 448 13.79 -51.44 -11.29
N GLY E 449 12.67 -50.92 -10.78
CA GLY E 449 12.61 -49.91 -9.73
C GLY E 449 13.60 -50.03 -8.58
N PRO E 450 13.64 -51.11 -7.79
CA PRO E 450 14.63 -51.32 -6.73
C PRO E 450 16.06 -51.08 -7.21
N GLU E 451 16.37 -51.53 -8.44
CA GLU E 451 17.70 -51.35 -9.00
C GLU E 451 17.95 -49.91 -9.44
N ILE E 452 16.95 -49.22 -9.98
CA ILE E 452 17.09 -47.82 -10.37
C ILE E 452 17.44 -46.99 -9.12
N LEU E 453 16.70 -47.24 -8.03
CA LEU E 453 16.93 -46.56 -6.78
C LEU E 453 18.30 -46.88 -6.21
N ARG E 454 18.69 -48.16 -6.23
CA ARG E 454 19.99 -48.62 -5.74
C ARG E 454 21.13 -47.97 -6.52
N GLU E 455 20.95 -47.83 -7.83
CA GLU E 455 21.95 -47.20 -8.69
C GLU E 455 22.08 -45.72 -8.35
N ALA E 456 20.97 -45.00 -8.18
CA ALA E 456 21.02 -43.59 -7.80
C ALA E 456 21.59 -43.38 -6.39
N ALA E 457 21.32 -44.34 -5.49
CA ALA E 457 21.82 -44.33 -4.12
C ALA E 457 23.34 -44.38 -4.06
N LYS E 458 24.01 -45.00 -5.03
CA LYS E 458 25.47 -45.04 -5.07
C LYS E 458 26.08 -43.65 -5.11
N THR E 459 25.42 -42.69 -5.76
CA THR E 459 25.91 -41.32 -5.84
C THR E 459 25.32 -40.48 -4.70
N CYS E 460 24.19 -40.88 -4.10
CA CYS E 460 23.56 -40.06 -3.10
C CYS E 460 23.34 -40.81 -1.79
N GLY E 461 24.30 -40.60 -0.90
CA GLY E 461 24.31 -41.22 0.43
C GLY E 461 23.00 -41.07 1.21
N ALA E 462 22.37 -39.90 1.10
CA ALA E 462 21.11 -39.63 1.78
C ALA E 462 20.01 -40.60 1.36
N LEU E 463 19.97 -40.94 0.07
CA LEU E 463 18.99 -41.87 -0.45
C LEU E 463 19.34 -43.29 0.00
N ARG E 464 20.64 -43.65 0.01
CA ARG E 464 21.07 -44.97 0.45
C ARG E 464 20.57 -45.25 1.85
N THR E 465 20.82 -44.32 2.77
CA THR E 465 20.35 -44.42 4.13
C THR E 465 18.82 -44.50 4.22
N ALA E 466 18.08 -43.78 3.36
CA ALA E 466 16.62 -43.81 3.38
C ALA E 466 16.08 -45.16 2.94
N LEU E 467 16.73 -45.74 1.92
CA LEU E 467 16.34 -47.05 1.42
C LEU E 467 16.61 -48.11 2.47
N ASP E 468 17.77 -48.05 3.16
CA ASP E 468 18.07 -49.01 4.21
C ASP E 468 17.09 -48.90 5.37
N LEU E 469 16.86 -47.69 5.86
CA LEU E 469 15.96 -47.45 6.98
C LEU E 469 14.55 -48.00 6.80
N TRP E 470 13.90 -47.65 5.70
CA TRP E 470 12.52 -48.05 5.54
C TRP E 470 12.30 -49.22 4.59
N LYS E 471 13.37 -49.96 4.30
CA LYS E 471 13.38 -51.09 3.38
C LYS E 471 12.21 -52.06 3.44
N ASP E 472 11.89 -52.53 4.64
CA ASP E 472 10.85 -53.52 4.81
C ASP E 472 9.48 -52.94 5.18
N ILE E 473 9.31 -51.62 5.13
CA ILE E 473 8.04 -51.05 5.56
C ILE E 473 7.08 -51.07 4.39
N THR E 474 6.01 -51.82 4.66
CA THR E 474 4.95 -52.10 3.73
C THR E 474 3.65 -52.00 4.53
N PHE E 475 2.51 -51.76 3.89
CA PHE E 475 1.22 -51.67 4.57
C PHE E 475 0.21 -52.61 3.90
N ASN E 476 0.45 -53.91 4.01
CA ASN E 476 -0.42 -54.91 3.38
C ASN E 476 -1.67 -55.18 4.21
N TYR E 477 -2.79 -54.52 3.89
CA TYR E 477 -4.06 -54.76 4.58
C TYR E 477 -5.17 -54.87 3.54
N THR E 478 -6.25 -55.57 3.87
CA THR E 478 -7.38 -55.74 2.98
C THR E 478 -8.16 -54.44 2.84
N SER E 479 -8.38 -54.04 1.59
CA SER E 479 -9.13 -52.83 1.30
C SER E 479 -10.61 -53.04 1.59
N THR E 480 -11.26 -52.03 2.16
CA THR E 480 -12.68 -52.06 2.45
C THR E 480 -13.48 -51.60 1.23
N ASP E 481 -13.06 -50.49 0.62
CA ASP E 481 -13.73 -49.94 -0.56
C ASP E 481 -13.11 -50.55 -1.82
N THR E 482 -13.79 -51.58 -2.29
CA THR E 482 -13.33 -52.41 -3.41
C THR E 482 -14.32 -52.36 -4.59
N SER E 483 -13.87 -52.79 -5.78
CA SER E 483 -14.71 -52.90 -6.95
C SER E 483 -15.64 -54.10 -6.82
N ASP E 484 -16.78 -54.01 -7.51
CA ASP E 484 -17.73 -55.11 -7.55
C ASP E 484 -17.61 -55.91 -8.84
N PHE E 485 -16.70 -55.55 -9.75
CA PHE E 485 -16.62 -56.17 -11.06
C PHE E 485 -15.19 -56.62 -11.36
N VAL E 486 -14.67 -57.54 -10.53
CA VAL E 486 -13.30 -58.05 -10.68
C VAL E 486 -13.27 -59.57 -10.60
N VAL F 1 25.84 -21.91 -6.25
CA VAL F 1 24.74 -22.80 -5.94
C VAL F 1 24.61 -23.66 -7.21
N ARG F 2 23.69 -24.61 -7.25
CA ARG F 2 23.32 -25.36 -8.44
C ARG F 2 21.86 -24.95 -8.53
N ILE F 3 21.47 -24.37 -9.66
CA ILE F 3 20.11 -23.92 -9.86
C ILE F 3 19.30 -25.18 -10.10
N THR F 4 18.30 -25.44 -9.27
CA THR F 4 17.53 -26.64 -9.48
C THR F 4 16.17 -26.48 -10.16
N GLN F 5 16.11 -25.51 -11.07
CA GLN F 5 14.98 -25.31 -11.97
C GLN F 5 15.15 -26.42 -13.02
N GLY F 6 14.07 -26.96 -13.57
CA GLY F 6 14.21 -28.01 -14.56
C GLY F 6 13.88 -29.36 -13.96
N THR F 7 13.41 -30.25 -14.83
CA THR F 7 12.90 -31.54 -14.40
C THR F 7 13.98 -32.47 -13.85
N PHE F 8 15.24 -32.39 -14.27
CA PHE F 8 16.23 -33.37 -13.85
C PHE F 8 17.45 -32.76 -13.18
N SER F 9 17.34 -31.58 -12.58
CA SER F 9 18.51 -30.89 -12.06
C SER F 9 19.06 -31.39 -10.72
N PHE F 10 18.46 -32.36 -10.04
CA PHE F 10 19.09 -32.99 -8.88
C PHE F 10 19.93 -34.18 -9.34
N LEU F 11 19.85 -34.53 -10.62
CA LEU F 11 20.65 -35.59 -11.19
C LEU F 11 21.88 -34.91 -11.80
N PRO F 12 22.98 -35.63 -12.12
CA PRO F 12 24.08 -35.11 -12.92
C PRO F 12 23.62 -34.55 -14.26
N ASP F 13 24.42 -33.61 -14.79
CA ASP F 13 24.15 -33.01 -16.08
C ASP F 13 24.14 -34.13 -17.13
N LEU F 14 23.02 -34.20 -17.83
CA LEU F 14 22.78 -35.22 -18.84
C LEU F 14 23.76 -35.21 -20.00
N THR F 15 24.20 -36.40 -20.35
CA THR F 15 25.05 -36.59 -21.50
C THR F 15 24.19 -36.52 -22.76
N ASP F 16 24.76 -36.20 -23.92
CA ASP F 16 24.03 -36.22 -25.18
C ASP F 16 23.25 -37.49 -25.43
N GLU F 17 23.78 -38.62 -24.94
CA GLU F 17 23.11 -39.90 -25.04
C GLU F 17 21.80 -39.86 -24.26
N GLN F 18 21.84 -39.32 -23.04
CA GLN F 18 20.65 -39.19 -22.20
C GLN F 18 19.67 -38.18 -22.79
N ILE F 19 20.16 -37.07 -23.33
CA ILE F 19 19.32 -36.05 -23.93
C ILE F 19 18.58 -36.65 -25.12
N LYS F 20 19.27 -37.43 -25.97
CA LYS F 20 18.69 -38.08 -27.14
C LYS F 20 17.49 -38.93 -26.71
N LYS F 21 17.63 -39.71 -25.64
CA LYS F 21 16.52 -40.53 -25.16
C LYS F 21 15.34 -39.69 -24.69
N GLN F 22 15.59 -38.52 -24.10
CA GLN F 22 14.52 -37.63 -23.68
C GLN F 22 13.83 -37.03 -24.90
N ILE F 23 14.58 -36.72 -25.96
CA ILE F 23 13.98 -36.21 -27.18
C ILE F 23 13.11 -37.29 -27.79
N ASP F 24 13.51 -38.57 -27.76
CA ASP F 24 12.66 -39.67 -28.24
C ASP F 24 11.33 -39.69 -27.49
N TYR F 25 11.36 -39.44 -26.19
CA TYR F 25 10.15 -39.37 -25.36
C TYR F 25 9.28 -38.23 -25.88
N MET F 26 9.86 -37.05 -26.10
CA MET F 26 9.09 -35.91 -26.60
C MET F 26 8.48 -36.19 -27.96
N ILE F 27 9.20 -36.87 -28.85
CA ILE F 27 8.72 -37.22 -30.17
C ILE F 27 7.57 -38.23 -30.07
N SER F 28 7.64 -39.22 -29.17
CA SER F 28 6.54 -40.19 -29.05
C SER F 28 5.27 -39.56 -28.52
N LYS F 29 5.40 -38.46 -27.79
CA LYS F 29 4.24 -37.72 -27.33
C LYS F 29 3.84 -36.56 -28.23
N LYS F 30 4.41 -36.48 -29.45
CA LYS F 30 4.11 -35.46 -30.45
C LYS F 30 4.20 -34.01 -29.95
N LEU F 31 5.25 -33.76 -29.18
CA LEU F 31 5.45 -32.44 -28.63
C LEU F 31 6.24 -31.55 -29.57
N ALA F 32 5.94 -30.26 -29.49
CA ALA F 32 6.70 -29.22 -30.18
C ALA F 32 7.91 -28.99 -29.29
N ILE F 33 9.11 -28.92 -29.83
CA ILE F 33 10.31 -28.82 -29.02
C ILE F 33 10.94 -27.46 -29.18
N GLY F 34 11.21 -26.77 -28.08
CA GLY F 34 11.78 -25.44 -28.10
C GLY F 34 13.07 -25.42 -27.29
N ILE F 35 13.98 -24.54 -27.66
CA ILE F 35 15.27 -24.40 -26.99
C ILE F 35 15.30 -22.95 -26.54
N GLU F 36 15.51 -22.70 -25.25
CA GLU F 36 15.51 -21.36 -24.70
C GLU F 36 16.77 -21.13 -23.87
N TYR F 37 17.21 -19.89 -23.69
CA TYR F 37 18.41 -19.58 -22.94
C TYR F 37 18.35 -18.24 -22.19
N THR F 38 19.10 -18.05 -21.09
CA THR F 38 19.22 -16.79 -20.38
C THR F 38 20.44 -16.75 -19.48
N ASN F 39 20.80 -15.55 -19.07
CA ASN F 39 21.79 -15.35 -18.04
C ASN F 39 21.16 -14.55 -16.89
N ASP F 40 19.84 -14.66 -16.75
CA ASP F 40 19.11 -14.13 -15.61
C ASP F 40 18.25 -15.30 -15.15
N ILE F 41 18.76 -16.17 -14.28
CA ILE F 41 17.98 -17.33 -13.82
C ILE F 41 17.12 -17.02 -12.59
N HIS F 42 16.41 -15.91 -12.59
CA HIS F 42 15.55 -15.60 -11.46
C HIS F 42 14.40 -16.61 -11.61
N PRO F 43 13.90 -17.30 -10.57
CA PRO F 43 12.78 -18.25 -10.68
C PRO F 43 11.56 -17.70 -11.40
N ARG F 44 11.25 -16.42 -11.15
CA ARG F 44 10.13 -15.74 -11.79
C ARG F 44 10.45 -15.20 -13.18
N ASN F 45 11.63 -15.48 -13.78
CA ASN F 45 11.91 -14.96 -15.11
C ASN F 45 11.26 -15.95 -16.06
N ALA F 46 9.98 -15.66 -16.31
CA ALA F 46 9.16 -16.49 -17.15
C ALA F 46 9.56 -16.57 -18.60
N TYR F 47 10.25 -15.57 -19.16
CA TYR F 47 10.55 -15.59 -20.58
C TYR F 47 12.03 -15.53 -20.86
N TRP F 48 12.55 -16.72 -21.07
CA TRP F 48 13.94 -16.88 -21.48
C TRP F 48 13.96 -16.58 -22.98
N GLU F 49 15.12 -16.33 -23.57
CA GLU F 49 15.20 -16.03 -25.00
C GLU F 49 15.01 -17.30 -25.82
N ILE F 50 14.24 -17.24 -26.89
CA ILE F 50 14.03 -18.42 -27.72
C ILE F 50 15.16 -18.49 -28.73
N TRP F 51 15.68 -19.70 -28.91
CA TRP F 51 16.69 -19.98 -29.91
C TRP F 51 15.87 -20.43 -31.12
N GLY F 52 15.63 -19.47 -31.98
CA GLY F 52 14.89 -19.72 -33.20
C GLY F 52 13.39 -19.88 -32.97
N LEU F 53 12.84 -20.84 -33.69
CA LEU F 53 11.40 -21.07 -33.67
C LEU F 53 11.29 -22.52 -33.22
N PRO F 54 10.32 -22.91 -32.37
CA PRO F 54 10.07 -24.28 -31.96
C PRO F 54 9.92 -25.24 -33.12
N LEU F 55 10.61 -26.38 -33.00
CA LEU F 55 10.61 -27.41 -34.00
C LEU F 55 9.29 -28.15 -33.81
N PHE F 56 8.39 -28.08 -34.79
CA PHE F 56 7.09 -28.69 -34.64
C PHE F 56 6.90 -30.15 -34.99
N ASP F 57 7.07 -30.65 -36.22
CA ASP F 57 6.87 -32.07 -36.44
C ASP F 57 8.28 -32.61 -36.55
N VAL F 58 8.77 -33.19 -35.47
CA VAL F 58 10.13 -33.71 -35.46
C VAL F 58 10.03 -35.22 -35.55
N THR F 59 10.76 -35.80 -36.51
CA THR F 59 10.82 -37.24 -36.65
C THR F 59 12.18 -37.75 -36.19
N ASP F 60 13.25 -36.99 -36.46
CA ASP F 60 14.59 -37.42 -36.15
C ASP F 60 15.17 -36.66 -34.96
N PRO F 61 15.48 -37.31 -33.83
CA PRO F 61 16.12 -36.68 -32.67
C PRO F 61 17.41 -35.91 -32.96
N ALA F 62 18.18 -36.35 -33.97
CA ALA F 62 19.43 -35.69 -34.33
C ALA F 62 19.27 -34.23 -34.73
N ALA F 63 18.11 -33.87 -35.31
CA ALA F 63 17.85 -32.48 -35.69
C ALA F 63 17.82 -31.57 -34.47
N VAL F 64 17.19 -32.07 -33.39
CA VAL F 64 17.08 -31.32 -32.16
C VAL F 64 18.47 -31.29 -31.52
N LEU F 65 19.21 -32.41 -31.48
CA LEU F 65 20.56 -32.41 -30.92
C LEU F 65 21.44 -31.38 -31.59
N PHE F 66 21.34 -31.29 -32.91
CA PHE F 66 22.10 -30.33 -33.70
C PHE F 66 21.83 -28.92 -33.21
N GLU F 67 20.55 -28.57 -33.03
CA GLU F 67 20.22 -27.23 -32.57
C GLU F 67 20.64 -26.96 -31.13
N ILE F 68 20.59 -27.97 -30.25
CA ILE F 68 21.02 -27.82 -28.87
C ILE F 68 22.52 -27.53 -28.90
N ASN F 69 23.27 -28.29 -29.68
CA ASN F 69 24.71 -28.08 -29.77
C ASN F 69 25.07 -26.76 -30.43
N ALA F 70 24.29 -26.30 -31.41
CA ALA F 70 24.48 -25.00 -32.04
C ALA F 70 24.26 -23.88 -31.02
N CYS F 71 23.22 -24.02 -30.19
CA CYS F 71 22.93 -23.05 -29.15
C CYS F 71 24.07 -23.04 -28.15
N ARG F 72 24.53 -24.21 -27.69
CA ARG F 72 25.64 -24.33 -26.75
C ARG F 72 26.91 -23.69 -27.28
N LYS F 73 27.15 -23.81 -28.59
CA LYS F 73 28.32 -23.22 -29.22
C LYS F 73 28.18 -21.70 -29.23
N ALA F 74 27.00 -21.16 -29.54
CA ALA F 74 26.83 -19.71 -29.59
C ALA F 74 26.58 -19.04 -28.24
N ARG F 75 26.08 -19.78 -27.24
CA ARG F 75 25.72 -19.24 -25.94
C ARG F 75 26.35 -20.14 -24.86
N SER F 76 27.67 -20.27 -24.81
CA SER F 76 28.33 -21.17 -23.87
C SER F 76 28.16 -20.85 -22.38
N ASN F 77 28.07 -19.58 -22.04
CA ASN F 77 27.97 -19.18 -20.64
C ASN F 77 26.58 -18.66 -20.35
N PHE F 78 25.61 -19.48 -20.76
CA PHE F 78 24.21 -19.19 -20.59
C PHE F 78 23.57 -20.45 -20.05
N TYR F 79 22.38 -20.31 -19.48
CA TYR F 79 21.59 -21.44 -19.07
C TYR F 79 20.78 -21.76 -20.29
N ILE F 80 20.74 -23.01 -20.73
CA ILE F 80 19.94 -23.39 -21.89
C ILE F 80 19.04 -24.51 -21.42
N LYS F 81 17.78 -24.52 -21.84
CA LYS F 81 16.83 -25.54 -21.45
C LYS F 81 16.06 -25.99 -22.69
N VAL F 82 15.56 -27.22 -22.67
CA VAL F 82 14.76 -27.77 -23.75
C VAL F 82 13.35 -27.86 -23.17
N VAL F 83 12.38 -27.42 -23.94
CA VAL F 83 10.98 -27.33 -23.54
C VAL F 83 10.17 -28.18 -24.51
N GLY F 84 9.20 -28.92 -23.99
CA GLY F 84 8.32 -29.72 -24.84
C GLY F 84 6.89 -29.25 -24.58
N PHE F 85 6.19 -28.82 -25.63
CA PHE F 85 4.84 -28.28 -25.53
C PHE F 85 3.81 -29.23 -26.14
N SER F 86 2.64 -29.37 -25.53
CA SER F 86 1.58 -30.22 -26.04
C SER F 86 0.39 -29.32 -26.37
N SER F 87 -0.07 -29.36 -27.61
CA SER F 87 -1.21 -28.59 -28.07
C SER F 87 -2.56 -29.25 -27.76
N VAL F 88 -2.58 -30.39 -27.05
CA VAL F 88 -3.82 -31.10 -26.73
C VAL F 88 -4.70 -30.23 -25.83
N ARG F 89 -6.00 -30.19 -26.16
CA ARG F 89 -6.99 -29.33 -25.53
C ARG F 89 -6.95 -29.16 -24.01
N GLY F 90 -6.87 -30.20 -23.20
CA GLY F 90 -6.85 -29.98 -21.76
C GLY F 90 -5.53 -29.39 -21.25
N ILE F 91 -4.47 -29.49 -22.05
CA ILE F 91 -3.13 -29.13 -21.64
C ILE F 91 -2.72 -27.77 -22.19
N GLU F 92 -2.42 -27.67 -23.49
CA GLU F 92 -1.92 -26.46 -24.15
C GLU F 92 -0.84 -25.73 -23.35
N SER F 93 0.17 -26.50 -22.96
CA SER F 93 1.23 -25.99 -22.10
C SER F 93 2.47 -26.85 -22.27
N THR F 94 3.51 -26.46 -21.52
CA THR F 94 4.77 -27.18 -21.45
C THR F 94 4.56 -28.42 -20.60
N ILE F 95 5.00 -29.61 -21.01
CA ILE F 95 4.90 -30.76 -20.11
C ILE F 95 6.29 -31.28 -19.73
N ILE F 96 7.41 -30.71 -20.19
CA ILE F 96 8.74 -31.10 -19.74
C ILE F 96 9.65 -29.91 -20.02
N SER F 97 10.60 -29.63 -19.13
CA SER F 97 11.53 -28.52 -19.28
C SER F 97 12.77 -28.91 -18.48
N PHE F 98 13.93 -29.05 -19.11
CA PHE F 98 15.14 -29.46 -18.40
C PHE F 98 16.35 -28.74 -18.94
N ILE F 99 17.30 -28.50 -18.05
CA ILE F 99 18.51 -27.74 -18.36
C ILE F 99 19.50 -28.64 -19.11
N VAL F 100 19.99 -28.13 -20.23
CA VAL F 100 21.01 -28.83 -21.00
C VAL F 100 22.33 -28.05 -21.03
N ASN F 101 22.46 -26.89 -20.38
CA ASN F 101 23.75 -26.19 -20.34
C ASN F 101 23.70 -25.20 -19.20
N ARG F 102 24.80 -25.15 -18.47
CA ARG F 102 24.96 -24.31 -17.29
C ARG F 102 26.32 -23.66 -17.46
N PRO F 103 26.51 -22.40 -17.09
CA PRO F 103 27.81 -21.76 -16.94
C PRO F 103 28.69 -22.46 -15.91
N LYS F 104 30.00 -22.25 -16.04
CA LYS F 104 30.97 -22.88 -15.17
C LYS F 104 30.82 -22.62 -13.68
N HIS F 105 30.30 -21.46 -13.27
CA HIS F 105 30.13 -21.19 -11.86
C HIS F 105 28.92 -20.28 -11.66
N GLU F 106 28.03 -20.73 -10.79
CA GLU F 106 26.84 -19.96 -10.42
C GLU F 106 26.97 -19.32 -9.04
N PRO F 107 27.06 -17.97 -8.92
CA PRO F 107 27.11 -17.22 -7.67
C PRO F 107 25.94 -17.38 -6.72
N GLY F 108 24.71 -17.38 -7.23
CA GLY F 108 23.55 -17.52 -6.38
C GLY F 108 22.74 -16.23 -6.36
N PHE F 109 21.97 -16.03 -5.29
CA PHE F 109 21.03 -14.93 -5.19
C PHE F 109 21.18 -14.12 -3.92
N ASN F 110 20.84 -12.84 -4.04
CA ASN F 110 20.85 -11.92 -2.93
C ASN F 110 19.41 -11.85 -2.46
N LEU F 111 19.20 -11.73 -1.15
CA LEU F 111 17.88 -11.62 -0.58
C LEU F 111 17.82 -10.28 0.15
N MET F 112 16.90 -9.44 -0.31
CA MET F 112 16.68 -8.11 0.23
C MET F 112 15.45 -8.23 1.14
N ARG F 113 15.55 -7.65 2.33
CA ARG F 113 14.47 -7.65 3.31
C ARG F 113 14.09 -6.22 3.66
N GLN F 114 13.04 -5.68 3.03
CA GLN F 114 12.57 -4.32 3.32
C GLN F 114 11.53 -4.42 4.41
N GLU F 115 11.71 -3.63 5.47
CA GLU F 115 10.79 -3.65 6.58
C GLU F 115 9.56 -2.84 6.21
N ASP F 116 8.40 -3.45 6.41
CA ASP F 116 7.16 -2.81 6.06
C ASP F 116 6.33 -2.64 7.33
N LYS F 117 5.01 -2.87 7.34
CA LYS F 117 4.18 -2.67 8.51
C LYS F 117 4.48 -3.74 9.55
N SER F 118 4.60 -3.34 10.82
CA SER F 118 4.89 -4.24 11.93
C SER F 118 6.06 -5.19 11.69
N ARG F 119 5.89 -6.52 11.56
CA ARG F 119 7.03 -7.41 11.33
C ARG F 119 7.01 -7.94 9.90
N SER F 120 6.15 -7.38 9.05
CA SER F 120 6.06 -7.80 7.66
C SER F 120 7.26 -7.27 6.88
N ILE F 121 7.77 -8.12 6.00
CA ILE F 121 8.90 -7.79 5.15
C ILE F 121 8.47 -7.98 3.69
N LYS F 122 8.98 -7.16 2.78
CA LYS F 122 8.76 -7.31 1.35
C LYS F 122 10.12 -7.78 0.84
N TYR F 123 10.15 -8.89 0.10
CA TYR F 123 11.39 -9.50 -0.31
C TYR F 123 11.72 -9.34 -1.79
N THR F 124 13.00 -9.17 -2.08
CA THR F 124 13.47 -9.08 -3.45
C THR F 124 14.58 -10.11 -3.56
N ILE F 125 14.45 -11.03 -4.50
CA ILE F 125 15.50 -12.01 -4.75
C ILE F 125 16.13 -11.50 -6.03
N HIS F 126 17.44 -11.42 -6.13
CA HIS F 126 18.08 -10.95 -7.35
C HIS F 126 19.37 -11.72 -7.55
N SER F 127 19.64 -12.33 -8.70
CA SER F 127 20.87 -13.06 -8.90
C SER F 127 22.04 -12.10 -8.93
N TYR F 128 23.11 -12.51 -8.28
CA TYR F 128 24.32 -11.71 -8.20
C TYR F 128 24.89 -11.37 -9.56
N GLU F 129 24.88 -12.31 -10.51
CA GLU F 129 25.33 -12.01 -11.85
C GLU F 129 24.48 -10.95 -12.54
N SER F 130 23.19 -10.81 -12.22
CA SER F 130 22.39 -9.78 -12.85
C SER F 130 22.60 -8.39 -12.24
N TYR F 131 23.69 -8.20 -11.48
CA TYR F 131 24.08 -6.88 -11.07
C TYR F 131 25.14 -6.40 -12.09
N LYS F 132 25.59 -7.31 -12.96
CA LYS F 132 26.53 -7.00 -14.02
C LYS F 132 25.68 -6.85 -15.27
N PRO F 133 26.04 -6.02 -16.25
CA PRO F 133 25.39 -6.01 -17.56
C PRO F 133 25.43 -7.36 -18.27
N GLU F 134 24.39 -7.63 -19.05
CA GLU F 134 24.17 -8.86 -19.77
C GLU F 134 25.40 -9.45 -20.49
N ASP F 135 26.13 -8.59 -21.19
CA ASP F 135 27.33 -8.98 -21.93
C ASP F 135 28.52 -9.37 -21.07
N GLU F 136 28.46 -9.14 -19.76
CA GLU F 136 29.55 -9.38 -18.83
C GLU F 136 29.23 -10.46 -17.81
N ARG F 137 28.15 -11.22 -18.02
CA ARG F 137 27.75 -12.23 -17.07
C ARG F 137 28.34 -13.58 -17.42
N TYR F 138 28.85 -14.24 -16.37
CA TYR F 138 29.38 -15.60 -16.38
C TYR F 138 30.62 -15.72 -17.27
N ARG G 15 -50.65 -12.03 47.41
CA ARG G 15 -50.93 -11.47 48.71
C ARG G 15 -49.53 -11.30 49.31
N ILE G 16 -49.36 -10.63 50.46
CA ILE G 16 -48.06 -10.39 51.10
C ILE G 16 -47.37 -11.72 51.45
N LYS G 17 -46.04 -11.73 51.46
CA LYS G 17 -45.23 -12.89 51.77
C LYS G 17 -45.10 -13.12 53.28
N ASN G 18 -44.74 -14.35 53.67
CA ASN G 18 -44.55 -14.67 55.08
C ASN G 18 -43.51 -15.79 55.19
N SER G 19 -42.22 -15.45 55.35
CA SER G 19 -41.10 -16.40 55.39
C SER G 19 -39.78 -15.60 55.43
N ARG G 20 -38.67 -16.19 54.95
CA ARG G 20 -37.38 -15.54 54.73
C ARG G 20 -37.50 -14.40 53.74
N TYR G 21 -38.54 -14.41 52.89
CA TYR G 21 -38.68 -13.36 51.89
C TYR G 21 -39.73 -12.31 52.22
N GLU G 22 -40.12 -12.20 53.49
CA GLU G 22 -41.07 -11.17 53.84
C GLU G 22 -40.25 -9.91 54.05
N SER G 23 -40.85 -8.80 53.67
CA SER G 23 -40.23 -7.49 53.73
C SER G 23 -39.67 -7.13 55.10
N GLY G 24 -38.48 -6.58 55.08
CA GLY G 24 -37.82 -6.17 56.30
C GLY G 24 -36.32 -6.27 56.12
N VAL G 25 -35.60 -5.75 57.10
CA VAL G 25 -34.15 -5.77 57.08
C VAL G 25 -33.74 -6.88 58.03
N ILE G 26 -32.95 -7.83 57.55
CA ILE G 26 -32.36 -8.86 58.37
C ILE G 26 -30.86 -8.77 58.07
N PRO G 27 -29.92 -9.15 58.94
CA PRO G 27 -28.49 -9.08 58.64
C PRO G 27 -28.00 -9.95 57.49
N TYR G 28 -26.98 -9.48 56.77
CA TYR G 28 -26.41 -10.20 55.62
C TYR G 28 -25.98 -11.64 55.94
N ALA G 29 -25.54 -11.92 57.17
CA ALA G 29 -25.17 -13.28 57.56
C ALA G 29 -26.39 -14.20 57.55
N LYS G 30 -27.55 -13.69 57.94
CA LYS G 30 -28.79 -14.45 57.93
C LYS G 30 -29.38 -14.56 56.52
N MET G 31 -28.98 -13.67 55.60
CA MET G 31 -29.47 -13.71 54.24
C MET G 31 -28.85 -14.81 53.38
N GLY G 32 -27.85 -15.53 53.85
CA GLY G 32 -27.26 -16.63 53.08
C GLY G 32 -25.86 -16.34 52.56
N TYR G 33 -25.23 -15.22 52.93
CA TYR G 33 -23.90 -14.89 52.42
C TYR G 33 -22.76 -15.37 53.31
N TRP G 34 -23.09 -15.97 54.45
CA TRP G 34 -22.10 -16.54 55.34
C TRP G 34 -22.41 -18.02 55.33
N ASN G 35 -21.44 -18.84 54.92
CA ASN G 35 -21.63 -20.27 54.95
C ASN G 35 -20.26 -20.89 55.15
N PRO G 36 -19.86 -21.20 56.39
CA PRO G 36 -18.58 -21.82 56.70
C PRO G 36 -18.46 -23.25 56.19
N ASP G 37 -19.54 -23.88 55.74
CA ASP G 37 -19.47 -25.25 55.29
C ASP G 37 -19.43 -25.36 53.77
N TYR G 38 -19.36 -24.23 53.05
CA TYR G 38 -19.35 -24.26 51.60
C TYR G 38 -18.10 -24.93 51.07
N GLN G 39 -18.32 -25.81 50.09
CA GLN G 39 -17.25 -26.53 49.44
C GLN G 39 -16.97 -25.77 48.16
N VAL G 40 -15.74 -25.30 48.03
CA VAL G 40 -15.31 -24.54 46.86
C VAL G 40 -15.30 -25.41 45.61
N LYS G 41 -16.14 -25.00 44.66
CA LYS G 41 -16.20 -25.65 43.36
C LYS G 41 -15.03 -25.15 42.52
N ASP G 42 -14.44 -25.99 41.69
CA ASP G 42 -13.34 -25.59 40.83
C ASP G 42 -13.66 -24.48 39.83
N THR G 43 -14.93 -24.21 39.57
CA THR G 43 -15.34 -23.14 38.69
C THR G 43 -15.57 -21.81 39.41
N ASP G 44 -15.38 -21.73 40.73
CA ASP G 44 -15.65 -20.48 41.42
C ASP G 44 -14.52 -19.48 41.33
N VAL G 45 -14.90 -18.21 41.33
CA VAL G 45 -13.95 -17.11 41.39
C VAL G 45 -13.86 -16.90 42.89
N LEU G 46 -12.65 -16.91 43.42
CA LEU G 46 -12.47 -16.73 44.85
C LEU G 46 -11.76 -15.41 45.07
N ALA G 47 -12.10 -14.66 46.11
CA ALA G 47 -11.45 -13.39 46.40
C ALA G 47 -11.10 -13.36 47.88
N LEU G 48 -9.95 -12.78 48.20
CA LEU G 48 -9.56 -12.61 49.57
C LEU G 48 -9.54 -11.13 49.89
N PHE G 49 -10.29 -10.76 50.92
CA PHE G 49 -10.38 -9.39 51.38
C PHE G 49 -9.77 -9.26 52.77
N ARG G 50 -9.13 -8.13 53.05
CA ARG G 50 -8.63 -7.78 54.35
C ARG G 50 -9.67 -6.78 54.83
N VAL G 51 -10.51 -7.19 55.78
CA VAL G 51 -11.63 -6.40 56.26
C VAL G 51 -11.29 -5.77 57.60
N THR G 52 -11.47 -4.46 57.76
CA THR G 52 -11.41 -3.84 59.05
C THR G 52 -12.85 -3.39 59.28
N PRO G 53 -13.70 -4.10 60.04
CA PRO G 53 -15.05 -3.64 60.37
C PRO G 53 -15.05 -2.42 61.29
N GLN G 54 -16.17 -1.69 61.30
CA GLN G 54 -16.32 -0.58 62.23
C GLN G 54 -16.43 -1.15 63.64
N PRO G 55 -16.03 -0.48 64.72
CA PRO G 55 -16.32 -0.88 66.09
C PRO G 55 -17.79 -1.24 66.29
N GLY G 56 -18.00 -2.45 66.78
CA GLY G 56 -19.35 -2.94 67.05
C GLY G 56 -19.85 -3.89 65.97
N VAL G 57 -19.31 -3.84 64.75
CA VAL G 57 -19.77 -4.75 63.71
C VAL G 57 -19.00 -6.05 63.87
N ASP G 58 -19.75 -7.15 63.95
CA ASP G 58 -19.19 -8.49 64.05
C ASP G 58 -18.43 -8.79 62.75
N PRO G 59 -17.18 -9.28 62.78
CA PRO G 59 -16.42 -9.64 61.58
C PRO G 59 -17.15 -10.53 60.59
N ILE G 60 -17.91 -11.53 61.07
CA ILE G 60 -18.68 -12.41 60.21
C ILE G 60 -19.75 -11.62 59.43
N GLU G 61 -20.40 -10.66 60.10
CA GLU G 61 -21.42 -9.85 59.44
C GLU G 61 -20.78 -8.93 58.40
N ALA G 62 -19.60 -8.40 58.69
CA ALA G 62 -18.89 -7.57 57.74
C ALA G 62 -18.47 -8.39 56.53
N ALA G 63 -17.98 -9.61 56.70
CA ALA G 63 -17.58 -10.46 55.58
C ALA G 63 -18.79 -10.81 54.73
N ALA G 64 -19.90 -11.13 55.40
CA ALA G 64 -21.15 -11.42 54.74
C ALA G 64 -21.67 -10.21 53.98
N ALA G 65 -21.50 -9.01 54.53
CA ALA G 65 -21.91 -7.77 53.88
C ALA G 65 -21.14 -7.54 52.59
N VAL G 66 -19.82 -7.78 52.63
CA VAL G 66 -18.96 -7.65 51.46
C VAL G 66 -19.41 -8.65 50.40
N ALA G 67 -19.57 -9.93 50.77
CA ALA G 67 -20.03 -10.97 49.86
C ALA G 67 -21.38 -10.69 49.23
N GLY G 68 -22.31 -10.20 50.05
CA GLY G 68 -23.66 -9.90 49.62
C GLY G 68 -23.73 -8.78 48.61
N GLU G 69 -23.11 -7.66 48.94
CA GLU G 69 -23.14 -6.51 48.08
C GLU G 69 -22.23 -6.65 46.87
N SER G 70 -21.32 -7.61 46.79
CA SER G 70 -20.58 -7.81 45.56
C SER G 70 -21.26 -8.87 44.70
N SER G 71 -22.41 -9.43 45.12
CA SER G 71 -23.08 -10.41 44.31
C SER G 71 -24.57 -10.16 44.04
N THR G 72 -25.45 -10.28 45.04
CA THR G 72 -26.89 -10.24 44.79
C THR G 72 -27.77 -9.44 45.74
N ALA G 73 -27.22 -9.12 46.91
CA ALA G 73 -27.99 -8.48 47.96
C ALA G 73 -28.11 -6.99 47.87
N THR G 74 -29.09 -6.52 48.63
CA THR G 74 -29.22 -5.11 48.89
C THR G 74 -29.53 -5.06 50.39
N TRP G 75 -29.72 -3.85 50.91
CA TRP G 75 -29.92 -3.64 52.33
C TRP G 75 -31.20 -4.18 52.94
N THR G 76 -32.23 -4.50 52.16
CA THR G 76 -33.48 -4.99 52.69
C THR G 76 -33.83 -6.25 51.89
N VAL G 77 -34.73 -7.08 52.37
CA VAL G 77 -35.16 -8.29 51.68
C VAL G 77 -36.00 -7.91 50.46
N VAL G 78 -35.72 -8.52 49.32
CA VAL G 78 -36.51 -8.29 48.12
C VAL G 78 -37.04 -9.65 47.68
N TRP G 79 -38.36 -9.76 47.49
CA TRP G 79 -39.00 -11.01 47.08
C TRP G 79 -38.54 -11.52 45.71
N THR G 80 -38.07 -10.63 44.84
CA THR G 80 -37.66 -10.97 43.49
C THR G 80 -36.53 -12.00 43.41
N ASP G 81 -35.83 -12.25 44.53
CA ASP G 81 -34.84 -13.32 44.62
C ASP G 81 -35.44 -14.64 44.19
N LEU G 82 -36.71 -14.83 44.57
CA LEU G 82 -37.46 -16.04 44.27
C LEU G 82 -37.65 -16.30 42.80
N LEU G 83 -37.49 -15.29 41.95
CA LEU G 83 -37.58 -15.46 40.51
C LEU G 83 -36.26 -15.91 39.92
N THR G 84 -35.24 -16.20 40.73
CA THR G 84 -33.94 -16.60 40.21
C THR G 84 -33.53 -17.86 41.00
N ALA G 85 -32.46 -18.54 40.60
CA ALA G 85 -31.89 -19.61 41.39
C ALA G 85 -30.98 -18.92 42.41
N ALA G 86 -31.62 -18.19 43.35
CA ALA G 86 -30.96 -17.35 44.32
C ALA G 86 -29.83 -18.01 45.10
N ASP G 87 -30.07 -19.24 45.55
CA ASP G 87 -29.08 -20.01 46.32
C ASP G 87 -27.77 -20.23 45.59
N LEU G 88 -27.80 -20.29 44.27
CA LEU G 88 -26.60 -20.53 43.50
C LEU G 88 -25.87 -19.20 43.27
N TYR G 89 -26.64 -18.14 43.00
CA TYR G 89 -26.04 -16.86 42.68
C TYR G 89 -25.47 -16.11 43.86
N ARG G 90 -25.92 -16.37 45.09
CA ARG G 90 -25.36 -15.71 46.26
C ARG G 90 -23.89 -16.07 46.44
N ALA G 91 -23.05 -15.07 46.69
CA ALA G 91 -21.65 -15.34 46.94
C ALA G 91 -21.58 -15.77 48.39
N LYS G 92 -20.64 -16.64 48.77
CA LYS G 92 -20.58 -17.06 50.16
C LYS G 92 -19.21 -16.80 50.72
N ALA G 93 -19.17 -16.09 51.84
CA ALA G 93 -17.95 -15.93 52.60
C ALA G 93 -17.89 -17.28 53.32
N TYR G 94 -16.78 -17.99 53.17
CA TYR G 94 -16.70 -19.31 53.77
C TYR G 94 -15.64 -19.47 54.86
N LYS G 95 -14.78 -18.48 55.06
CA LYS G 95 -13.73 -18.57 56.08
C LYS G 95 -13.34 -17.16 56.45
N VAL G 96 -13.22 -16.89 57.76
CA VAL G 96 -12.78 -15.61 58.28
C VAL G 96 -11.69 -15.96 59.29
N ASP G 97 -10.49 -15.43 59.08
CA ASP G 97 -9.36 -15.63 59.97
C ASP G 97 -8.89 -14.26 60.42
N GLN G 98 -8.21 -14.11 61.55
CA GLN G 98 -7.75 -12.81 61.99
C GLN G 98 -6.36 -12.61 61.43
N VAL G 99 -6.00 -11.37 61.10
CA VAL G 99 -4.70 -11.06 60.55
C VAL G 99 -3.65 -11.17 61.66
N PRO G 100 -2.57 -11.93 61.48
CA PRO G 100 -1.57 -12.28 62.49
C PRO G 100 -1.22 -11.29 63.58
N ASN G 101 -0.86 -10.05 63.27
CA ASN G 101 -0.52 -9.14 64.34
C ASN G 101 -1.38 -7.90 64.36
N ASN G 102 -2.64 -8.05 63.97
CA ASN G 102 -3.54 -6.92 63.98
C ASN G 102 -4.92 -7.41 64.38
N PRO G 103 -5.38 -7.12 65.59
CA PRO G 103 -6.70 -7.49 66.06
C PRO G 103 -7.88 -6.88 65.30
N GLU G 104 -7.71 -5.75 64.61
CA GLU G 104 -8.81 -5.09 63.89
C GLU G 104 -9.06 -5.69 62.51
N GLN G 105 -8.07 -6.33 61.91
CA GLN G 105 -8.19 -6.81 60.54
C GLN G 105 -8.47 -8.30 60.47
N TYR G 106 -9.25 -8.69 59.46
CA TYR G 106 -9.63 -10.07 59.24
C TYR G 106 -9.41 -10.42 57.77
N PHE G 107 -9.05 -11.66 57.46
CA PHE G 107 -8.92 -12.13 56.10
C PHE G 107 -10.21 -12.89 55.83
N ALA G 108 -10.99 -12.46 54.83
CA ALA G 108 -12.24 -13.11 54.50
C ALA G 108 -12.14 -13.70 53.11
N TYR G 109 -12.43 -14.99 53.02
CA TYR G 109 -12.38 -15.75 51.78
C TYR G 109 -13.79 -15.81 51.27
N ILE G 110 -14.05 -15.32 50.05
CA ILE G 110 -15.39 -15.31 49.48
C ILE G 110 -15.36 -16.04 48.14
N ALA G 111 -16.39 -16.84 47.87
CA ALA G 111 -16.52 -17.60 46.64
C ALA G 111 -17.70 -17.09 45.82
N TYR G 112 -17.49 -16.91 44.52
CA TYR G 112 -18.48 -16.38 43.58
C TYR G 112 -18.66 -17.40 42.46
N GLU G 113 -19.91 -17.66 42.09
CA GLU G 113 -20.24 -18.58 41.02
C GLU G 113 -19.85 -18.04 39.64
N LEU G 114 -19.27 -18.90 38.81
CA LEU G 114 -18.86 -18.58 37.43
C LEU G 114 -19.91 -17.83 36.62
N ASP G 115 -21.18 -18.25 36.75
CA ASP G 115 -22.29 -17.65 36.01
C ASP G 115 -22.56 -16.17 36.27
N LEU G 116 -21.94 -15.61 37.31
CA LEU G 116 -22.15 -14.21 37.63
C LEU G 116 -21.34 -13.29 36.73
N PHE G 117 -20.36 -13.83 36.01
CA PHE G 117 -19.45 -13.02 35.22
C PHE G 117 -19.58 -13.13 33.72
N GLU G 118 -19.30 -12.01 33.08
CA GLU G 118 -19.26 -11.95 31.64
C GLU G 118 -17.88 -12.44 31.22
N GLU G 119 -17.92 -13.31 30.22
CA GLU G 119 -16.74 -13.92 29.67
C GLU G 119 -15.84 -12.87 29.03
N GLY G 120 -14.54 -13.00 29.26
CA GLY G 120 -13.54 -12.12 28.70
C GLY G 120 -13.61 -10.67 29.16
N SER G 121 -14.33 -10.28 30.22
CA SER G 121 -14.44 -8.88 30.59
C SER G 121 -13.90 -8.52 31.97
N ILE G 122 -12.79 -7.78 31.98
CA ILE G 122 -12.21 -7.29 33.22
C ILE G 122 -13.18 -6.29 33.84
N ALA G 123 -13.82 -5.44 33.04
CA ALA G 123 -14.82 -4.48 33.50
C ALA G 123 -15.95 -5.13 34.29
N ASN G 124 -16.52 -6.23 33.80
CA ASN G 124 -17.59 -6.89 34.52
C ASN G 124 -17.10 -7.53 35.81
N LEU G 125 -15.92 -8.14 35.79
CA LEU G 125 -15.33 -8.74 36.98
C LEU G 125 -15.17 -7.69 38.06
N THR G 126 -14.54 -6.56 37.74
CA THR G 126 -14.31 -5.52 38.71
C THR G 126 -15.57 -4.84 39.20
N ALA G 127 -16.58 -4.70 38.34
CA ALA G 127 -17.85 -4.10 38.69
C ALA G 127 -18.53 -4.83 39.85
N SER G 128 -18.35 -6.15 39.92
CA SER G 128 -18.82 -6.90 41.07
C SER G 128 -17.83 -6.84 42.22
N ILE G 129 -16.58 -7.27 42.02
CA ILE G 129 -15.62 -7.38 43.12
C ILE G 129 -15.25 -6.06 43.80
N ILE G 130 -14.95 -4.99 43.06
CA ILE G 130 -14.56 -3.73 43.69
C ILE G 130 -15.59 -2.62 43.45
N GLY G 131 -16.77 -2.98 42.95
CA GLY G 131 -17.79 -2.00 42.57
C GLY G 131 -18.21 -0.99 43.64
N ASN G 132 -18.81 -1.48 44.72
CA ASN G 132 -19.37 -0.61 45.74
C ASN G 132 -18.85 -0.91 47.13
N VAL G 133 -18.50 -2.16 47.44
CA VAL G 133 -18.12 -2.57 48.80
C VAL G 133 -17.03 -1.79 49.53
N PHE G 134 -16.12 -1.10 48.84
CA PHE G 134 -15.07 -0.36 49.53
C PHE G 134 -15.53 0.94 50.18
N GLY G 135 -16.74 1.39 49.85
CA GLY G 135 -17.26 2.62 50.45
C GLY G 135 -18.41 2.31 51.38
N PHE G 136 -18.56 1.04 51.77
CA PHE G 136 -19.66 0.62 52.60
C PHE G 136 -19.41 1.12 54.02
N LYS G 137 -20.32 1.89 54.61
CA LYS G 137 -20.13 2.47 55.94
C LYS G 137 -19.71 1.51 57.05
N ALA G 138 -20.27 0.31 57.05
CA ALA G 138 -20.00 -0.68 58.09
C ALA G 138 -18.57 -1.20 58.10
N VAL G 139 -17.83 -1.01 57.01
CA VAL G 139 -16.47 -1.49 56.91
C VAL G 139 -15.65 -0.21 56.99
N LYS G 140 -14.71 -0.16 57.92
CA LYS G 140 -13.86 1.01 58.12
C LYS G 140 -12.76 1.04 57.06
N ALA G 141 -12.25 -0.14 56.68
CA ALA G 141 -11.21 -0.27 55.67
C ALA G 141 -11.39 -1.62 55.03
N LEU G 142 -10.84 -1.82 53.84
CA LEU G 142 -11.07 -3.02 53.05
C LEU G 142 -9.98 -3.01 52.01
N ARG G 143 -9.32 -4.14 51.81
CA ARG G 143 -8.28 -4.22 50.82
C ARG G 143 -8.48 -5.54 50.08
N LEU G 144 -8.40 -5.54 48.75
CA LEU G 144 -8.49 -6.79 48.01
C LEU G 144 -7.05 -7.26 47.88
N GLU G 145 -6.78 -8.43 48.45
CA GLU G 145 -5.44 -8.98 48.48
C GLU G 145 -5.10 -9.91 47.35
N ASP G 146 -5.99 -10.87 47.06
CA ASP G 146 -5.68 -11.85 46.04
C ASP G 146 -6.98 -12.42 45.51
N MET G 147 -6.90 -13.14 44.39
CA MET G 147 -8.06 -13.75 43.76
C MET G 147 -7.65 -15.05 43.11
N ARG G 148 -8.53 -16.06 43.11
CA ARG G 148 -8.24 -17.32 42.42
C ARG G 148 -9.22 -17.25 41.26
N LEU G 149 -8.67 -17.18 40.08
CA LEU G 149 -9.48 -17.11 38.89
C LEU G 149 -9.46 -18.51 38.30
N PRO G 150 -10.62 -19.12 38.09
CA PRO G 150 -10.72 -20.52 37.71
C PRO G 150 -10.36 -20.71 36.26
N LEU G 151 -9.86 -21.91 35.98
CA LEU G 151 -9.46 -22.36 34.65
C LEU G 151 -10.47 -22.04 33.57
N ALA G 152 -11.73 -22.38 33.82
CA ALA G 152 -12.82 -22.14 32.88
C ALA G 152 -13.05 -20.65 32.61
N TYR G 153 -12.81 -19.76 33.56
CA TYR G 153 -12.98 -18.33 33.34
C TYR G 153 -11.75 -17.82 32.59
N LEU G 154 -10.57 -18.26 32.99
CA LEU G 154 -9.32 -17.82 32.39
C LEU G 154 -9.26 -18.09 30.89
N LYS G 155 -9.81 -19.22 30.45
CA LYS G 155 -9.86 -19.55 29.03
C LYS G 155 -10.72 -18.62 28.18
N THR G 156 -11.52 -17.71 28.75
CA THR G 156 -12.29 -16.79 27.93
C THR G 156 -11.50 -15.50 27.68
N PHE G 157 -10.26 -15.45 28.16
CA PHE G 157 -9.40 -14.29 28.01
C PHE G 157 -8.27 -14.60 27.03
N GLN G 158 -7.82 -13.57 26.35
CA GLN G 158 -6.77 -13.70 25.35
C GLN G 158 -5.40 -14.01 25.95
N GLY G 159 -5.08 -13.34 27.05
CA GLY G 159 -3.74 -13.42 27.61
C GLY G 159 -2.81 -12.54 26.79
N PRO G 160 -1.52 -12.40 27.13
CA PRO G 160 -0.56 -11.57 26.41
C PRO G 160 -0.56 -11.72 24.91
N ALA G 161 -0.63 -10.59 24.22
CA ALA G 161 -0.60 -10.55 22.76
C ALA G 161 0.60 -11.28 22.14
N THR G 162 1.76 -10.99 22.69
CA THR G 162 3.02 -11.60 22.28
C THR G 162 3.47 -12.61 23.34
N GLY G 163 3.70 -12.14 24.57
CA GLY G 163 4.19 -13.00 25.63
C GLY G 163 5.72 -13.05 25.55
N VAL G 164 6.34 -13.23 26.72
CA VAL G 164 7.79 -13.30 26.89
C VAL G 164 8.52 -14.14 25.85
N ILE G 165 8.09 -15.39 25.66
CA ILE G 165 8.78 -16.32 24.78
C ILE G 165 8.82 -15.83 23.34
N LEU G 166 7.65 -15.47 22.78
CA LEU G 166 7.59 -14.99 21.42
C LEU G 166 8.32 -13.66 21.27
N GLU G 167 8.23 -12.78 22.27
CA GLU G 167 8.91 -11.49 22.27
C GLU G 167 10.41 -11.67 22.06
N ARG G 168 11.03 -12.54 22.87
CA ARG G 168 12.46 -12.78 22.77
C ARG G 168 12.81 -13.36 21.41
N GLU G 169 11.93 -14.20 20.82
CA GLU G 169 12.16 -14.76 19.49
C GLU G 169 12.11 -13.67 18.42
N ARG G 170 11.21 -12.70 18.54
CA ARG G 170 11.12 -11.61 17.57
C ARG G 170 12.31 -10.67 17.73
N LEU G 171 12.88 -10.54 18.93
CA LEU G 171 14.02 -9.67 19.14
C LEU G 171 15.37 -10.36 18.94
N ASP G 172 15.41 -11.70 19.02
CA ASP G 172 16.60 -12.55 18.96
C ASP G 172 17.56 -12.23 20.12
N LYS G 173 16.96 -12.08 21.30
CA LYS G 173 17.66 -11.73 22.52
C LYS G 173 17.23 -12.69 23.63
N PHE G 174 18.15 -13.54 24.11
CA PHE G 174 17.82 -14.58 25.07
C PHE G 174 18.90 -14.65 26.14
N GLY G 175 18.59 -15.22 27.30
CA GLY G 175 19.59 -15.46 28.33
C GLY G 175 19.94 -14.31 29.25
N ARG G 176 19.53 -13.08 28.98
CA ARG G 176 19.89 -11.95 29.81
C ARG G 176 18.65 -11.08 29.94
N PRO G 177 18.46 -10.26 30.97
CA PRO G 177 17.46 -9.20 30.99
C PRO G 177 17.58 -8.26 29.80
N LEU G 178 16.48 -7.60 29.45
CA LEU G 178 16.52 -6.64 28.36
C LEU G 178 16.76 -5.29 29.03
N LEU G 179 17.35 -4.31 28.34
CA LEU G 179 17.68 -3.01 28.92
C LEU G 179 16.92 -1.91 28.20
N GLY G 180 16.34 -1.01 28.99
CA GLY G 180 15.54 0.08 28.47
C GLY G 180 15.94 1.40 29.11
N CYS G 181 15.24 2.48 28.78
CA CYS G 181 15.56 3.81 29.28
C CYS G 181 14.41 4.75 29.01
N THR G 182 13.94 5.48 30.02
CA THR G 182 12.94 6.49 29.77
C THR G 182 13.69 7.77 29.40
N THR G 183 13.30 8.46 28.32
CA THR G 183 13.91 9.71 27.93
C THR G 183 13.61 10.78 28.98
N LYS G 184 14.64 11.56 29.32
CA LYS G 184 14.55 12.62 30.32
C LYS G 184 15.09 13.93 29.74
N PRO G 185 14.61 15.15 30.07
CA PRO G 185 13.55 15.44 31.04
C PRO G 185 12.20 14.83 30.68
N LYS G 186 11.35 14.56 31.66
CA LYS G 186 10.06 13.91 31.41
C LYS G 186 9.26 14.68 30.36
N LEU G 187 9.17 16.00 30.51
CA LEU G 187 8.42 16.82 29.59
C LEU G 187 9.30 17.94 29.06
N GLY G 188 9.04 18.37 27.83
CA GLY G 188 9.72 19.53 27.31
C GLY G 188 10.54 19.32 26.06
N LEU G 189 11.04 18.12 25.76
CA LEU G 189 11.83 17.94 24.56
C LEU G 189 10.97 17.99 23.30
N SER G 190 11.61 18.38 22.20
CA SER G 190 10.97 18.39 20.90
C SER G 190 11.06 16.98 20.30
N GLY G 191 10.38 16.73 19.19
CA GLY G 191 10.43 15.46 18.48
C GLY G 191 11.85 15.15 18.01
N LYS G 192 12.47 16.16 17.38
CA LYS G 192 13.83 16.08 16.88
C LYS G 192 14.82 15.69 17.99
N ASN G 193 14.72 16.35 19.14
CA ASN G 193 15.62 16.05 20.24
C ASN G 193 15.33 14.71 20.89
N TYR G 194 14.06 14.28 20.90
CA TYR G 194 13.68 12.99 21.45
C TYR G 194 14.39 11.90 20.65
N GLY G 195 14.37 12.03 19.32
CA GLY G 195 15.03 11.10 18.42
C GLY G 195 16.53 11.05 18.63
N ARG G 196 17.17 12.19 18.96
CA ARG G 196 18.59 12.26 19.27
C ARG G 196 18.93 11.33 20.43
N VAL G 197 18.19 11.49 21.53
CA VAL G 197 18.39 10.69 22.73
C VAL G 197 18.19 9.21 22.41
N VAL G 198 17.13 8.86 21.67
CA VAL G 198 16.84 7.49 21.29
C VAL G 198 18.01 6.89 20.52
N TYR G 199 18.51 7.57 19.49
CA TYR G 199 19.63 7.09 18.69
C TYR G 199 20.84 6.82 19.55
N GLU G 200 21.23 7.79 20.37
CA GLU G 200 22.42 7.66 21.21
C GLU G 200 22.32 6.49 22.17
N ALA G 201 21.19 6.34 22.88
CA ALA G 201 21.03 5.27 23.83
C ALA G 201 20.99 3.90 23.19
N LEU G 202 20.27 3.74 22.08
CA LEU G 202 20.19 2.45 21.42
C LEU G 202 21.54 2.07 20.82
N LYS G 203 22.22 2.97 20.12
CA LYS G 203 23.54 2.71 19.56
C LYS G 203 24.53 2.33 20.65
N GLY G 204 24.45 3.03 21.79
CA GLY G 204 25.33 2.77 22.92
C GLY G 204 25.13 1.40 23.55
N GLY G 205 24.01 0.70 23.32
CA GLY G 205 23.85 -0.64 23.87
C GLY G 205 22.51 -0.94 24.51
N LEU G 206 21.54 -0.03 24.57
CA LEU G 206 20.27 -0.38 25.17
C LEU G 206 19.41 -1.07 24.12
N ASP G 207 18.54 -1.96 24.56
CA ASP G 207 17.68 -2.68 23.63
C ASP G 207 16.47 -1.85 23.26
N PHE G 208 16.02 -1.07 24.25
CA PHE G 208 14.84 -0.25 24.12
C PHE G 208 15.07 1.11 24.75
N VAL G 209 14.30 2.10 24.29
CA VAL G 209 14.20 3.40 24.92
C VAL G 209 12.69 3.63 24.94
N ASP G 211 9.05 6.42 25.65
CA ASP G 211 8.44 7.71 25.92
C ASP G 211 8.16 7.77 27.41
N ASP G 212 8.19 8.95 28.04
CA ASP G 212 7.76 8.87 29.43
C ASP G 212 6.25 8.83 29.40
N GLU G 213 5.67 8.19 30.42
CA GLU G 213 4.23 8.02 30.48
C GLU G 213 3.37 9.26 30.23
N ASN G 214 3.88 10.44 30.52
CA ASN G 214 3.10 11.65 30.29
C ASN G 214 3.46 12.33 28.98
N ILE G 215 4.33 11.75 28.16
CA ILE G 215 4.67 12.25 26.83
C ILE G 215 3.61 11.64 25.92
N ASN G 216 2.75 12.48 25.37
CA ASN G 216 1.69 12.01 24.49
C ASN G 216 1.68 12.95 23.30
N SER G 217 1.05 14.12 23.37
CA SER G 217 1.01 15.07 22.28
C SER G 217 0.74 16.37 23.01
N GLN G 218 1.70 17.28 23.04
CA GLN G 218 1.57 18.52 23.82
C GLN G 218 2.11 19.71 23.03
N PRO G 219 1.88 20.98 23.42
CA PRO G 219 2.46 22.16 22.78
C PRO G 219 3.94 22.11 22.42
N PHE G 220 4.80 21.57 23.29
CA PHE G 220 6.23 21.48 23.02
C PHE G 220 6.62 20.39 22.01
N MET G 221 5.76 19.39 21.81
CA MET G 221 6.02 18.28 20.90
C MET G 221 4.73 17.52 20.64
N ARG G 222 4.27 17.50 19.40
CA ARG G 222 3.10 16.73 19.04
C ARG G 222 3.59 15.34 18.65
N TRP G 223 2.66 14.39 18.56
CA TRP G 223 3.07 13.00 18.47
C TRP G 223 3.65 12.56 17.13
N ARG G 224 3.13 13.05 16.00
CA ARG G 224 3.61 12.58 14.71
C ARG G 224 5.09 12.86 14.46
N GLU G 225 5.62 13.98 14.93
CA GLU G 225 7.05 14.28 14.78
C GLU G 225 7.88 13.28 15.55
N ARG G 226 7.44 12.99 16.77
CA ARG G 226 8.19 12.11 17.64
C ARG G 226 8.21 10.73 17.02
N TYR G 227 7.09 10.25 16.48
CA TYR G 227 7.06 8.94 15.85
C TYR G 227 7.99 8.89 14.64
N LEU G 228 7.91 9.89 13.74
CA LEU G 228 8.77 9.92 12.57
C LEU G 228 10.25 9.99 12.91
N PHE G 229 10.65 10.91 13.77
CA PHE G 229 12.06 11.06 14.14
C PHE G 229 12.59 9.87 14.93
N THR G 230 11.80 9.31 15.84
CA THR G 230 12.18 8.14 16.61
C THR G 230 12.44 6.94 15.68
N MET G 231 11.57 6.68 14.69
CA MET G 231 11.77 5.54 13.82
C MET G 231 13.03 5.64 12.97
N GLU G 232 13.40 6.86 12.58
CA GLU G 232 14.66 7.11 11.89
C GLU G 232 15.79 6.71 12.83
N ALA G 233 15.74 7.16 14.08
CA ALA G 233 16.75 6.83 15.07
C ALA G 233 16.85 5.33 15.37
N VAL G 234 15.70 4.65 15.48
CA VAL G 234 15.64 3.21 15.73
C VAL G 234 16.31 2.45 14.60
N ASN G 235 16.00 2.80 13.35
CA ASN G 235 16.59 2.10 12.21
C ASN G 235 18.06 2.38 12.04
N LYS G 236 18.50 3.63 12.31
CA LYS G 236 19.92 3.94 12.27
C LYS G 236 20.67 3.12 13.31
N ALA G 237 20.16 3.06 14.55
CA ALA G 237 20.74 2.27 15.62
C ALA G 237 20.82 0.77 15.27
N SER G 238 19.75 0.23 14.69
CA SER G 238 19.72 -1.15 14.24
C SER G 238 20.84 -1.38 13.23
N ALA G 239 20.99 -0.54 12.20
CA ALA G 239 22.05 -0.67 11.20
C ALA G 239 23.44 -0.50 11.79
N ALA G 240 23.55 0.31 12.84
CA ALA G 240 24.81 0.52 13.53
C ALA G 240 25.20 -0.62 14.47
N THR G 241 24.26 -1.44 14.93
CA THR G 241 24.59 -2.53 15.86
C THR G 241 24.42 -3.96 15.37
N GLY G 242 23.55 -4.18 14.39
CA GLY G 242 23.19 -5.51 13.95
C GLY G 242 22.17 -6.13 14.92
N GLU G 243 21.42 -5.33 15.67
CA GLU G 243 20.43 -5.81 16.62
C GLU G 243 19.05 -5.34 16.20
N VAL G 244 18.01 -5.99 16.71
CA VAL G 244 16.66 -5.49 16.54
C VAL G 244 16.55 -4.49 17.68
N LYS G 245 16.14 -3.27 17.37
CA LYS G 245 16.02 -2.21 18.37
C LYS G 245 14.58 -1.74 18.39
N GLY G 246 14.17 -1.04 19.44
CA GLY G 246 12.82 -0.52 19.50
C GLY G 246 12.71 0.63 20.47
N HIS G 247 11.63 1.39 20.32
CA HIS G 247 11.33 2.50 21.20
C HIS G 247 9.85 2.41 21.47
N TYR G 248 9.45 2.47 22.74
CA TYR G 248 8.03 2.37 23.10
C TYR G 248 7.38 3.69 22.74
N LEU G 249 6.63 3.68 21.64
CA LEU G 249 5.88 4.85 21.25
C LEU G 249 4.60 4.85 22.05
N ASN G 250 4.36 5.94 22.75
CA ASN G 250 3.21 6.03 23.63
C ASN G 250 1.97 6.46 22.88
N VAL G 251 1.01 5.55 22.79
CA VAL G 251 -0.23 5.83 22.09
C VAL G 251 -1.37 6.28 22.99
N THR G 252 -1.10 6.55 24.28
CA THR G 252 -2.13 6.99 25.22
C THR G 252 -2.80 8.25 24.68
N ALA G 253 -4.12 8.31 24.68
CA ALA G 253 -4.83 9.48 24.21
C ALA G 253 -6.20 9.53 24.87
N ALA G 254 -6.91 10.64 24.67
CA ALA G 254 -8.18 10.87 25.30
C ALA G 254 -9.31 9.97 24.83
N THR G 255 -9.39 9.68 23.54
CA THR G 255 -10.46 8.84 23.02
C THR G 255 -9.89 7.60 22.34
N MET G 256 -10.73 6.58 22.13
CA MET G 256 -10.28 5.34 21.50
C MET G 256 -9.83 5.58 20.06
N GLU G 257 -10.55 6.41 19.32
CA GLU G 257 -10.22 6.72 17.93
C GLU G 257 -8.84 7.36 17.82
N GLU G 258 -8.53 8.27 18.74
CA GLU G 258 -7.23 8.92 18.73
C GLU G 258 -6.14 7.91 19.07
N MET G 259 -6.38 6.98 20.00
CA MET G 259 -5.39 5.95 20.31
C MET G 259 -5.14 5.04 19.12
N TYR G 260 -6.20 4.61 18.44
CA TYR G 260 -6.09 3.80 17.24
C TYR G 260 -5.29 4.50 16.17
N ALA G 261 -5.49 5.81 16.00
CA ALA G 261 -4.74 6.58 15.01
C ALA G 261 -3.23 6.53 15.29
N ARG G 262 -2.85 6.69 16.57
CA ARG G 262 -1.46 6.67 16.96
C ARG G 262 -0.84 5.28 16.83
N ALA G 263 -1.58 4.27 17.30
CA ALA G 263 -1.16 2.88 17.21
C ALA G 263 -0.97 2.47 15.76
N ASN G 264 -1.92 2.81 14.88
CA ASN G 264 -1.84 2.45 13.48
C ASN G 264 -0.70 3.14 12.77
N PHE G 265 -0.35 4.39 13.13
CA PHE G 265 0.79 5.07 12.52
C PHE G 265 2.07 4.35 12.96
N ALA G 266 2.19 3.97 14.23
CA ALA G 266 3.34 3.21 14.71
C ALA G 266 3.48 1.89 13.96
N LYS G 267 2.34 1.24 13.70
CA LYS G 267 2.27 0.02 12.91
C LYS G 267 2.80 0.28 11.51
N GLU G 268 2.35 1.36 10.85
CA GLU G 268 2.77 1.72 9.50
C GLU G 268 4.26 1.94 9.40
N LEU G 269 4.85 2.58 10.41
CA LEU G 269 6.28 2.85 10.41
C LEU G 269 7.15 1.65 10.75
N GLY G 270 6.58 0.50 11.12
CA GLY G 270 7.35 -0.70 11.43
C GLY G 270 7.88 -0.75 12.86
N SER G 271 7.27 -0.06 13.82
CA SER G 271 7.76 -0.14 15.20
C SER G 271 7.44 -1.53 15.73
N VAL G 272 8.38 -2.10 16.48
CA VAL G 272 8.18 -3.41 17.09
C VAL G 272 7.35 -3.31 18.36
N ILE G 273 7.19 -2.12 18.95
CA ILE G 273 6.52 -1.99 20.23
C ILE G 273 5.83 -0.64 20.38
N ILE G 274 4.77 -0.62 21.20
CA ILE G 274 4.07 0.60 21.57
C ILE G 274 3.83 0.53 23.08
N MET G 275 3.39 1.61 23.72
CA MET G 275 3.09 1.57 25.13
C MET G 275 1.82 2.35 25.43
N ILE G 276 1.14 1.93 26.48
CA ILE G 276 -0.08 2.54 26.97
C ILE G 276 0.08 2.75 28.47
N ASP G 277 -0.75 3.60 29.06
CA ASP G 277 -0.71 3.87 30.48
C ASP G 277 -1.99 3.31 31.10
N LEU G 278 -1.89 2.69 32.28
CA LEU G 278 -3.01 2.10 33.01
C LEU G 278 -4.20 3.04 33.13
N VAL G 279 -3.85 4.31 33.26
CA VAL G 279 -4.79 5.40 33.37
C VAL G 279 -5.80 5.50 32.20
N ILE G 280 -5.57 4.89 31.03
CA ILE G 280 -6.59 4.89 29.97
C ILE G 280 -7.80 4.05 30.36
N GLY G 281 -7.59 3.08 31.26
CA GLY G 281 -8.65 2.25 31.79
C GLY G 281 -8.71 0.87 31.15
N TYR G 282 -9.46 -0.01 31.83
CA TYR G 282 -9.57 -1.41 31.46
C TYR G 282 -10.14 -1.69 30.08
N THR G 283 -11.24 -1.08 29.65
CA THR G 283 -11.78 -1.33 28.33
C THR G 283 -10.80 -0.91 27.24
N ALA G 284 -10.17 0.26 27.35
CA ALA G 284 -9.17 0.69 26.38
C ALA G 284 -7.97 -0.27 26.37
N ILE G 285 -7.51 -0.76 27.53
CA ILE G 285 -6.42 -1.72 27.60
C ILE G 285 -6.82 -3.01 26.86
N GLN G 286 -7.99 -3.58 27.14
CA GLN G 286 -8.42 -4.80 26.48
C GLN G 286 -8.52 -4.63 24.96
N THR G 287 -9.04 -3.48 24.53
CA THR G 287 -9.15 -3.16 23.11
C THR G 287 -7.75 -3.11 22.48
N MET G 288 -6.77 -2.50 23.15
CA MET G 288 -5.42 -2.44 22.62
C MET G 288 -4.71 -3.79 22.67
N ALA G 289 -5.01 -4.66 23.64
CA ALA G 289 -4.40 -5.98 23.72
C ALA G 289 -4.79 -6.85 22.54
N LYS G 290 -6.08 -6.74 22.14
CA LYS G 290 -6.57 -7.44 20.97
C LYS G 290 -5.88 -6.88 19.73
N TRP G 291 -5.81 -5.55 19.62
CA TRP G 291 -5.17 -4.89 18.48
C TRP G 291 -3.72 -5.38 18.35
N ALA G 292 -2.95 -5.43 19.43
CA ALA G 292 -1.57 -5.87 19.42
C ALA G 292 -1.40 -7.30 18.94
N ARG G 293 -2.28 -8.21 19.38
CA ARG G 293 -2.27 -9.59 18.92
C ARG G 293 -2.53 -9.66 17.42
N ASP G 294 -3.52 -8.92 16.94
CA ASP G 294 -3.87 -8.89 15.53
C ASP G 294 -2.86 -8.18 14.65
N ASN G 295 -1.99 -7.33 15.23
CA ASN G 295 -1.05 -6.57 14.41
C ASN G 295 0.41 -6.76 14.75
N ASP G 296 0.75 -7.88 15.42
CA ASP G 296 2.12 -8.27 15.75
C ASP G 296 2.95 -7.17 16.40
N MET G 297 2.38 -6.60 17.44
CA MET G 297 2.96 -5.46 18.10
C MET G 297 3.15 -5.83 19.56
N ILE G 298 4.31 -5.54 20.14
CA ILE G 298 4.49 -5.78 21.57
C ILE G 298 3.80 -4.61 22.28
N LEU G 299 2.99 -4.92 23.30
CA LEU G 299 2.25 -3.91 24.02
C LEU G 299 2.81 -3.74 25.43
N HIS G 300 3.39 -2.59 25.73
CA HIS G 300 3.92 -2.34 27.06
C HIS G 300 2.92 -1.55 27.88
N LEU G 301 2.61 -1.96 29.11
CA LEU G 301 1.74 -1.20 29.99
C LEU G 301 2.59 -0.52 31.05
N HIS G 302 2.34 0.76 31.25
CA HIS G 302 2.98 1.52 32.31
C HIS G 302 1.86 1.63 33.36
N ARG G 303 2.06 1.20 34.60
CA ARG G 303 1.02 1.23 35.62
C ARG G 303 0.79 2.58 36.31
N ALA G 304 0.53 3.60 35.48
CA ALA G 304 0.31 4.95 35.95
C ALA G 304 -0.96 5.01 36.77
N GLY G 305 -0.87 5.57 37.98
CA GLY G 305 -2.04 5.67 38.84
C GLY G 305 -2.16 4.47 39.77
N ASN G 306 -1.43 3.38 39.54
CA ASN G 306 -1.53 2.18 40.37
C ASN G 306 -1.36 2.40 41.88
N SER G 307 -0.34 3.15 42.28
CA SER G 307 -0.04 3.34 43.69
C SER G 307 -1.02 4.22 44.44
N THR G 308 -1.99 4.81 43.71
CA THR G 308 -3.09 5.56 44.29
C THR G 308 -3.93 4.63 45.17
N TYR G 309 -3.99 3.33 44.84
CA TYR G 309 -4.73 2.37 45.63
C TYR G 309 -3.89 1.22 46.18
N SER G 310 -2.65 1.00 45.73
CA SER G 310 -1.87 -0.15 46.17
C SER G 310 -0.78 0.02 47.22
N ARG G 311 -0.61 1.24 47.71
CA ARG G 311 0.50 1.54 48.61
C ARG G 311 0.21 1.13 50.04
N GLN G 312 -1.02 1.35 50.51
CA GLN G 312 -1.30 1.13 51.91
C GLN G 312 -1.91 -0.23 52.17
N LYS G 313 -1.36 -0.85 53.21
CA LYS G 313 -1.72 -2.19 53.62
C LYS G 313 -3.17 -2.34 54.09
N ASN G 314 -3.80 -1.29 54.58
CA ASN G 314 -5.14 -1.40 55.12
C ASN G 314 -6.27 -1.16 54.11
N HIS G 315 -6.03 -0.54 52.97
CA HIS G 315 -7.11 -0.23 52.05
C HIS G 315 -6.60 -0.09 50.62
N GLY G 316 -7.43 -0.60 49.72
CA GLY G 316 -7.14 -0.47 48.31
C GLY G 316 -7.08 -1.84 47.69
N MET G 317 -6.15 -2.06 46.78
CA MET G 317 -6.04 -3.33 46.07
C MET G 317 -4.56 -3.61 45.98
N ASN G 318 -4.13 -4.83 46.31
CA ASN G 318 -2.72 -5.17 46.23
C ASN G 318 -2.37 -5.35 44.76
N PHE G 319 -1.19 -4.91 44.34
CA PHE G 319 -0.78 -5.00 42.94
C PHE G 319 -0.81 -6.42 42.35
N ARG G 320 -0.69 -7.52 43.10
CA ARG G 320 -0.74 -8.86 42.49
C ARG G 320 -2.09 -9.15 41.84
N VAL G 321 -3.16 -8.54 42.35
CA VAL G 321 -4.48 -8.63 41.74
C VAL G 321 -4.46 -7.94 40.37
N ILE G 322 -3.85 -6.74 40.29
CA ILE G 322 -3.76 -6.02 39.03
C ILE G 322 -2.87 -6.84 38.09
N CYS G 323 -1.80 -7.47 38.57
CA CYS G 323 -0.99 -8.35 37.73
C CYS G 323 -1.81 -9.46 37.10
N LYS G 324 -2.71 -10.09 37.85
CA LYS G 324 -3.56 -11.15 37.30
C LYS G 324 -4.49 -10.58 36.25
N TRP G 325 -5.21 -9.51 36.58
CA TRP G 325 -6.15 -8.89 35.65
C TRP G 325 -5.47 -8.43 34.36
N MET G 326 -4.25 -7.91 34.43
CA MET G 326 -3.56 -7.45 33.23
C MET G 326 -2.95 -8.58 32.44
N ARG G 327 -2.53 -9.68 33.07
CA ARG G 327 -2.03 -10.84 32.33
C ARG G 327 -3.23 -11.40 31.57
N MET G 328 -4.42 -11.38 32.19
CA MET G 328 -5.65 -11.80 31.56
C MET G 328 -6.03 -10.92 30.39
N ALA G 329 -5.98 -9.60 30.61
CA ALA G 329 -6.33 -8.60 29.61
C ALA G 329 -5.49 -8.75 28.35
N GLY G 330 -4.18 -9.00 28.50
CA GLY G 330 -3.39 -9.26 27.32
C GLY G 330 -2.16 -8.41 27.11
N VAL G 331 -1.76 -7.69 28.15
CA VAL G 331 -0.61 -6.80 28.10
C VAL G 331 0.69 -7.61 28.00
N ASP G 332 1.74 -7.11 27.36
CA ASP G 332 2.97 -7.86 27.26
C ASP G 332 4.05 -7.53 28.26
N HIS G 333 4.02 -6.31 28.78
CA HIS G 333 5.00 -5.87 29.77
C HIS G 333 4.18 -5.12 30.78
N ILE G 334 4.53 -5.18 32.06
CA ILE G 334 3.95 -4.33 33.06
C ILE G 334 5.07 -4.05 34.05
N HIS G 335 5.09 -2.84 34.58
CA HIS G 335 6.09 -2.44 35.56
C HIS G 335 5.75 -3.17 36.83
N ALA G 336 6.69 -3.90 37.41
CA ALA G 336 6.43 -4.66 38.62
C ALA G 336 7.32 -4.30 39.80
N GLY G 337 8.13 -3.25 39.64
CA GLY G 337 8.96 -2.75 40.72
C GLY G 337 10.40 -3.23 40.67
N THR G 338 11.25 -2.45 41.30
CA THR G 338 12.64 -2.76 41.53
C THR G 338 12.65 -2.81 43.04
N VAL G 339 13.40 -3.70 43.68
CA VAL G 339 13.39 -3.69 45.15
C VAL G 339 14.19 -2.50 45.67
N VAL G 340 15.34 -2.26 45.03
CA VAL G 340 16.29 -1.23 45.44
C VAL G 340 16.19 0.13 44.76
N GLY G 341 15.06 0.47 44.14
CA GLY G 341 14.99 1.71 43.37
C GLY G 341 14.33 2.84 44.15
N LYS G 342 13.83 3.86 43.46
CA LYS G 342 13.22 4.99 44.14
C LYS G 342 11.73 4.77 44.47
N LEU G 343 11.11 3.75 43.89
CA LEU G 343 9.72 3.44 44.16
C LEU G 343 9.64 2.20 45.06
N GLU G 344 8.54 2.16 45.80
CA GLU G 344 8.18 1.14 46.77
C GLU G 344 8.28 -0.29 46.23
N GLY G 345 8.94 -1.18 46.96
CA GLY G 345 9.04 -2.58 46.55
C GLY G 345 9.69 -3.45 47.62
N ASP G 346 8.90 -4.07 48.49
CA ASP G 346 9.43 -4.97 49.50
C ASP G 346 9.86 -6.26 48.80
N PRO G 347 11.08 -6.81 48.98
CA PRO G 347 11.58 -7.99 48.27
C PRO G 347 10.66 -9.21 48.20
N ILE G 348 10.05 -9.56 49.35
CA ILE G 348 9.19 -10.73 49.42
C ILE G 348 7.87 -10.50 48.68
N ILE G 349 7.24 -9.33 48.84
CA ILE G 349 5.98 -9.03 48.16
C ILE G 349 6.23 -8.86 46.66
N THR G 350 7.33 -8.19 46.25
CA THR G 350 7.69 -8.04 44.85
C THR G 350 7.93 -9.40 44.18
N ARG G 351 8.52 -10.37 44.90
CA ARG G 351 8.75 -11.71 44.35
C ARG G 351 7.42 -12.35 43.94
N GLY G 352 6.39 -12.14 44.76
CA GLY G 352 5.06 -12.64 44.47
C GLY G 352 4.52 -12.07 43.17
N PHE G 353 4.70 -10.77 42.95
CA PHE G 353 4.29 -10.09 41.72
C PHE G 353 4.95 -10.73 40.49
N TYR G 354 6.27 -10.90 40.55
CA TYR G 354 7.03 -11.51 39.46
C TYR G 354 6.57 -12.93 39.15
N LYS G 355 6.33 -13.74 40.18
CA LYS G 355 5.79 -15.09 40.01
C LYS G 355 4.43 -15.06 39.33
N THR G 356 3.55 -14.13 39.72
CA THR G 356 2.23 -14.00 39.13
C THR G 356 2.30 -13.77 37.62
N LEU G 357 3.28 -12.97 37.20
CA LEU G 357 3.43 -12.61 35.80
C LEU G 357 4.11 -13.66 34.94
N LEU G 358 5.08 -14.36 35.51
CA LEU G 358 5.91 -15.30 34.80
C LEU G 358 5.60 -16.79 34.87
N LEU G 359 4.97 -17.25 35.94
CA LEU G 359 4.83 -18.68 36.15
C LEU G 359 3.61 -19.33 35.52
N PRO G 360 3.66 -20.60 35.09
CA PRO G 360 2.47 -21.32 34.63
C PRO G 360 1.47 -21.74 35.71
N LYS G 361 1.91 -21.87 36.96
CA LYS G 361 1.04 -22.26 38.06
C LYS G 361 1.60 -21.56 39.28
N LEU G 362 0.72 -20.99 40.09
CA LEU G 362 1.04 -20.30 41.32
C LEU G 362 0.73 -21.20 42.50
N GLU G 363 1.65 -21.28 43.45
CA GLU G 363 1.46 -22.06 44.66
C GLU G 363 1.22 -21.11 45.81
N ARG G 364 0.32 -21.50 46.69
CA ARG G 364 -0.04 -20.73 47.87
C ARG G 364 1.21 -20.55 48.73
N ASN G 365 1.51 -19.30 49.05
CA ASN G 365 2.64 -18.95 49.87
C ASN G 365 2.24 -17.66 50.59
N LEU G 366 1.92 -17.86 51.86
CA LEU G 366 1.46 -16.80 52.74
C LEU G 366 2.47 -15.69 52.92
N GLN G 367 3.77 -15.99 52.86
CA GLN G 367 4.79 -14.97 53.01
C GLN G 367 4.77 -13.98 51.87
N GLU G 368 4.53 -14.45 50.64
CA GLU G 368 4.47 -13.57 49.48
C GLU G 368 3.10 -12.94 49.32
N GLY G 369 2.12 -13.41 50.09
CA GLY G 369 0.76 -12.93 49.98
C GLY G 369 0.01 -13.69 48.88
N LEU G 370 0.54 -14.81 48.41
CA LEU G 370 -0.15 -15.62 47.42
C LEU G 370 -1.06 -16.54 48.23
N PHE G 371 -2.30 -16.14 48.41
CA PHE G 371 -3.25 -16.90 49.20
C PHE G 371 -3.92 -18.06 48.50
N PHE G 372 -3.78 -18.23 47.18
CA PHE G 372 -4.48 -19.30 46.49
C PHE G 372 -3.56 -19.99 45.51
N ASP G 373 -3.80 -21.27 45.26
CA ASP G 373 -3.07 -21.98 44.21
C ASP G 373 -3.83 -21.60 42.96
N MET G 374 -3.19 -21.41 41.81
CA MET G 374 -3.91 -21.00 40.63
C MET G 374 -3.19 -21.51 39.38
N GLU G 375 -3.88 -22.18 38.47
CA GLU G 375 -3.28 -22.63 37.23
C GLU G 375 -3.49 -21.48 36.25
N TRP G 376 -2.55 -21.13 35.39
CA TRP G 376 -2.76 -20.02 34.47
C TRP G 376 -3.36 -20.36 33.09
N ALA G 377 -3.94 -21.55 32.90
CA ALA G 377 -4.58 -21.98 31.65
C ALA G 377 -3.79 -21.81 30.35
N SER G 378 -2.47 -21.92 30.50
CA SER G 378 -1.47 -21.75 29.47
C SER G 378 -1.48 -20.38 28.77
N LEU G 379 -2.00 -19.35 29.46
CA LEU G 379 -1.95 -18.00 28.92
C LEU G 379 -0.48 -17.60 29.00
N ARG G 380 -0.07 -16.83 28.00
CA ARG G 380 1.31 -16.41 27.87
C ARG G 380 1.81 -15.56 29.05
N LYS G 381 3.12 -15.50 29.17
CA LYS G 381 3.77 -14.81 30.27
C LYS G 381 3.93 -13.32 30.03
N VAL G 382 3.73 -12.48 31.05
CA VAL G 382 3.93 -11.04 30.93
C VAL G 382 5.37 -10.77 31.34
N MET G 383 6.09 -9.91 30.61
CA MET G 383 7.46 -9.55 30.95
C MET G 383 7.40 -8.44 31.99
N PRO G 384 7.86 -8.65 33.22
CA PRO G 384 7.96 -7.61 34.21
C PRO G 384 9.01 -6.58 33.83
N VAL G 385 8.73 -5.33 34.16
CA VAL G 385 9.60 -4.22 33.88
C VAL G 385 10.01 -3.65 35.23
N ALA G 386 11.30 -3.48 35.42
CA ALA G 386 11.86 -2.95 36.64
C ALA G 386 12.45 -1.58 36.29
N SER G 387 11.93 -0.50 36.87
CA SER G 387 12.32 0.85 36.49
C SER G 387 12.19 1.79 37.68
N GLY G 388 13.03 2.83 37.68
CA GLY G 388 12.94 3.85 38.69
C GLY G 388 14.12 3.86 39.64
N GLY G 389 14.92 4.92 39.52
CA GLY G 389 16.04 5.19 40.39
C GLY G 389 17.09 4.11 40.50
N ILE G 390 17.28 3.30 39.45
CA ILE G 390 18.30 2.27 39.54
C ILE G 390 19.50 2.66 38.70
N HIS G 391 20.64 2.06 39.02
CA HIS G 391 21.90 2.34 38.36
C HIS G 391 22.78 1.11 38.40
N ALA G 392 23.76 1.03 37.50
CA ALA G 392 24.78 -0.01 37.46
C ALA G 392 25.46 0.09 38.83
N GLY G 393 25.90 -1.02 39.41
CA GLY G 393 26.34 -0.95 40.79
C GLY G 393 25.34 -1.74 41.60
N GLN G 394 24.05 -1.51 41.34
CA GLN G 394 23.01 -2.32 41.95
C GLN G 394 22.80 -3.60 41.14
N MET G 395 23.45 -3.74 39.97
CA MET G 395 23.28 -4.85 39.05
C MET G 395 23.22 -6.24 39.67
N HIS G 396 24.19 -6.60 40.51
CA HIS G 396 24.18 -7.87 41.21
C HIS G 396 22.91 -8.11 42.03
N GLN G 397 22.33 -7.12 42.71
CA GLN G 397 21.11 -7.40 43.44
C GLN G 397 19.91 -7.29 42.53
N LEU G 398 19.96 -6.53 41.44
CA LEU G 398 18.86 -6.52 40.48
C LEU G 398 18.71 -7.94 39.90
N ILE G 399 19.79 -8.57 39.45
CA ILE G 399 19.74 -9.95 38.94
C ILE G 399 19.24 -10.87 40.05
N HIS G 400 19.73 -10.69 41.28
CA HIS G 400 19.30 -11.51 42.40
C HIS G 400 17.83 -11.38 42.78
N TYR G 401 17.20 -10.21 42.78
CA TYR G 401 15.81 -10.11 43.19
C TYR G 401 14.83 -10.27 42.05
N LEU G 402 15.24 -9.85 40.85
CA LEU G 402 14.33 -9.78 39.71
C LEU G 402 14.51 -10.91 38.71
N GLY G 403 15.68 -11.53 38.69
CA GLY G 403 15.90 -12.67 37.81
C GLY G 403 16.23 -12.27 36.38
N GLU G 404 16.05 -13.27 35.52
CA GLU G 404 16.42 -13.17 34.12
C GLU G 404 15.39 -12.53 33.21
N ASP G 405 14.11 -12.84 33.40
CA ASP G 405 13.08 -12.32 32.51
C ASP G 405 12.51 -11.06 33.13
N VAL G 406 13.11 -9.94 32.75
CA VAL G 406 12.73 -8.62 33.23
C VAL G 406 13.35 -7.61 32.28
N VAL G 407 12.74 -6.43 32.12
CA VAL G 407 13.34 -5.35 31.34
C VAL G 407 13.81 -4.39 32.42
N LEU G 408 15.12 -4.16 32.49
CA LEU G 408 15.73 -3.25 33.44
C LEU G 408 15.80 -1.89 32.75
N GLN G 409 15.13 -0.88 33.27
CA GLN G 409 15.15 0.43 32.64
C GLN G 409 15.91 1.49 33.42
N PHE G 410 16.91 2.07 32.76
CA PHE G 410 17.77 3.08 33.36
C PHE G 410 17.61 4.40 32.61
N GLY G 411 16.72 5.28 33.07
CA GLY G 411 16.57 6.61 32.46
C GLY G 411 17.72 7.51 32.88
N GLY G 412 17.63 7.95 34.14
CA GLY G 412 18.64 8.78 34.76
C GLY G 412 19.98 8.05 34.77
N GLY G 413 19.93 6.74 35.02
CA GLY G 413 21.10 5.86 35.01
C GLY G 413 21.81 5.76 33.67
N THR G 414 21.23 6.28 32.59
CA THR G 414 21.87 6.33 31.29
C THR G 414 22.17 7.80 30.96
N ILE G 415 21.14 8.62 30.84
CA ILE G 415 21.28 10.02 30.40
C ILE G 415 22.07 10.90 31.37
N GLY G 416 22.07 10.57 32.66
CA GLY G 416 22.79 11.33 33.66
C GLY G 416 24.29 11.09 33.65
N HIS G 417 24.80 10.19 32.81
CA HIS G 417 26.22 9.89 32.72
C HIS G 417 27.03 11.06 32.19
N PRO G 418 28.14 11.49 32.83
CA PRO G 418 28.89 12.69 32.45
C PRO G 418 29.50 12.69 31.05
N ASP G 419 29.95 11.52 30.61
CA ASP G 419 30.54 11.38 29.28
C ASP G 419 29.54 11.18 28.14
N GLY G 420 28.24 11.39 28.34
CA GLY G 420 27.28 11.20 27.26
C GLY G 420 26.41 9.98 27.43
N ILE G 421 25.35 10.01 26.62
CA ILE G 421 24.30 9.01 26.60
C ILE G 421 24.82 7.66 26.09
N GLN G 422 25.61 7.62 25.01
CA GLN G 422 26.15 6.36 24.51
C GLN G 422 26.96 5.66 25.59
N ALA G 423 27.81 6.43 26.26
CA ALA G 423 28.61 5.93 27.37
C ALA G 423 27.76 5.39 28.52
N GLY G 424 26.63 6.02 28.80
CA GLY G 424 25.72 5.58 29.84
C GLY G 424 25.13 4.21 29.51
N ALA G 425 24.70 4.09 28.26
CA ALA G 425 24.12 2.87 27.75
C ALA G 425 25.12 1.72 27.78
N THR G 426 26.35 1.94 27.31
CA THR G 426 27.40 0.94 27.33
C THR G 426 27.67 0.46 28.74
N ALA G 427 27.79 1.39 29.70
CA ALA G 427 28.04 1.06 31.08
C ALA G 427 27.03 0.06 31.64
N ASN G 428 25.77 0.34 31.35
CA ASN G 428 24.68 -0.53 31.80
C ASN G 428 24.72 -1.89 31.11
N ARG G 429 24.96 -1.92 29.80
CA ARG G 429 25.01 -3.15 29.04
C ARG G 429 26.16 -4.06 29.45
N VAL G 430 27.35 -3.50 29.63
CA VAL G 430 28.53 -4.26 30.03
C VAL G 430 28.30 -4.79 31.45
N ALA G 431 27.78 -3.96 32.35
CA ALA G 431 27.49 -4.38 33.71
C ALA G 431 26.54 -5.57 33.73
N LEU G 432 25.48 -5.53 32.91
CA LEU G 432 24.51 -6.61 32.86
C LEU G 432 25.15 -7.91 32.42
N GLU G 433 25.82 -7.87 31.27
CA GLU G 433 26.42 -9.06 30.70
C GLU G 433 27.47 -9.70 31.58
N ALA G 434 28.34 -8.89 32.18
CA ALA G 434 29.36 -9.39 33.10
C ALA G 434 28.70 -10.11 34.29
N MET G 435 27.60 -9.54 34.77
CA MET G 435 26.88 -10.10 35.90
C MET G 435 26.22 -11.43 35.55
N ILE G 436 25.50 -11.58 34.44
CA ILE G 436 24.88 -12.88 34.21
C ILE G 436 25.94 -13.88 33.73
N LEU G 437 27.08 -13.46 33.17
CA LEU G 437 28.17 -14.36 32.81
C LEU G 437 28.68 -14.99 34.11
N ALA G 438 28.91 -14.16 35.12
CA ALA G 438 29.35 -14.61 36.43
C ALA G 438 28.33 -15.53 37.07
N ARG G 439 27.03 -15.19 37.01
CA ARG G 439 25.96 -16.04 37.51
C ARG G 439 26.04 -17.42 36.86
N ASN G 440 26.13 -17.46 35.53
CA ASN G 440 26.20 -18.71 34.78
C ASN G 440 27.43 -19.52 35.11
N GLU G 441 28.52 -18.87 35.52
CA GLU G 441 29.72 -19.57 35.97
C GLU G 441 29.63 -20.09 37.40
N ASN G 442 28.46 -19.97 38.05
CA ASN G 442 28.17 -20.42 39.41
C ASN G 442 28.95 -19.71 40.49
N ARG G 443 29.24 -18.44 40.24
CA ARG G 443 29.91 -17.60 41.22
C ARG G 443 28.84 -16.99 42.11
N ASP G 444 29.13 -16.75 43.39
CA ASP G 444 28.17 -16.12 44.29
C ASP G 444 28.17 -14.63 43.94
N TYR G 445 27.46 -14.28 42.87
CA TYR G 445 27.41 -12.93 42.35
C TYR G 445 26.81 -11.92 43.32
N LEU G 446 26.00 -12.32 44.31
CA LEU G 446 25.44 -11.36 45.25
C LEU G 446 26.56 -10.73 46.06
N THR G 447 27.38 -11.59 46.67
CA THR G 447 28.52 -11.19 47.48
C THR G 447 29.66 -10.65 46.63
N GLU G 448 30.07 -11.36 45.58
CA GLU G 448 31.17 -10.92 44.74
C GLU G 448 30.84 -9.79 43.78
N GLY G 449 29.55 -9.43 43.67
CA GLY G 449 29.04 -8.39 42.78
C GLY G 449 29.86 -7.12 42.64
N PRO G 450 30.16 -6.34 43.70
CA PRO G 450 31.01 -5.17 43.63
C PRO G 450 32.34 -5.45 42.94
N GLU G 451 32.93 -6.62 43.20
CA GLU G 451 34.19 -6.99 42.58
C GLU G 451 34.01 -7.38 41.12
N ILE G 452 32.92 -8.05 40.74
CA ILE G 452 32.66 -8.40 39.34
C ILE G 452 32.57 -7.11 38.53
N LEU G 453 31.82 -6.15 39.04
CA LEU G 453 31.65 -4.85 38.39
C LEU G 453 32.97 -4.11 38.29
N ARG G 454 33.76 -4.09 39.37
CA ARG G 454 35.05 -3.44 39.42
C ARG G 454 36.01 -4.05 38.40
N GLU G 455 35.96 -5.37 38.26
CA GLU G 455 36.80 -6.08 37.31
C GLU G 455 36.42 -5.71 35.88
N ALA G 456 35.12 -5.69 35.56
CA ALA G 456 34.66 -5.30 34.23
C ALA G 456 34.96 -3.82 33.93
N ALA G 457 34.90 -2.98 34.97
CA ALA G 457 35.20 -1.56 34.86
C ALA G 457 36.63 -1.28 34.44
N LYS G 458 37.59 -2.16 34.76
CA LYS G 458 38.97 -2.00 34.33
C LYS G 458 39.10 -1.96 32.81
N THR G 459 38.26 -2.68 32.08
CA THR G 459 38.29 -2.68 30.63
C THR G 459 37.32 -1.63 30.07
N CYS G 460 36.32 -1.18 30.83
CA CYS G 460 35.32 -0.27 30.31
C CYS G 460 35.19 0.98 31.16
N GLY G 461 35.91 2.01 30.71
CA GLY G 461 35.96 3.32 31.36
C GLY G 461 34.58 3.90 31.66
N ALA G 462 33.63 3.72 30.75
CA ALA G 462 32.28 4.23 30.92
C ALA G 462 31.61 3.66 32.17
N LEU G 463 31.83 2.37 32.45
CA LEU G 463 31.29 1.72 33.62
C LEU G 463 32.02 2.20 34.86
N ARG G 464 33.34 2.38 34.80
CA ARG G 464 34.13 2.87 35.93
C ARG G 464 33.56 4.19 36.43
N THR G 465 33.38 5.14 35.51
CA THR G 465 32.80 6.43 35.82
C THR G 465 31.38 6.31 36.39
N ALA G 466 30.56 5.38 35.90
CA ALA G 466 29.20 5.19 36.39
C ALA G 466 29.19 4.67 37.83
N LEU G 467 30.10 3.74 38.11
CA LEU G 467 30.24 3.19 39.45
C LEU G 467 30.69 4.25 40.41
N ASP G 468 31.67 5.09 40.03
CA ASP G 468 32.12 6.16 40.90
C ASP G 468 31.03 7.17 41.16
N LEU G 469 30.35 7.63 40.12
CA LEU G 469 29.30 8.63 40.23
C LEU G 469 28.18 8.27 41.19
N TRP G 470 27.60 7.09 41.01
CA TRP G 470 26.45 6.74 41.82
C TRP G 470 26.73 5.75 42.95
N LYS G 471 28.01 5.60 43.30
CA LYS G 471 28.51 4.68 44.32
C LYS G 471 27.70 4.59 45.61
N ASP G 472 27.41 5.73 46.21
CA ASP G 472 26.72 5.76 47.49
C ASP G 472 25.21 5.94 47.40
N ILE G 473 24.63 5.88 46.21
CA ILE G 473 23.20 6.14 46.08
C ILE G 473 22.45 4.85 46.35
N THR G 474 21.66 4.97 47.41
CA THR G 474 20.86 3.91 47.97
C THR G 474 19.51 4.52 48.32
N PHE G 475 18.44 3.73 48.43
CA PHE G 475 17.12 4.22 48.78
C PHE G 475 16.56 3.42 49.96
N ASN G 476 17.19 3.56 51.13
CA ASN G 476 16.77 2.83 52.31
C ASN G 476 15.57 3.47 53.00
N TYR G 477 14.36 3.00 52.72
CA TYR G 477 13.16 3.50 53.38
C TYR G 477 12.28 2.32 53.78
N THR G 478 11.45 2.51 54.79
CA THR G 478 10.56 1.46 55.29
C THR G 478 9.42 1.23 54.30
N SER G 479 9.24 -0.03 53.92
CA SER G 479 8.18 -0.41 53.00
C SER G 479 6.82 -0.32 53.68
N THR G 480 5.83 0.18 52.96
CA THR G 480 4.46 0.26 53.45
C THR G 480 3.71 -1.06 53.20
N ASP G 481 3.84 -1.60 51.99
CA ASP G 481 3.18 -2.85 51.63
C ASP G 481 4.11 -4.02 51.94
N THR G 482 3.86 -4.59 53.11
CA THR G 482 4.68 -5.64 53.69
C THR G 482 3.90 -6.94 53.91
N SER G 483 4.60 -8.06 54.10
CA SER G 483 4.00 -9.34 54.41
C SER G 483 3.50 -9.35 55.85
N ASP G 484 2.49 -10.18 56.10
CA ASP G 484 1.95 -10.35 57.44
C ASP G 484 2.48 -11.62 58.09
N PHE G 485 3.34 -12.39 57.42
CA PHE G 485 3.78 -13.68 57.91
C PHE G 485 5.30 -13.80 57.88
N VAL G 486 5.98 -12.92 58.61
CA VAL G 486 7.44 -12.88 58.66
C VAL G 486 7.95 -12.81 60.09
N VAL H 1 32.05 -2.88 12.23
CA VAL H 1 31.25 -2.72 13.44
C VAL H 1 31.59 -4.00 14.23
N ARG H 2 31.01 -4.22 15.41
CA ARG H 2 31.09 -5.45 16.16
C ARG H 2 29.60 -5.72 16.23
N ILE H 3 29.17 -6.89 15.75
CA ILE H 3 27.78 -7.29 15.77
C ILE H 3 27.45 -7.64 17.21
N THR H 4 26.48 -6.96 17.82
CA THR H 4 26.18 -7.28 19.20
C THR H 4 24.94 -8.14 19.45
N GLN H 5 24.70 -9.04 18.48
CA GLN H 5 23.69 -10.09 18.61
C GLN H 5 24.32 -11.10 19.56
N GLY H 6 23.56 -11.81 20.38
CA GLY H 6 24.16 -12.78 21.27
C GLY H 6 24.19 -12.24 22.69
N THR H 7 24.15 -13.17 23.63
CA THR H 7 24.03 -12.84 25.04
C THR H 7 25.28 -12.13 25.61
N PHE H 8 26.50 -12.38 25.11
CA PHE H 8 27.68 -11.84 25.75
C PHE H 8 28.55 -11.01 24.82
N SER H 9 27.99 -10.41 23.77
CA SER H 9 28.79 -9.72 22.77
C SER H 9 29.32 -8.34 23.12
N PHE H 10 28.96 -7.75 24.27
CA PHE H 10 29.63 -6.53 24.73
C PHE H 10 30.85 -6.88 25.57
N LEU H 11 31.04 -8.16 25.86
CA LEU H 11 32.20 -8.62 26.58
C LEU H 11 33.22 -9.06 25.54
N PRO H 12 34.52 -9.23 25.85
CA PRO H 12 35.48 -9.87 24.96
C PRO H 12 35.04 -11.25 24.50
N ASP H 13 35.56 -11.65 23.33
CA ASP H 13 35.28 -12.97 22.79
C ASP H 13 35.77 -14.02 23.79
N LEU H 14 34.82 -14.87 24.17
CA LEU H 14 35.04 -15.91 25.16
C LEU H 14 36.11 -16.93 24.78
N THR H 15 36.95 -17.22 25.75
CA THR H 15 37.96 -18.25 25.60
C THR H 15 37.28 -19.61 25.74
N ASP H 16 37.87 -20.68 25.19
CA ASP H 16 37.35 -22.03 25.37
C ASP H 16 37.07 -22.40 26.82
N GLU H 17 37.85 -21.84 27.75
CA GLU H 17 37.66 -22.04 29.17
C GLU H 17 36.30 -21.45 29.58
N GLN H 18 36.02 -20.23 29.13
CA GLN H 18 34.76 -19.57 29.42
C GLN H 18 33.59 -20.27 28.75
N ILE H 19 33.76 -20.73 27.51
CA ILE H 19 32.72 -21.43 26.78
C ILE H 19 32.37 -22.72 27.52
N LYS H 20 33.36 -23.48 27.99
CA LYS H 20 33.18 -24.72 28.73
C LYS H 20 32.27 -24.46 29.94
N LYS H 21 32.53 -23.39 30.70
CA LYS H 21 31.69 -23.07 31.85
C LYS H 21 30.26 -22.75 31.46
N GLN H 22 30.04 -22.13 30.29
CA GLN H 22 28.70 -21.86 29.81
C GLN H 22 28.01 -23.16 29.40
N ILE H 23 28.74 -24.10 28.81
CA ILE H 23 28.17 -25.38 28.45
C ILE H 23 27.78 -26.12 29.72
N ASP H 24 28.56 -26.04 30.81
CA ASP H 24 28.17 -26.65 32.09
C ASP H 24 26.83 -26.09 32.57
N TYR H 25 26.62 -24.78 32.40
CA TYR H 25 25.37 -24.13 32.76
C TYR H 25 24.25 -24.75 31.93
N MET H 26 24.42 -24.86 30.61
CA MET H 26 23.40 -25.47 29.76
C MET H 26 23.09 -26.91 30.15
N ILE H 27 24.10 -27.70 30.51
CA ILE H 27 23.93 -29.07 30.94
C ILE H 27 23.17 -29.14 32.25
N SER H 28 23.44 -28.24 33.22
CA SER H 28 22.71 -28.28 34.49
C SER H 28 21.23 -27.93 34.33
N LYS H 29 20.91 -27.18 33.28
CA LYS H 29 19.53 -26.86 32.97
C LYS H 29 18.91 -27.81 31.95
N LYS H 30 19.56 -28.93 31.63
CA LYS H 30 19.09 -29.96 30.70
C LYS H 30 18.63 -29.44 29.33
N LEU H 31 19.44 -28.55 28.80
CA LEU H 31 19.13 -27.95 27.51
C LEU H 31 19.71 -28.77 26.37
N ALA H 32 19.00 -28.72 25.25
CA ALA H 32 19.47 -29.29 24.00
C ALA H 32 20.42 -28.24 23.45
N ILE H 33 21.59 -28.62 22.97
CA ILE H 33 22.58 -27.65 22.54
C ILE H 33 22.76 -27.71 21.03
N GLY H 34 22.65 -26.57 20.35
CA GLY H 34 22.76 -26.50 18.90
C GLY H 34 23.85 -25.52 18.52
N ILE H 35 24.48 -25.75 17.38
CA ILE H 35 25.56 -24.91 16.88
C ILE H 35 25.07 -24.45 15.53
N GLU H 36 25.02 -23.14 15.28
CA GLU H 36 24.52 -22.58 14.04
C GLU H 36 25.52 -21.58 13.47
N TYR H 37 25.51 -21.35 12.15
CA TYR H 37 26.44 -20.43 11.52
C TYR H 37 25.86 -19.67 10.32
N THR H 38 26.37 -18.48 9.97
CA THR H 38 25.97 -17.75 8.76
C THR H 38 26.99 -16.69 8.40
N ASN H 39 26.90 -16.23 7.16
CA ASN H 39 27.64 -15.08 6.71
C ASN H 39 26.65 -14.01 6.21
N ASP H 40 25.43 -14.05 6.74
CA ASP H 40 24.42 -13.02 6.52
C ASP H 40 23.93 -12.69 7.94
N ILE H 41 24.57 -11.77 8.65
CA ILE H 41 24.16 -11.43 10.01
C ILE H 41 23.11 -10.33 10.05
N HIS H 42 22.07 -10.42 9.22
CA HIS H 42 21.02 -9.41 9.27
C HIS H 42 20.29 -9.72 10.58
N PRO H 43 19.93 -8.78 11.45
CA PRO H 43 19.19 -9.04 12.69
C PRO H 43 17.95 -9.93 12.51
N ARG H 44 17.23 -9.71 11.41
CA ARG H 44 16.03 -10.48 11.10
C ARG H 44 16.33 -11.81 10.41
N ASN H 45 17.60 -12.25 10.27
CA ASN H 45 17.87 -13.52 9.62
C ASN H 45 17.69 -14.56 10.72
N ALA H 46 16.44 -14.97 10.82
CA ALA H 46 16.04 -15.92 11.84
C ALA H 46 16.62 -17.32 11.71
N TYR H 47 17.02 -17.77 10.51
CA TYR H 47 17.47 -19.13 10.37
C TYR H 47 18.88 -19.20 9.82
N TRP H 48 19.79 -19.35 10.78
CA TRP H 48 21.19 -19.57 10.48
C TRP H 48 21.30 -21.04 10.10
N GLU H 49 22.39 -21.47 9.45
CA GLU H 49 22.55 -22.87 9.08
C GLU H 49 22.88 -23.72 10.30
N ILE H 50 22.28 -24.89 10.44
CA ILE H 50 22.55 -25.75 11.57
C ILE H 50 23.78 -26.59 11.24
N TRP H 51 24.68 -26.72 12.21
CA TRP H 51 25.83 -27.57 12.09
C TRP H 51 25.37 -28.88 12.72
N GLY H 52 24.92 -29.76 11.83
CA GLY H 52 24.47 -31.09 12.22
C GLY H 52 23.10 -31.05 12.88
N LEU H 53 22.97 -31.85 13.92
CA LEU H 53 21.70 -32.02 14.61
C LEU H 53 22.00 -31.61 16.03
N PRO H 54 21.11 -30.91 16.75
CA PRO H 54 21.28 -30.54 18.15
C PRO H 54 21.59 -31.73 19.05
N LEU H 55 22.58 -31.52 19.90
CA LEU H 55 23.03 -32.53 20.84
C LEU H 55 22.01 -32.51 21.97
N PHE H 56 21.27 -33.61 22.13
CA PHE H 56 20.23 -33.64 23.13
C PHE H 56 20.57 -34.02 24.56
N ASP H 57 21.03 -35.22 24.90
CA ASP H 57 21.34 -35.48 26.30
C ASP H 57 22.85 -35.41 26.37
N VAL H 58 23.36 -34.27 26.82
CA VAL H 58 24.79 -34.08 26.88
C VAL H 58 25.20 -34.21 28.34
N THR H 59 26.19 -35.06 28.60
CA THR H 59 26.73 -35.20 29.95
C THR H 59 28.11 -34.57 30.02
N ASP H 60 28.90 -34.67 28.95
CA ASP H 60 30.27 -34.19 28.95
C ASP H 60 30.41 -32.93 28.10
N PRO H 61 30.76 -31.77 28.67
CA PRO H 61 31.02 -30.53 27.94
C PRO H 61 32.02 -30.64 26.79
N ALA H 62 33.01 -31.53 26.91
CA ALA H 62 34.02 -31.71 25.87
C ALA H 62 33.44 -32.13 24.52
N ALA H 63 32.31 -32.83 24.50
CA ALA H 63 31.67 -33.25 23.25
C ALA H 63 31.21 -32.03 22.46
N VAL H 64 30.63 -31.07 23.19
CA VAL H 64 30.14 -29.84 22.59
C VAL H 64 31.34 -29.02 22.15
N LEU H 65 32.39 -28.89 22.98
CA LEU H 65 33.59 -28.15 22.59
C LEU H 65 34.18 -28.68 21.29
N PHE H 66 34.21 -30.01 21.16
CA PHE H 66 34.72 -30.68 19.98
C PHE H 66 33.94 -30.22 18.75
N GLU H 67 32.62 -30.21 18.83
CA GLU H 67 31.82 -29.78 17.70
C GLU H 67 31.94 -28.30 17.39
N ILE H 68 32.10 -27.45 18.40
CA ILE H 68 32.30 -26.01 18.20
C ILE H 68 33.61 -25.84 17.44
N ASN H 69 34.66 -26.52 17.88
CA ASN H 69 35.96 -26.41 17.22
C ASN H 69 35.94 -27.01 15.83
N ALA H 70 35.18 -28.07 15.59
CA ALA H 70 35.03 -28.66 14.26
C ALA H 70 34.34 -27.67 13.33
N CYS H 71 33.29 -27.00 13.82
CA CYS H 71 32.58 -25.99 13.05
C CYS H 71 33.53 -24.85 12.74
N ARG H 72 34.26 -24.32 13.73
CA ARG H 72 35.24 -23.26 13.53
C ARG H 72 36.30 -23.61 12.49
N LYS H 73 36.72 -24.87 12.46
CA LYS H 73 37.71 -25.32 11.51
C LYS H 73 37.09 -25.33 10.11
N ALA H 74 35.85 -25.80 9.95
CA ALA H 74 35.23 -25.86 8.64
C ALA H 74 34.62 -24.56 8.15
N ARG H 75 34.25 -23.64 9.07
CA ARG H 75 33.59 -22.40 8.73
C ARG H 75 34.32 -21.25 9.43
N SER H 76 35.59 -21.02 9.14
CA SER H 76 36.38 -20.01 9.83
C SER H 76 35.94 -18.56 9.66
N ASN H 77 35.39 -18.21 8.51
CA ASN H 77 35.00 -16.84 8.23
C ASN H 77 33.48 -16.73 8.21
N PHE H 78 32.90 -17.29 9.26
CA PHE H 78 31.45 -17.30 9.44
C PHE H 78 31.19 -16.87 10.87
N TYR H 79 29.97 -16.46 11.13
CA TYR H 79 29.53 -16.18 12.47
C TYR H 79 29.04 -17.51 12.99
N ILE H 80 29.46 -17.95 14.16
CA ILE H 80 28.98 -19.21 14.70
C ILE H 80 28.42 -18.88 16.08
N LYS H 81 27.29 -19.47 16.45
CA LYS H 81 26.69 -19.22 17.74
C LYS H 81 26.27 -20.56 18.35
N VAL H 82 26.19 -20.62 19.68
CA VAL H 82 25.75 -21.80 20.40
C VAL H 82 24.39 -21.41 20.96
N VAL H 83 23.42 -22.30 20.81
CA VAL H 83 22.03 -22.10 21.19
C VAL H 83 21.68 -23.18 22.21
N GLY H 84 20.93 -22.82 23.23
CA GLY H 84 20.46 -23.78 24.22
C GLY H 84 18.94 -23.72 24.25
N PHE H 85 18.28 -24.84 24.01
CA PHE H 85 16.83 -24.92 23.93
C PHE H 85 16.25 -25.67 25.13
N SER H 86 15.11 -25.23 25.67
CA SER H 86 14.46 -25.89 26.78
C SER H 86 13.10 -26.37 26.28
N SER H 87 12.84 -27.67 26.42
CA SER H 87 11.58 -28.26 26.03
C SER H 87 10.48 -28.14 27.09
N VAL H 88 10.74 -27.45 28.21
CA VAL H 88 9.77 -27.31 29.29
C VAL H 88 8.55 -26.54 28.79
N ARG H 89 7.36 -27.04 29.15
CA ARG H 89 6.07 -26.54 28.69
C ARG H 89 5.85 -25.03 28.59
N GLY H 90 6.16 -24.22 29.60
CA GLY H 90 5.93 -22.79 29.45
C GLY H 90 6.91 -22.09 28.51
N ILE H 91 8.05 -22.74 28.22
CA ILE H 91 9.13 -22.16 27.47
C ILE H 91 9.15 -22.64 26.02
N GLU H 92 9.56 -23.89 25.76
CA GLU H 92 9.73 -24.46 24.43
C GLU H 92 10.40 -23.51 23.44
N SER H 93 11.56 -22.99 23.85
CA SER H 93 12.27 -22.00 23.09
C SER H 93 13.74 -22.00 23.51
N THR H 94 14.49 -21.12 22.85
CA THR H 94 15.90 -20.88 23.12
C THR H 94 15.99 -20.07 24.42
N ILE H 95 16.84 -20.43 25.39
CA ILE H 95 17.01 -19.57 26.54
C ILE H 95 18.42 -19.00 26.62
N ILE H 96 19.34 -19.31 25.71
CA ILE H 96 20.67 -18.68 25.67
C ILE H 96 21.17 -18.82 24.23
N SER H 97 21.86 -17.81 23.70
CA SER H 97 22.39 -17.82 22.35
C SER H 97 23.58 -16.86 22.38
N PHE H 98 24.79 -17.33 22.11
CA PHE H 98 25.97 -16.46 22.16
C PHE H 98 26.95 -16.83 21.06
N ILE H 99 27.65 -15.82 20.57
CA ILE H 99 28.59 -15.95 19.46
C ILE H 99 29.89 -16.57 19.96
N VAL H 100 30.33 -17.61 19.26
CA VAL H 100 31.60 -18.24 19.55
C VAL H 100 32.59 -18.08 18.41
N ASN H 101 32.27 -17.41 17.30
CA ASN H 101 33.25 -17.19 16.23
C ASN H 101 32.74 -16.05 15.37
N ARG H 102 33.67 -15.17 15.01
CA ARG H 102 33.41 -13.98 14.23
C ARG H 102 34.49 -13.95 13.16
N PRO H 103 34.21 -13.55 11.92
CA PRO H 103 35.22 -13.23 10.92
C PRO H 103 36.14 -12.09 11.36
N LYS H 104 37.31 -12.03 10.73
CA LYS H 104 38.32 -11.05 11.08
C LYS H 104 37.90 -9.59 10.95
N HIS H 105 36.99 -9.24 10.03
CA HIS H 105 36.55 -7.87 9.90
C HIS H 105 35.11 -7.82 9.44
N GLU H 106 34.29 -7.08 10.20
CA GLU H 106 32.89 -6.88 9.87
C GLU H 106 32.63 -5.49 9.28
N PRO H 107 32.27 -5.36 7.99
CA PRO H 107 31.92 -4.10 7.33
C PRO H 107 30.75 -3.31 7.91
N GLY H 108 29.67 -3.99 8.26
CA GLY H 108 28.51 -3.31 8.80
C GLY H 108 27.33 -3.39 7.85
N PHE H 109 26.41 -2.43 7.96
CA PHE H 109 25.15 -2.45 7.21
C PHE H 109 24.89 -1.16 6.46
N ASN H 110 24.18 -1.31 5.37
CA ASN H 110 23.74 -0.22 4.54
C ASN H 110 22.31 0.06 4.96
N LEU H 111 21.91 1.33 4.97
CA LEU H 111 20.55 1.73 5.31
C LEU H 111 19.98 2.44 4.10
N MET H 112 18.91 1.88 3.58
CA MET H 112 18.20 2.39 2.42
C MET H 112 16.98 3.12 2.96
N ARG H 113 16.73 4.32 2.46
CA ARG H 113 15.59 5.14 2.85
C ARG H 113 14.74 5.45 1.62
N GLN H 114 13.65 4.69 1.42
CA GLN H 114 12.74 4.91 0.29
C GLN H 114 11.65 5.86 0.77
N GLU H 115 11.43 6.94 0.03
CA GLU H 115 10.44 7.92 0.39
C GLU H 115 9.07 7.40 -0.01
N ASP H 116 8.16 7.43 0.94
CA ASP H 116 6.83 6.92 0.72
C ASP H 116 5.83 8.06 0.89
N LYS H 117 4.68 7.88 1.53
CA LYS H 117 3.69 8.93 1.67
C LYS H 117 4.19 9.99 2.64
N SER H 118 4.01 11.27 2.28
CA SER H 118 4.42 12.42 3.09
C SER H 118 5.86 12.31 3.62
N ARG H 119 6.14 12.16 4.92
CA ARG H 119 7.50 12.08 5.39
C ARG H 119 7.85 10.66 5.82
N SER H 120 6.99 9.70 5.52
CA SER H 120 7.20 8.31 5.87
C SER H 120 8.25 7.69 4.96
N ILE H 121 9.11 6.87 5.54
CA ILE H 121 10.18 6.19 4.84
C ILE H 121 10.02 4.70 5.08
N LYS H 122 10.35 3.88 4.09
CA LYS H 122 10.37 2.43 4.23
C LYS H 122 11.87 2.11 4.22
N TYR H 123 12.34 1.36 5.22
CA TYR H 123 13.77 1.12 5.40
C TYR H 123 14.20 -0.30 5.05
N THR H 124 15.38 -0.42 4.47
CA THR H 124 15.96 -1.71 4.16
C THR H 124 17.35 -1.67 4.79
N ILE H 125 17.65 -2.64 5.65
CA ILE H 125 18.98 -2.74 6.23
C ILE H 125 19.57 -3.92 5.48
N HIS H 126 20.79 -3.83 4.99
CA HIS H 126 21.38 -4.94 4.27
C HIS H 126 22.87 -4.97 4.59
N SER H 127 23.45 -6.10 5.01
CA SER H 127 24.89 -6.13 5.31
C SER H 127 25.67 -5.99 4.02
N TYR H 128 26.74 -5.20 4.11
CA TYR H 128 27.60 -4.95 2.96
C TYR H 128 28.19 -6.22 2.39
N GLU H 129 28.61 -7.16 3.23
CA GLU H 129 29.10 -8.44 2.73
C GLU H 129 28.05 -9.21 1.96
N SER H 130 26.75 -9.07 2.26
CA SER H 130 25.75 -9.80 1.50
C SER H 130 25.43 -9.16 0.16
N TYR H 131 26.29 -8.25 -0.33
CA TYR H 131 26.19 -7.79 -1.69
C TYR H 131 27.15 -8.64 -2.52
N LYS H 132 27.98 -9.46 -1.86
CA LYS H 132 28.89 -10.37 -2.50
C LYS H 132 28.21 -11.73 -2.43
N PRO H 133 28.39 -12.65 -3.39
CA PRO H 133 27.94 -14.03 -3.25
C PRO H 133 28.51 -14.73 -2.02
N GLU H 134 27.72 -15.65 -1.48
CA GLU H 134 28.00 -16.41 -0.29
C GLU H 134 29.42 -16.97 -0.16
N ASP H 135 29.93 -17.54 -1.24
CA ASP H 135 31.27 -18.11 -1.29
C ASP H 135 32.42 -17.10 -1.26
N GLU H 136 32.11 -15.82 -1.38
CA GLU H 136 33.10 -14.75 -1.45
C GLU H 136 33.02 -13.79 -0.27
N ARG H 137 32.27 -14.14 0.77
CA ARG H 137 32.09 -13.27 1.91
C ARG H 137 33.13 -13.55 2.99
N TYR H 138 33.70 -12.46 3.50
CA TYR H 138 34.64 -12.40 4.62
C TYR H 138 35.96 -13.11 4.30
#